data_3I3I
# 
_entry.id   3I3I 
# 
_audit_conform.dict_name       mmcif_pdbx.dic 
_audit_conform.dict_version    5.399 
_audit_conform.dict_location   http://mmcif.pdb.org/dictionaries/ascii/mmcif_pdbx.dic 
# 
loop_
_database_2.database_id 
_database_2.database_code 
_database_2.pdbx_database_accession 
_database_2.pdbx_DOI 
PDB   3I3I         pdb_00003i3i 10.2210/pdb3i3i/pdb 
RCSB  RCSB053917   ?            ?                   
WWPDB D_1000053917 ?            ?                   
# 
loop_
_pdbx_audit_revision_history.ordinal 
_pdbx_audit_revision_history.data_content_type 
_pdbx_audit_revision_history.major_revision 
_pdbx_audit_revision_history.minor_revision 
_pdbx_audit_revision_history.revision_date 
1 'Structure model' 1 0 2010-04-28 
2 'Structure model' 1 1 2011-07-13 
3 'Structure model' 1 2 2011-08-24 
4 'Structure model' 1 3 2011-11-30 
5 'Structure model' 1 4 2012-04-04 
6 'Structure model' 1 5 2023-09-06 
7 'Structure model' 1 6 2024-11-27 
# 
_pdbx_audit_revision_details.ordinal             1 
_pdbx_audit_revision_details.revision_ordinal    1 
_pdbx_audit_revision_details.data_content_type   'Structure model' 
_pdbx_audit_revision_details.provider            repository 
_pdbx_audit_revision_details.type                'Initial release' 
_pdbx_audit_revision_details.description         ? 
_pdbx_audit_revision_details.details             ? 
# 
loop_
_pdbx_audit_revision_group.ordinal 
_pdbx_audit_revision_group.revision_ordinal 
_pdbx_audit_revision_group.data_content_type 
_pdbx_audit_revision_group.group 
1 2 'Structure model' 'Version format compliance' 
2 3 'Structure model' 'Database references'       
3 4 'Structure model' 'Database references'       
4 5 'Structure model' 'Database references'       
5 6 'Structure model' 'Data collection'           
6 6 'Structure model' 'Database references'       
7 6 'Structure model' 'Refinement description'    
8 7 'Structure model' 'Structure summary'         
# 
loop_
_pdbx_audit_revision_category.ordinal 
_pdbx_audit_revision_category.revision_ordinal 
_pdbx_audit_revision_category.data_content_type 
_pdbx_audit_revision_category.category 
1 6 'Structure model' chem_comp_atom                
2 6 'Structure model' chem_comp_bond                
3 6 'Structure model' database_2                    
4 6 'Structure model' pdbx_initial_refinement_model 
5 7 'Structure model' pdbx_entry_details            
6 7 'Structure model' pdbx_modification_feature     
# 
loop_
_pdbx_audit_revision_item.ordinal 
_pdbx_audit_revision_item.revision_ordinal 
_pdbx_audit_revision_item.data_content_type 
_pdbx_audit_revision_item.item 
1 6 'Structure model' '_database_2.pdbx_DOI'                
2 6 'Structure model' '_database_2.pdbx_database_accession' 
# 
_pdbx_database_status.status_code                     REL 
_pdbx_database_status.entry_id                        3I3I 
_pdbx_database_status.recvd_initial_deposition_date   2009-06-30 
_pdbx_database_status.deposit_site                    RCSB 
_pdbx_database_status.process_site                    RCSB 
_pdbx_database_status.status_code_sf                  REL 
_pdbx_database_status.status_code_mr                  ? 
_pdbx_database_status.SG_entry                        ? 
_pdbx_database_status.status_code_cs                  ? 
_pdbx_database_status.pdb_format_compatible           Y 
_pdbx_database_status.status_code_nmr_data            ? 
_pdbx_database_status.methods_development_category    ? 
# 
loop_
_pdbx_database_related.db_name 
_pdbx_database_related.db_id 
_pdbx_database_related.details 
_pdbx_database_related.content_type 
PDB 2QOG 'Crotoxin B, the basic PLA2 from Crotallus durissus terrificus snake venom'                        unspecified 
PDB 2OQD 'BthTX-II, the basic Asp49-PLA2 from Bothrops jararacussu snake venom'                             unspecified 
PDB 2OK9 'PrTX-I-BPB, a Lys49-PLA2 complexed with p-bomophenacyl bromide from Bothrops pirajai snake venom' unspecified 
PDB 3I3H .                                                                                                  unspecified 
# 
loop_
_audit_author.name 
_audit_author.pdbx_ordinal 
'Salvador, G.H.M.'      1 
'Marchi-Salvador, D.P.' 2 
'Soares, A.M.'          3 
'Fontes, M.R.M.'        4 
# 
_citation.id                        primary 
_citation.title                     
;Comparison between apo and complexed structures of bothropstoxin-I reveals the role of Lys122 and Ca(2+)-binding loop region for the catalytically inactive Lys49-PLA(2)s.
;
_citation.journal_abbrev            J.Struct.Biol. 
_citation.journal_volume            171 
_citation.page_first                31 
_citation.page_last                 43 
_citation.year                      2010 
_citation.journal_id_ASTM           JSBIEM 
_citation.country                   US 
_citation.journal_id_ISSN           1047-8477 
_citation.journal_id_CSD            0803 
_citation.book_publisher            ? 
_citation.pdbx_database_id_PubMed   20371382 
_citation.pdbx_database_id_DOI      10.1016/j.jsb.2010.03.019 
# 
loop_
_citation_author.citation_id 
_citation_author.name 
_citation_author.ordinal 
_citation_author.identifier_ORCID 
primary 'Fernandes, C.A.'       1 ? 
primary 'Marchi-Salvador, D.P.' 2 ? 
primary 'Salvador, G.M.'        3 ? 
primary 'Silva, M.C.'           4 ? 
primary 'Costa, T.R.'           5 ? 
primary 'Soares, A.M.'          6 ? 
primary 'Fontes, M.R.'          7 ? 
# 
loop_
_entity.id 
_entity.type 
_entity.src_method 
_entity.pdbx_description 
_entity.formula_weight 
_entity.pdbx_number_of_molecules 
_entity.pdbx_ec 
_entity.pdbx_mutation 
_entity.pdbx_fragment 
_entity.details 
1 polymer nat 'Phospholipase A2 homolog bothropstoxin-1' 13753.136 1   ? ? ? ? 
2 water   nat water                                      18.015    260 ? ? ? ? 
# 
_entity_name_com.entity_id   1 
_entity_name_com.name        'Phospholipase A2 homolog 1, Bothropstoxin I, BthTX-I, BtxtxI, BOJU-I, Myotoxic phospholipase A2-like' 
# 
_entity_poly.entity_id                      1 
_entity_poly.type                           'polypeptide(L)' 
_entity_poly.nstd_linkage                   no 
_entity_poly.nstd_monomer                   no 
_entity_poly.pdbx_seq_one_letter_code       
;SLFELGKMILQETGKNPAKSYGAYGCNCGVLGRGKPKDATDRCCYVHKCCYKKLTGCDPKKDRYSYSWKDKTIVCGENNP
CLKELCECDKAVAICLRENLGTYNKKYRYHLKPFCKKADPC
;
_entity_poly.pdbx_seq_one_letter_code_can   
;SLFELGKMILQETGKNPAKSYGAYGCNCGVLGRGKPKDATDRCCYVHKCCYKKLTGCDPKKDRYSYSWKDKTIVCGENNP
CLKELCECDKAVAICLRENLGTYNKKYRYHLKPFCKKADPC
;
_entity_poly.pdbx_strand_id                 A 
_entity_poly.pdbx_target_identifier         ? 
# 
_pdbx_entity_nonpoly.entity_id   2 
_pdbx_entity_nonpoly.name        water 
_pdbx_entity_nonpoly.comp_id     HOH 
# 
loop_
_entity_poly_seq.entity_id 
_entity_poly_seq.num 
_entity_poly_seq.mon_id 
_entity_poly_seq.hetero 
1 1   SER n 
1 2   LEU n 
1 3   PHE n 
1 4   GLU n 
1 5   LEU n 
1 6   GLY n 
1 7   LYS n 
1 8   MET n 
1 9   ILE n 
1 10  LEU n 
1 11  GLN n 
1 12  GLU n 
1 13  THR n 
1 14  GLY n 
1 15  LYS n 
1 16  ASN n 
1 17  PRO n 
1 18  ALA n 
1 19  LYS n 
1 20  SER n 
1 21  TYR n 
1 22  GLY n 
1 23  ALA n 
1 24  TYR n 
1 25  GLY n 
1 26  CYS n 
1 27  ASN n 
1 28  CYS n 
1 29  GLY n 
1 30  VAL n 
1 31  LEU n 
1 32  GLY n 
1 33  ARG n 
1 34  GLY n 
1 35  LYS n 
1 36  PRO n 
1 37  LYS n 
1 38  ASP n 
1 39  ALA n 
1 40  THR n 
1 41  ASP n 
1 42  ARG n 
1 43  CYS n 
1 44  CYS n 
1 45  TYR n 
1 46  VAL n 
1 47  HIS n 
1 48  LYS n 
1 49  CYS n 
1 50  CYS n 
1 51  TYR n 
1 52  LYS n 
1 53  LYS n 
1 54  LEU n 
1 55  THR n 
1 56  GLY n 
1 57  CYS n 
1 58  ASP n 
1 59  PRO n 
1 60  LYS n 
1 61  LYS n 
1 62  ASP n 
1 63  ARG n 
1 64  TYR n 
1 65  SER n 
1 66  TYR n 
1 67  SER n 
1 68  TRP n 
1 69  LYS n 
1 70  ASP n 
1 71  LYS n 
1 72  THR n 
1 73  ILE n 
1 74  VAL n 
1 75  CYS n 
1 76  GLY n 
1 77  GLU n 
1 78  ASN n 
1 79  ASN n 
1 80  PRO n 
1 81  CYS n 
1 82  LEU n 
1 83  LYS n 
1 84  GLU n 
1 85  LEU n 
1 86  CYS n 
1 87  GLU n 
1 88  CYS n 
1 89  ASP n 
1 90  LYS n 
1 91  ALA n 
1 92  VAL n 
1 93  ALA n 
1 94  ILE n 
1 95  CYS n 
1 96  LEU n 
1 97  ARG n 
1 98  GLU n 
1 99  ASN n 
1 100 LEU n 
1 101 GLY n 
1 102 THR n 
1 103 TYR n 
1 104 ASN n 
1 105 LYS n 
1 106 LYS n 
1 107 TYR n 
1 108 ARG n 
1 109 TYR n 
1 110 HIS n 
1 111 LEU n 
1 112 LYS n 
1 113 PRO n 
1 114 PHE n 
1 115 CYS n 
1 116 LYS n 
1 117 LYS n 
1 118 ALA n 
1 119 ASP n 
1 120 PRO n 
1 121 CYS n 
# 
_entity_src_nat.entity_id                  1 
_entity_src_nat.pdbx_src_id                1 
_entity_src_nat.pdbx_alt_source_flag       sample 
_entity_src_nat.pdbx_beg_seq_num           ? 
_entity_src_nat.pdbx_end_seq_num           ? 
_entity_src_nat.common_name                Jararacussu 
_entity_src_nat.pdbx_organism_scientific   'Bothrops jararacussu' 
_entity_src_nat.pdbx_ncbi_taxonomy_id      8726 
_entity_src_nat.genus                      ? 
_entity_src_nat.species                    ? 
_entity_src_nat.strain                     ? 
_entity_src_nat.tissue                     ? 
_entity_src_nat.tissue_fraction            ? 
_entity_src_nat.pdbx_secretion             ? 
_entity_src_nat.pdbx_fragment              ? 
_entity_src_nat.pdbx_variant               ? 
_entity_src_nat.pdbx_cell_line             ? 
_entity_src_nat.pdbx_atcc                  ? 
_entity_src_nat.pdbx_cellular_location     ? 
_entity_src_nat.pdbx_organ                 ? 
_entity_src_nat.pdbx_organelle             ? 
_entity_src_nat.pdbx_cell                  ? 
_entity_src_nat.pdbx_plasmid_name          ? 
_entity_src_nat.pdbx_plasmid_details       ? 
_entity_src_nat.details                    'venom glands' 
# 
loop_
_chem_comp.id 
_chem_comp.type 
_chem_comp.mon_nstd_flag 
_chem_comp.name 
_chem_comp.pdbx_synonyms 
_chem_comp.formula 
_chem_comp.formula_weight 
ALA 'L-peptide linking' y ALANINE         ? 'C3 H7 N O2'     89.093  
ARG 'L-peptide linking' y ARGININE        ? 'C6 H15 N4 O2 1' 175.209 
ASN 'L-peptide linking' y ASPARAGINE      ? 'C4 H8 N2 O3'    132.118 
ASP 'L-peptide linking' y 'ASPARTIC ACID' ? 'C4 H7 N O4'     133.103 
CYS 'L-peptide linking' y CYSTEINE        ? 'C3 H7 N O2 S'   121.158 
GLN 'L-peptide linking' y GLUTAMINE       ? 'C5 H10 N2 O3'   146.144 
GLU 'L-peptide linking' y 'GLUTAMIC ACID' ? 'C5 H9 N O4'     147.129 
GLY 'peptide linking'   y GLYCINE         ? 'C2 H5 N O2'     75.067  
HIS 'L-peptide linking' y HISTIDINE       ? 'C6 H10 N3 O2 1' 156.162 
HOH non-polymer         . WATER           ? 'H2 O'           18.015  
ILE 'L-peptide linking' y ISOLEUCINE      ? 'C6 H13 N O2'    131.173 
LEU 'L-peptide linking' y LEUCINE         ? 'C6 H13 N O2'    131.173 
LYS 'L-peptide linking' y LYSINE          ? 'C6 H15 N2 O2 1' 147.195 
MET 'L-peptide linking' y METHIONINE      ? 'C5 H11 N O2 S'  149.211 
PHE 'L-peptide linking' y PHENYLALANINE   ? 'C9 H11 N O2'    165.189 
PRO 'L-peptide linking' y PROLINE         ? 'C5 H9 N O2'     115.130 
SER 'L-peptide linking' y SERINE          ? 'C3 H7 N O3'     105.093 
THR 'L-peptide linking' y THREONINE       ? 'C4 H9 N O3'     119.119 
TRP 'L-peptide linking' y TRYPTOPHAN      ? 'C11 H12 N2 O2'  204.225 
TYR 'L-peptide linking' y TYROSINE        ? 'C9 H11 N O3'    181.189 
VAL 'L-peptide linking' y VALINE          ? 'C5 H11 N O2'    117.146 
# 
loop_
_pdbx_poly_seq_scheme.asym_id 
_pdbx_poly_seq_scheme.entity_id 
_pdbx_poly_seq_scheme.seq_id 
_pdbx_poly_seq_scheme.mon_id 
_pdbx_poly_seq_scheme.ndb_seq_num 
_pdbx_poly_seq_scheme.pdb_seq_num 
_pdbx_poly_seq_scheme.auth_seq_num 
_pdbx_poly_seq_scheme.pdb_mon_id 
_pdbx_poly_seq_scheme.auth_mon_id 
_pdbx_poly_seq_scheme.pdb_strand_id 
_pdbx_poly_seq_scheme.pdb_ins_code 
_pdbx_poly_seq_scheme.hetero 
A 1 1   SER 1   1   1   SER SER A . n 
A 1 2   LEU 2   2   2   LEU LEU A . n 
A 1 3   PHE 3   3   3   PHE PHE A . n 
A 1 4   GLU 4   4   4   GLU GLU A . n 
A 1 5   LEU 5   5   5   LEU LEU A . n 
A 1 6   GLY 6   6   6   GLY GLY A . n 
A 1 7   LYS 7   7   7   LYS LYS A . n 
A 1 8   MET 8   8   8   MET MET A . n 
A 1 9   ILE 9   9   9   ILE ILE A . n 
A 1 10  LEU 10  10  10  LEU LEU A . n 
A 1 11  GLN 11  11  11  GLN GLN A . n 
A 1 12  GLU 12  12  12  GLU GLU A . n 
A 1 13  THR 13  13  13  THR THR A . n 
A 1 14  GLY 14  15  15  GLY GLY A . n 
A 1 15  LYS 15  16  16  LYS LYS A . n 
A 1 16  ASN 16  17  17  ASN ASN A . n 
A 1 17  PRO 17  18  18  PRO PRO A . n 
A 1 18  ALA 18  19  19  ALA ALA A . n 
A 1 19  LYS 19  20  20  LYS LYS A . n 
A 1 20  SER 20  21  21  SER SER A . n 
A 1 21  TYR 21  22  22  TYR TYR A . n 
A 1 22  GLY 22  23  23  GLY GLY A . n 
A 1 23  ALA 23  24  24  ALA ALA A . n 
A 1 24  TYR 24  25  25  TYR TYR A . n 
A 1 25  GLY 25  26  26  GLY GLY A . n 
A 1 26  CYS 26  27  27  CYS CYS A . n 
A 1 27  ASN 27  28  28  ASN ASN A . n 
A 1 28  CYS 28  29  29  CYS CYS A . n 
A 1 29  GLY 29  30  30  GLY GLY A . n 
A 1 30  VAL 30  31  31  VAL VAL A . n 
A 1 31  LEU 31  32  32  LEU LEU A . n 
A 1 32  GLY 32  33  33  GLY GLY A . n 
A 1 33  ARG 33  34  34  ARG ARG A . n 
A 1 34  GLY 34  35  35  GLY GLY A . n 
A 1 35  LYS 35  36  36  LYS LYS A . n 
A 1 36  PRO 36  37  37  PRO PRO A . n 
A 1 37  LYS 37  38  38  LYS LYS A . n 
A 1 38  ASP 38  39  39  ASP ASP A . n 
A 1 39  ALA 39  40  40  ALA ALA A . n 
A 1 40  THR 40  41  41  THR THR A . n 
A 1 41  ASP 41  42  42  ASP ASP A . n 
A 1 42  ARG 42  43  43  ARG ARG A . n 
A 1 43  CYS 43  44  44  CYS CYS A . n 
A 1 44  CYS 44  45  45  CYS CYS A . n 
A 1 45  TYR 45  46  46  TYR TYR A . n 
A 1 46  VAL 46  47  47  VAL VAL A . n 
A 1 47  HIS 47  48  48  HIS HIS A . n 
A 1 48  LYS 48  49  49  LYS LYS A . n 
A 1 49  CYS 49  50  50  CYS CYS A . n 
A 1 50  CYS 50  51  51  CYS CYS A . n 
A 1 51  TYR 51  52  52  TYR TYR A . n 
A 1 52  LYS 52  53  53  LYS LYS A . n 
A 1 53  LYS 53  57  57  LYS LYS A . n 
A 1 54  LEU 54  58  58  LEU LEU A . n 
A 1 55  THR 55  59  59  THR THR A . n 
A 1 56  GLY 56  60  60  GLY GLY A . n 
A 1 57  CYS 57  61  61  CYS CYS A . n 
A 1 58  ASP 58  67  67  ASP ASP A . n 
A 1 59  PRO 59  68  68  PRO PRO A . n 
A 1 60  LYS 60  69  69  LYS LYS A . n 
A 1 61  LYS 61  70  70  LYS LYS A . n 
A 1 62  ASP 62  71  71  ASP ASP A . n 
A 1 63  ARG 63  72  72  ARG ARG A . n 
A 1 64  TYR 64  73  73  TYR TYR A . n 
A 1 65  SER 65  74  74  SER SER A . n 
A 1 66  TYR 66  75  75  TYR TYR A . n 
A 1 67  SER 67  76  76  SER SER A . n 
A 1 68  TRP 68  77  77  TRP TRP A . n 
A 1 69  LYS 69  78  78  LYS LYS A . n 
A 1 70  ASP 70  79  79  ASP ASP A . n 
A 1 71  LYS 71  80  80  LYS LYS A . n 
A 1 72  THR 72  81  81  THR THR A . n 
A 1 73  ILE 73  82  82  ILE ILE A . n 
A 1 74  VAL 74  83  83  VAL VAL A . n 
A 1 75  CYS 75  84  84  CYS CYS A . n 
A 1 76  GLY 76  85  85  GLY GLY A . n 
A 1 77  GLU 77  86  86  GLU GLU A . n 
A 1 78  ASN 78  87  87  ASN ASN A . n 
A 1 79  ASN 79  88  88  ASN ASN A . n 
A 1 80  PRO 80  90  90  PRO PRO A . n 
A 1 81  CYS 81  91  91  CYS CYS A . n 
A 1 82  LEU 82  92  92  LEU LEU A . n 
A 1 83  LYS 83  93  93  LYS LYS A . n 
A 1 84  GLU 84  94  94  GLU GLU A . n 
A 1 85  LEU 85  95  95  LEU LEU A . n 
A 1 86  CYS 86  96  96  CYS CYS A . n 
A 1 87  GLU 87  97  97  GLU GLU A . n 
A 1 88  CYS 88  98  98  CYS CYS A . n 
A 1 89  ASP 89  99  99  ASP ASP A . n 
A 1 90  LYS 90  100 100 LYS LYS A . n 
A 1 91  ALA 91  101 101 ALA ALA A . n 
A 1 92  VAL 92  102 102 VAL VAL A . n 
A 1 93  ALA 93  103 103 ALA ALA A . n 
A 1 94  ILE 94  104 104 ILE ILE A . n 
A 1 95  CYS 95  105 105 CYS CYS A . n 
A 1 96  LEU 96  106 106 LEU LEU A . n 
A 1 97  ARG 97  107 107 ARG ARG A . n 
A 1 98  GLU 98  108 108 GLU GLU A . n 
A 1 99  ASN 99  109 109 ASN ASN A . n 
A 1 100 LEU 100 110 110 LEU LEU A . n 
A 1 101 GLY 101 111 111 GLY GLY A . n 
A 1 102 THR 102 112 112 THR THR A . n 
A 1 103 TYR 103 113 113 TYR TYR A . n 
A 1 104 ASN 104 114 114 ASN ASN A . n 
A 1 105 LYS 105 115 115 LYS LYS A . n 
A 1 106 LYS 106 116 116 LYS LYS A . n 
A 1 107 TYR 107 117 117 TYR TYR A . n 
A 1 108 ARG 108 118 118 ARG ARG A . n 
A 1 109 TYR 109 119 119 TYR TYR A . n 
A 1 110 HIS 110 120 120 HIS HIS A . n 
A 1 111 LEU 111 121 121 LEU LEU A . n 
A 1 112 LYS 112 122 122 LYS LYS A . n 
A 1 113 PRO 113 123 123 PRO PRO A . n 
A 1 114 PHE 114 125 125 PHE PHE A . n 
A 1 115 CYS 115 126 126 CYS CYS A . n 
A 1 116 LYS 116 127 127 LYS LYS A . n 
A 1 117 LYS 117 129 129 LYS LYS A . n 
A 1 118 ALA 118 130 130 ALA ALA A . n 
A 1 119 ASP 119 131 131 ASP ASP A . n 
A 1 120 PRO 120 132 132 PRO PRO A . n 
A 1 121 CYS 121 133 133 CYS CYS A . n 
# 
loop_
_pdbx_nonpoly_scheme.asym_id 
_pdbx_nonpoly_scheme.entity_id 
_pdbx_nonpoly_scheme.mon_id 
_pdbx_nonpoly_scheme.ndb_seq_num 
_pdbx_nonpoly_scheme.pdb_seq_num 
_pdbx_nonpoly_scheme.auth_seq_num 
_pdbx_nonpoly_scheme.pdb_mon_id 
_pdbx_nonpoly_scheme.auth_mon_id 
_pdbx_nonpoly_scheme.pdb_strand_id 
_pdbx_nonpoly_scheme.pdb_ins_code 
B 2 HOH 1   14  14  HOH WAT A . 
B 2 HOH 2   54  54  HOH WAT A . 
B 2 HOH 3   55  55  HOH WAT A . 
B 2 HOH 4   56  56  HOH WAT A . 
B 2 HOH 5   62  62  HOH WAT A . 
B 2 HOH 6   63  63  HOH WAT A . 
B 2 HOH 7   64  64  HOH WAT A . 
B 2 HOH 8   65  65  HOH WAT A . 
B 2 HOH 9   66  66  HOH WAT A . 
B 2 HOH 10  89  89  HOH WAT A . 
B 2 HOH 11  124 124 HOH WAT A . 
B 2 HOH 12  128 128 HOH WAT A . 
B 2 HOH 13  134 134 HOH WAT A . 
B 2 HOH 14  135 135 HOH WAT A . 
B 2 HOH 15  136 136 HOH WAT A . 
B 2 HOH 16  137 137 HOH WAT A . 
B 2 HOH 17  138 138 HOH WAT A . 
B 2 HOH 18  139 139 HOH WAT A . 
B 2 HOH 19  140 140 HOH WAT A . 
B 2 HOH 20  141 141 HOH WAT A . 
B 2 HOH 21  142 142 HOH WAT A . 
B 2 HOH 22  143 143 HOH WAT A . 
B 2 HOH 23  144 144 HOH WAT A . 
B 2 HOH 24  145 145 HOH WAT A . 
B 2 HOH 25  146 146 HOH WAT A . 
B 2 HOH 26  147 147 HOH WAT A . 
B 2 HOH 27  148 148 HOH WAT A . 
B 2 HOH 28  149 149 HOH WAT A . 
B 2 HOH 29  150 150 HOH WAT A . 
B 2 HOH 30  151 151 HOH WAT A . 
B 2 HOH 31  152 152 HOH WAT A . 
B 2 HOH 32  153 153 HOH WAT A . 
B 2 HOH 33  154 154 HOH WAT A . 
B 2 HOH 34  155 155 HOH WAT A . 
B 2 HOH 35  156 156 HOH WAT A . 
B 2 HOH 36  157 157 HOH WAT A . 
B 2 HOH 37  158 158 HOH WAT A . 
B 2 HOH 38  159 159 HOH WAT A . 
B 2 HOH 39  160 160 HOH WAT A . 
B 2 HOH 40  161 161 HOH WAT A . 
B 2 HOH 41  162 162 HOH WAT A . 
B 2 HOH 42  163 163 HOH WAT A . 
B 2 HOH 43  164 164 HOH WAT A . 
B 2 HOH 44  165 165 HOH WAT A . 
B 2 HOH 45  166 166 HOH WAT A . 
B 2 HOH 46  167 167 HOH WAT A . 
B 2 HOH 47  168 168 HOH WAT A . 
B 2 HOH 48  169 169 HOH WAT A . 
B 2 HOH 49  170 170 HOH WAT A . 
B 2 HOH 50  171 171 HOH WAT A . 
B 2 HOH 51  172 172 HOH WAT A . 
B 2 HOH 52  173 173 HOH WAT A . 
B 2 HOH 53  174 174 HOH WAT A . 
B 2 HOH 54  175 175 HOH WAT A . 
B 2 HOH 55  176 176 HOH WAT A . 
B 2 HOH 56  177 177 HOH WAT A . 
B 2 HOH 57  178 178 HOH WAT A . 
B 2 HOH 58  179 179 HOH WAT A . 
B 2 HOH 59  180 180 HOH WAT A . 
B 2 HOH 60  181 181 HOH WAT A . 
B 2 HOH 61  182 182 HOH WAT A . 
B 2 HOH 62  183 183 HOH WAT A . 
B 2 HOH 63  184 184 HOH WAT A . 
B 2 HOH 64  185 185 HOH WAT A . 
B 2 HOH 65  186 186 HOH WAT A . 
B 2 HOH 66  187 187 HOH WAT A . 
B 2 HOH 67  188 188 HOH WAT A . 
B 2 HOH 68  189 189 HOH WAT A . 
B 2 HOH 69  190 190 HOH WAT A . 
B 2 HOH 70  191 191 HOH WAT A . 
B 2 HOH 71  192 192 HOH WAT A . 
B 2 HOH 72  193 193 HOH WAT A . 
B 2 HOH 73  194 194 HOH WAT A . 
B 2 HOH 74  195 195 HOH WAT A . 
B 2 HOH 75  196 196 HOH WAT A . 
B 2 HOH 76  197 197 HOH WAT A . 
B 2 HOH 77  198 198 HOH WAT A . 
B 2 HOH 78  199 199 HOH WAT A . 
B 2 HOH 79  200 200 HOH WAT A . 
B 2 HOH 80  201 201 HOH WAT A . 
B 2 HOH 81  202 202 HOH WAT A . 
B 2 HOH 82  203 203 HOH WAT A . 
B 2 HOH 83  204 204 HOH WAT A . 
B 2 HOH 84  205 205 HOH WAT A . 
B 2 HOH 85  206 206 HOH WAT A . 
B 2 HOH 86  207 207 HOH WAT A . 
B 2 HOH 87  208 208 HOH WAT A . 
B 2 HOH 88  209 209 HOH WAT A . 
B 2 HOH 89  210 210 HOH WAT A . 
B 2 HOH 90  211 211 HOH WAT A . 
B 2 HOH 91  212 212 HOH WAT A . 
B 2 HOH 92  213 213 HOH WAT A . 
B 2 HOH 93  214 214 HOH WAT A . 
B 2 HOH 94  215 215 HOH WAT A . 
B 2 HOH 95  216 216 HOH WAT A . 
B 2 HOH 96  217 217 HOH WAT A . 
B 2 HOH 97  218 218 HOH WAT A . 
B 2 HOH 98  219 219 HOH WAT A . 
B 2 HOH 99  220 220 HOH WAT A . 
B 2 HOH 100 221 221 HOH WAT A . 
B 2 HOH 101 222 222 HOH WAT A . 
B 2 HOH 102 223 223 HOH WAT A . 
B 2 HOH 103 224 224 HOH WAT A . 
B 2 HOH 104 225 225 HOH WAT A . 
B 2 HOH 105 226 226 HOH WAT A . 
B 2 HOH 106 227 227 HOH WAT A . 
B 2 HOH 107 228 228 HOH WAT A . 
B 2 HOH 108 229 229 HOH WAT A . 
B 2 HOH 109 230 230 HOH WAT A . 
B 2 HOH 110 231 231 HOH WAT A . 
B 2 HOH 111 232 232 HOH WAT A . 
B 2 HOH 112 233 233 HOH WAT A . 
B 2 HOH 113 234 234 HOH WAT A . 
B 2 HOH 114 235 235 HOH WAT A . 
B 2 HOH 115 236 236 HOH WAT A . 
B 2 HOH 116 237 237 HOH WAT A . 
B 2 HOH 117 238 238 HOH WAT A . 
B 2 HOH 118 239 239 HOH WAT A . 
B 2 HOH 119 240 240 HOH WAT A . 
B 2 HOH 120 241 241 HOH WAT A . 
B 2 HOH 121 242 242 HOH WAT A . 
B 2 HOH 122 243 243 HOH WAT A . 
B 2 HOH 123 244 244 HOH WAT A . 
B 2 HOH 124 245 245 HOH WAT A . 
B 2 HOH 125 246 246 HOH WAT A . 
B 2 HOH 126 247 247 HOH WAT A . 
B 2 HOH 127 248 248 HOH WAT A . 
B 2 HOH 128 249 249 HOH WAT A . 
B 2 HOH 129 250 250 HOH WAT A . 
B 2 HOH 130 251 251 HOH WAT A . 
B 2 HOH 131 252 252 HOH WAT A . 
B 2 HOH 132 253 253 HOH WAT A . 
B 2 HOH 133 254 254 HOH WAT A . 
B 2 HOH 134 255 255 HOH WAT A . 
B 2 HOH 135 256 256 HOH WAT A . 
B 2 HOH 136 257 257 HOH WAT A . 
B 2 HOH 137 258 258 HOH WAT A . 
B 2 HOH 138 259 259 HOH WAT A . 
B 2 HOH 139 260 260 HOH WAT A . 
B 2 HOH 140 261 1   HOH WAT A . 
B 2 HOH 141 262 2   HOH WAT A . 
B 2 HOH 142 263 3   HOH WAT A . 
B 2 HOH 143 264 4   HOH WAT A . 
B 2 HOH 144 265 5   HOH WAT A . 
B 2 HOH 145 266 6   HOH WAT A . 
B 2 HOH 146 267 7   HOH WAT A . 
B 2 HOH 147 268 8   HOH WAT A . 
B 2 HOH 148 269 9   HOH WAT A . 
B 2 HOH 149 270 10  HOH WAT A . 
B 2 HOH 150 271 11  HOH WAT A . 
B 2 HOH 151 272 12  HOH WAT A . 
B 2 HOH 152 273 13  HOH WAT A . 
B 2 HOH 153 274 15  HOH WAT A . 
B 2 HOH 154 275 16  HOH WAT A . 
B 2 HOH 155 276 17  HOH WAT A . 
B 2 HOH 156 277 18  HOH WAT A . 
B 2 HOH 157 278 19  HOH WAT A . 
B 2 HOH 158 279 20  HOH WAT A . 
B 2 HOH 159 280 21  HOH WAT A . 
B 2 HOH 160 281 22  HOH WAT A . 
B 2 HOH 161 282 23  HOH WAT A . 
B 2 HOH 162 283 24  HOH WAT A . 
B 2 HOH 163 284 25  HOH WAT A . 
B 2 HOH 164 285 26  HOH WAT A . 
B 2 HOH 165 286 27  HOH WAT A . 
B 2 HOH 166 287 28  HOH WAT A . 
B 2 HOH 167 288 29  HOH WAT A . 
B 2 HOH 168 289 30  HOH WAT A . 
B 2 HOH 169 290 31  HOH WAT A . 
B 2 HOH 170 291 32  HOH WAT A . 
B 2 HOH 171 292 33  HOH WAT A . 
B 2 HOH 172 293 34  HOH WAT A . 
B 2 HOH 173 294 35  HOH WAT A . 
B 2 HOH 174 295 36  HOH WAT A . 
B 2 HOH 175 296 37  HOH WAT A . 
B 2 HOH 176 297 38  HOH WAT A . 
B 2 HOH 177 298 39  HOH WAT A . 
B 2 HOH 178 299 40  HOH WAT A . 
B 2 HOH 179 300 41  HOH WAT A . 
B 2 HOH 180 301 42  HOH WAT A . 
B 2 HOH 181 302 43  HOH WAT A . 
B 2 HOH 182 303 44  HOH WAT A . 
B 2 HOH 183 304 45  HOH WAT A . 
B 2 HOH 184 305 46  HOH WAT A . 
B 2 HOH 185 306 47  HOH WAT A . 
B 2 HOH 186 307 48  HOH WAT A . 
B 2 HOH 187 308 49  HOH WAT A . 
B 2 HOH 188 309 50  HOH WAT A . 
B 2 HOH 189 310 51  HOH WAT A . 
B 2 HOH 190 311 52  HOH WAT A . 
B 2 HOH 191 312 53  HOH WAT A . 
B 2 HOH 192 313 57  HOH WAT A . 
B 2 HOH 193 314 58  HOH WAT A . 
B 2 HOH 194 315 59  HOH WAT A . 
B 2 HOH 195 316 60  HOH WAT A . 
B 2 HOH 196 317 61  HOH WAT A . 
B 2 HOH 197 318 67  HOH WAT A . 
B 2 HOH 198 319 68  HOH WAT A . 
B 2 HOH 199 320 69  HOH WAT A . 
B 2 HOH 200 321 70  HOH WAT A . 
B 2 HOH 201 322 71  HOH WAT A . 
B 2 HOH 202 323 72  HOH WAT A . 
B 2 HOH 203 324 73  HOH WAT A . 
B 2 HOH 204 325 74  HOH WAT A . 
B 2 HOH 205 326 75  HOH WAT A . 
B 2 HOH 206 327 76  HOH WAT A . 
B 2 HOH 207 328 77  HOH WAT A . 
B 2 HOH 208 329 78  HOH WAT A . 
B 2 HOH 209 330 79  HOH WAT A . 
B 2 HOH 210 331 80  HOH WAT A . 
B 2 HOH 211 332 81  HOH WAT A . 
B 2 HOH 212 333 82  HOH WAT A . 
B 2 HOH 213 334 83  HOH WAT A . 
B 2 HOH 214 335 84  HOH WAT A . 
B 2 HOH 215 336 85  HOH WAT A . 
B 2 HOH 216 337 86  HOH WAT A . 
B 2 HOH 217 338 87  HOH WAT A . 
B 2 HOH 218 339 88  HOH WAT A . 
B 2 HOH 219 340 90  HOH WAT A . 
B 2 HOH 220 341 91  HOH WAT A . 
B 2 HOH 221 342 92  HOH WAT A . 
B 2 HOH 222 343 93  HOH WAT A . 
B 2 HOH 223 344 94  HOH WAT A . 
B 2 HOH 224 345 95  HOH WAT A . 
B 2 HOH 225 346 96  HOH WAT A . 
B 2 HOH 226 347 97  HOH WAT A . 
B 2 HOH 227 348 98  HOH WAT A . 
B 2 HOH 228 349 99  HOH WAT A . 
B 2 HOH 229 350 100 HOH WAT A . 
B 2 HOH 230 351 101 HOH WAT A . 
B 2 HOH 231 352 102 HOH WAT A . 
B 2 HOH 232 353 103 HOH WAT A . 
B 2 HOH 233 354 104 HOH WAT A . 
B 2 HOH 234 355 105 HOH WAT A . 
B 2 HOH 235 356 106 HOH WAT A . 
B 2 HOH 236 357 107 HOH WAT A . 
B 2 HOH 237 358 108 HOH WAT A . 
B 2 HOH 238 359 109 HOH WAT A . 
B 2 HOH 239 360 110 HOH WAT A . 
B 2 HOH 240 361 111 HOH WAT A . 
B 2 HOH 241 362 112 HOH WAT A . 
B 2 HOH 242 363 113 HOH WAT A . 
B 2 HOH 243 364 114 HOH WAT A . 
B 2 HOH 244 365 115 HOH WAT A . 
B 2 HOH 245 366 116 HOH WAT A . 
B 2 HOH 246 367 117 HOH WAT A . 
B 2 HOH 247 368 118 HOH WAT A . 
B 2 HOH 248 369 119 HOH WAT A . 
B 2 HOH 249 370 120 HOH WAT A . 
B 2 HOH 250 371 121 HOH WAT A . 
B 2 HOH 251 372 122 HOH WAT A . 
B 2 HOH 252 373 123 HOH WAT A . 
B 2 HOH 253 374 125 HOH WAT A . 
B 2 HOH 254 375 126 HOH WAT A . 
B 2 HOH 255 376 127 HOH WAT A . 
B 2 HOH 256 377 129 HOH WAT A . 
B 2 HOH 257 378 130 HOH WAT A . 
B 2 HOH 258 379 131 HOH WAT A . 
B 2 HOH 259 380 132 HOH WAT A . 
B 2 HOH 260 381 133 HOH WAT A . 
# 
loop_
_software.name 
_software.classification 
_software.version 
_software.citation_id 
_software.pdbx_ordinal 
HKL-2000  'data collection' .   ? 1 
AMoRE     phasing           .   ? 2 
CNS       refinement        1.1 ? 3 
DENZO     'data reduction'  .   ? 4 
SCALEPACK 'data scaling'    .   ? 5 
# 
_cell.entry_id           3I3I 
_cell.length_a           57.755 
_cell.length_b           80.044 
_cell.length_c           67.627 
_cell.angle_alpha        90.00 
_cell.angle_beta         90.00 
_cell.angle_gamma        90.00 
_cell.Z_PDB              8 
_cell.pdbx_unique_axis   ? 
_cell.length_a_esd       ? 
_cell.length_b_esd       ? 
_cell.length_c_esd       ? 
_cell.angle_alpha_esd    ? 
_cell.angle_beta_esd     ? 
_cell.angle_gamma_esd    ? 
# 
_symmetry.entry_id                         3I3I 
_symmetry.space_group_name_H-M             'C 2 2 21' 
_symmetry.pdbx_full_space_group_name_H-M   ? 
_symmetry.cell_setting                     ? 
_symmetry.Int_Tables_number                20 
_symmetry.space_group_name_Hall            ? 
# 
_exptl.entry_id          3I3I 
_exptl.method            'X-RAY DIFFRACTION' 
_exptl.crystals_number   1 
# 
_exptl_crystal.id                    1 
_exptl_crystal.density_meas          ? 
_exptl_crystal.density_Matthews      2.84 
_exptl_crystal.density_percent_sol   56.72 
_exptl_crystal.description           ? 
_exptl_crystal.F_000                 ? 
_exptl_crystal.preparation           ? 
# 
_exptl_crystal_grow.crystal_id      1 
_exptl_crystal_grow.method          'VAPOR DIFFUSION, HANGING DROP' 
_exptl_crystal_grow.temp            283.0 
_exptl_crystal_grow.temp_details    ? 
_exptl_crystal_grow.pH              6.0 
_exptl_crystal_grow.pdbx_pH_range   ? 
_exptl_crystal_grow.pdbx_details    
'20% Isopropanol, 18% PEG 4000, 0.1M Na Citrate, pH 6.0, VAPOR DIFFUSION, HANGING DROP, temperature 283.0K' 
# 
_diffrn.id                     1 
_diffrn.ambient_temp           100 
_diffrn.ambient_temp_details   ? 
_diffrn.crystal_id             1 
# 
_diffrn_detector.diffrn_id              1 
_diffrn_detector.detector               CCD 
_diffrn_detector.type                   'MARMOSAIC 225 mm CCD' 
_diffrn_detector.pdbx_collection_date   2007-08-03 
_diffrn_detector.details                mirrors 
# 
_diffrn_radiation.diffrn_id                        1 
_diffrn_radiation.wavelength_id                    1 
_diffrn_radiation.pdbx_monochromatic_or_laue_m_l   M 
_diffrn_radiation.monochromator                    'Si (111) double crystal monochromator' 
_diffrn_radiation.pdbx_diffrn_protocol             'SINGLE WAVELENGTH' 
_diffrn_radiation.pdbx_scattering_type             x-ray 
# 
_diffrn_radiation_wavelength.id           1 
_diffrn_radiation_wavelength.wavelength   1.45860 
_diffrn_radiation_wavelength.wt           1.0 
# 
_diffrn_source.diffrn_id                   1 
_diffrn_source.source                      SYNCHROTRON 
_diffrn_source.type                        'LNLS BEAMLINE W01B-MX2' 
_diffrn_source.pdbx_synchrotron_site       LNLS 
_diffrn_source.pdbx_synchrotron_beamline   W01B-MX2 
_diffrn_source.pdbx_wavelength             ? 
_diffrn_source.pdbx_wavelength_list        1.45860 
# 
_reflns.entry_id                     3I3I 
_reflns.observed_criterion_sigma_I   -3.0 
_reflns.observed_criterion_sigma_F   ? 
_reflns.d_resolution_low             50.0 
_reflns.d_resolution_high            1.82 
_reflns.number_obs                   14091 
_reflns.number_all                   ? 
_reflns.percent_possible_obs         97.3 
_reflns.pdbx_Rmerge_I_obs            0.064 
_reflns.pdbx_Rsym_value              0.064 
_reflns.pdbx_netI_over_sigmaI        15.77 
_reflns.B_iso_Wilson_estimate        22.8 
_reflns.pdbx_redundancy              3.1 
_reflns.R_free_details               ? 
_reflns.limit_h_max                  ? 
_reflns.limit_h_min                  ? 
_reflns.limit_k_max                  ? 
_reflns.limit_k_min                  ? 
_reflns.limit_l_max                  ? 
_reflns.limit_l_min                  ? 
_reflns.observed_criterion_F_max     ? 
_reflns.observed_criterion_F_min     ? 
_reflns.pdbx_chi_squared             ? 
_reflns.pdbx_scaling_rejects         ? 
_reflns.pdbx_ordinal                 1 
_reflns.pdbx_diffrn_id               1 
# 
_reflns_shell.d_res_high             1.82 
_reflns_shell.d_res_low              1.90 
_reflns_shell.percent_possible_all   92.5 
_reflns_shell.Rmerge_I_obs           0.309 
_reflns_shell.pdbx_Rsym_value        0.309 
_reflns_shell.meanI_over_sigI_obs    3.20 
_reflns_shell.pdbx_redundancy        2.7 
_reflns_shell.percent_possible_obs   ? 
_reflns_shell.number_unique_all      ? 
_reflns_shell.number_measured_all    ? 
_reflns_shell.number_measured_obs    ? 
_reflns_shell.number_unique_obs      ? 
_reflns_shell.pdbx_chi_squared       ? 
_reflns_shell.pdbx_ordinal           1 
_reflns_shell.pdbx_diffrn_id         1 
# 
_refine.pdbx_refine_id                           'X-RAY DIFFRACTION' 
_refine.entry_id                                 3I3I 
_refine.ls_number_reflns_obs                     14022 
_refine.ls_number_reflns_all                     ? 
_refine.pdbx_ls_sigma_I                          ? 
_refine.pdbx_ls_sigma_F                          0.0 
_refine.pdbx_data_cutoff_high_absF               1406374.13 
_refine.pdbx_data_cutoff_low_absF                0.000000 
_refine.pdbx_data_cutoff_high_rms_absF           ? 
_refine.ls_d_res_low                             25.83 
_refine.ls_d_res_high                            1.82 
_refine.ls_percent_reflns_obs                    97.3 
_refine.ls_R_factor_obs                          0.158 
_refine.ls_R_factor_all                          ? 
_refine.ls_R_factor_R_work                       0.158 
_refine.ls_R_factor_R_free                       0.212 
_refine.ls_R_factor_R_free_error                 0.008 
_refine.ls_R_factor_R_free_error_details         ? 
_refine.ls_percent_reflns_R_free                 5.0 
_refine.ls_number_reflns_R_free                  705 
_refine.ls_number_parameters                     ? 
_refine.ls_number_restraints                     ? 
_refine.occupancy_min                            ? 
_refine.occupancy_max                            ? 
_refine.correlation_coeff_Fo_to_Fc               ? 
_refine.correlation_coeff_Fo_to_Fc_free          ? 
_refine.B_iso_mean                               30.8 
_refine.aniso_B[1][1]                            -1.82 
_refine.aniso_B[2][2]                            -0.46 
_refine.aniso_B[3][3]                            2.28 
_refine.aniso_B[1][2]                            0.00 
_refine.aniso_B[1][3]                            0.00 
_refine.aniso_B[2][3]                            0.00 
_refine.solvent_model_details                    'FLAT MODEL' 
_refine.solvent_model_param_ksol                 0.365754 
_refine.solvent_model_param_bsol                 58.6042 
_refine.pdbx_solvent_vdw_probe_radii             ? 
_refine.pdbx_solvent_ion_probe_radii             ? 
_refine.pdbx_solvent_shrinkage_radii             ? 
_refine.pdbx_ls_cross_valid_method               THROUGHOUT 
_refine.details                                  ? 
_refine.pdbx_starting_model                      'PDB entry 3HZD' 
_refine.pdbx_method_to_determine_struct          'MOLECULAR REPLACEMENT' 
_refine.pdbx_isotropic_thermal_model             RESTRAINED 
_refine.pdbx_stereochemistry_target_values       'Engh & Huber' 
_refine.pdbx_stereochem_target_val_spec_case     ? 
_refine.pdbx_R_Free_selection_details            RANDOM 
_refine.pdbx_overall_ESU_R                       ? 
_refine.pdbx_overall_ESU_R_Free                  ? 
_refine.overall_SU_ML                            ? 
_refine.pdbx_overall_phase_error                 ? 
_refine.overall_SU_B                             ? 
_refine.ls_redundancy_reflns_obs                 ? 
_refine.B_iso_min                                ? 
_refine.B_iso_max                                ? 
_refine.overall_SU_R_Cruickshank_DPI             ? 
_refine.overall_SU_R_free                        ? 
_refine.ls_wR_factor_R_free                      ? 
_refine.ls_wR_factor_R_work                      ? 
_refine.overall_FOM_free_R_set                   ? 
_refine.overall_FOM_work_R_set                   ? 
_refine.pdbx_diffrn_id                           1 
_refine.pdbx_TLS_residual_ADP_flag               ? 
_refine.pdbx_overall_SU_R_free_Cruickshank_DPI   ? 
_refine.pdbx_overall_SU_R_Blow_DPI               ? 
_refine.pdbx_overall_SU_R_free_Blow_DPI          ? 
# 
_refine_analyze.pdbx_refine_id                  'X-RAY DIFFRACTION' 
_refine_analyze.entry_id                        3I3I 
_refine_analyze.Luzzati_coordinate_error_obs    0.17 
_refine_analyze.Luzzati_sigma_a_obs             0.12 
_refine_analyze.Luzzati_d_res_low_obs           5.00 
_refine_analyze.Luzzati_coordinate_error_free   0.23 
_refine_analyze.Luzzati_sigma_a_free            0.14 
_refine_analyze.Luzzati_d_res_low_free          ? 
_refine_analyze.number_disordered_residues      ? 
_refine_analyze.occupancy_sum_hydrogen          ? 
_refine_analyze.occupancy_sum_non_hydrogen      ? 
_refine_analyze.pdbx_Luzzati_d_res_high_obs     ? 
# 
_refine_hist.pdbx_refine_id                   'X-RAY DIFFRACTION' 
_refine_hist.cycle_id                         LAST 
_refine_hist.pdbx_number_atoms_protein        953 
_refine_hist.pdbx_number_atoms_nucleic_acid   0 
_refine_hist.pdbx_number_atoms_ligand         0 
_refine_hist.number_atoms_solvent             260 
_refine_hist.number_atoms_total               1213 
_refine_hist.d_res_high                       1.82 
_refine_hist.d_res_low                        25.83 
# 
loop_
_refine_ls_restr.type 
_refine_ls_restr.dev_ideal 
_refine_ls_restr.dev_ideal_target 
_refine_ls_restr.weight 
_refine_ls_restr.number 
_refine_ls_restr.pdbx_refine_id 
_refine_ls_restr.pdbx_restraint_function 
c_bond_d                0.032 ?    ? ? 'X-RAY DIFFRACTION' ? 
c_bond_d_na             ?     ?    ? ? 'X-RAY DIFFRACTION' ? 
c_bond_d_prot           ?     ?    ? ? 'X-RAY DIFFRACTION' ? 
c_angle_d               ?     ?    ? ? 'X-RAY DIFFRACTION' ? 
c_angle_d_na            ?     ?    ? ? 'X-RAY DIFFRACTION' ? 
c_angle_d_prot          ?     ?    ? ? 'X-RAY DIFFRACTION' ? 
c_angle_deg             2.5   ?    ? ? 'X-RAY DIFFRACTION' ? 
c_angle_deg_na          ?     ?    ? ? 'X-RAY DIFFRACTION' ? 
c_angle_deg_prot        ?     ?    ? ? 'X-RAY DIFFRACTION' ? 
c_dihedral_angle_d      23.3  ?    ? ? 'X-RAY DIFFRACTION' ? 
c_dihedral_angle_d_na   ?     ?    ? ? 'X-RAY DIFFRACTION' ? 
c_dihedral_angle_d_prot ?     ?    ? ? 'X-RAY DIFFRACTION' ? 
c_improper_angle_d      1.89  ?    ? ? 'X-RAY DIFFRACTION' ? 
c_improper_angle_d_na   ?     ?    ? ? 'X-RAY DIFFRACTION' ? 
c_improper_angle_d_prot ?     ?    ? ? 'X-RAY DIFFRACTION' ? 
c_mcbond_it             5.64  1.50 ? ? 'X-RAY DIFFRACTION' ? 
c_mcangle_it            6.53  2.00 ? ? 'X-RAY DIFFRACTION' ? 
c_scbond_it             7.82  2.00 ? ? 'X-RAY DIFFRACTION' ? 
c_scangle_it            9.60  2.50 ? ? 'X-RAY DIFFRACTION' ? 
# 
_refine_ls_restr_ncs.pdbx_refine_id      'X-RAY DIFFRACTION' 
_refine_ls_restr_ncs.dom_id              1 
_refine_ls_restr_ncs.ncs_model_details   NONE 
_refine_ls_restr_ncs.rms_dev_position    ? 
_refine_ls_restr_ncs.weight_position     ? 
_refine_ls_restr_ncs.rms_dev_B_iso       ? 
_refine_ls_restr_ncs.weight_B_iso        ? 
_refine_ls_restr_ncs.pdbx_ordinal        1 
_refine_ls_restr_ncs.pdbx_type           . 
_refine_ls_restr_ncs.pdbx_auth_asym_id   . 
_refine_ls_restr_ncs.pdbx_ens_id         1 
_refine_ls_restr_ncs.pdbx_number         ? 
_refine_ls_restr_ncs.pdbx_asym_id        ? 
_refine_ls_restr_ncs.pdbx_rms            ? 
_refine_ls_restr_ncs.pdbx_weight         ? 
# 
_refine_ls_shell.pdbx_refine_id                   'X-RAY DIFFRACTION' 
_refine_ls_shell.pdbx_total_number_of_bins_used   6 
_refine_ls_shell.d_res_high                       1.82 
_refine_ls_shell.d_res_low                        1.93 
_refine_ls_shell.number_reflns_R_work             2101 
_refine_ls_shell.R_factor_R_work                  0.257 
_refine_ls_shell.percent_reflns_obs               93.8 
_refine_ls_shell.R_factor_R_free                  0.300 
_refine_ls_shell.R_factor_R_free_error            0.030 
_refine_ls_shell.percent_reflns_R_free            4.7 
_refine_ls_shell.number_reflns_R_free             103 
_refine_ls_shell.number_reflns_all                ? 
_refine_ls_shell.R_factor_all                     ? 
_refine_ls_shell.redundancy_reflns_obs            ? 
_refine_ls_shell.number_reflns_obs                ? 
# 
loop_
_pdbx_xplor_file.pdbx_refine_id 
_pdbx_xplor_file.serial_no 
_pdbx_xplor_file.param_file 
_pdbx_xplor_file.topol_file 
'X-RAY DIFFRACTION' 1 protein_rep.param protein.top 
'X-RAY DIFFRACTION' 2 water_rep.param   water.top   
# 
_struct_ncs_dom.id            1 
_struct_ncs_dom.details       ? 
_struct_ncs_dom.pdbx_ens_id   1 
# 
_struct_ncs_ens.id        1 
_struct_ncs_ens.details   ? 
# 
_struct.entry_id                  3I3I 
_struct.title                     'Crystal Structure of Bothropstoxin-I crystallized at 283 K' 
_struct.pdbx_model_details        ? 
_struct.pdbx_CASP_flag            ? 
_struct.pdbx_model_type_details   ? 
# 
_struct_keywords.entry_id        3I3I 
_struct_keywords.pdbx_keywords   TOXIN 
_struct_keywords.text            
;Homologue Phospholipase A2, Bothropstoxin-I, BthTX-I_10C, Lys49-PLA2 from Bothrops jararacussu, Snake venom, Antibiotic, Antimicrobial, Disulfide bond, Myotoxin, Secreted, Toxin
;
# 
loop_
_struct_asym.id 
_struct_asym.pdbx_blank_PDB_chainid_flag 
_struct_asym.pdbx_modified 
_struct_asym.entity_id 
_struct_asym.details 
A N N 1 ? 
B N N 2 ? 
# 
_struct_ref.id                         1 
_struct_ref.db_name                    UNP 
_struct_ref.db_code                    PA2B1_BOTJR 
_struct_ref.pdbx_db_accession          Q90249 
_struct_ref.entity_id                  1 
_struct_ref.pdbx_seq_one_letter_code   
;SLFELGKMILQETGKNPAKSYGAYGCNCGVLGRGKPKDATDRCCYVHKCCYKKLTGCDPKKDRYSYSWKDKTIVCGENNP
CLKELCECDKAVAICLRENLGTYNKKYRYHLKPFCKKADPC
;
_struct_ref.pdbx_align_begin           17 
_struct_ref.pdbx_db_isoform            ? 
# 
_struct_ref_seq.align_id                      1 
_struct_ref_seq.ref_id                        1 
_struct_ref_seq.pdbx_PDB_id_code              3I3I 
_struct_ref_seq.pdbx_strand_id                A 
_struct_ref_seq.seq_align_beg                 1 
_struct_ref_seq.pdbx_seq_align_beg_ins_code   ? 
_struct_ref_seq.seq_align_end                 121 
_struct_ref_seq.pdbx_seq_align_end_ins_code   ? 
_struct_ref_seq.pdbx_db_accession             Q90249 
_struct_ref_seq.db_align_beg                  17 
_struct_ref_seq.pdbx_db_align_beg_ins_code    ? 
_struct_ref_seq.db_align_end                  137 
_struct_ref_seq.pdbx_db_align_end_ins_code    ? 
_struct_ref_seq.pdbx_auth_seq_align_beg       1 
_struct_ref_seq.pdbx_auth_seq_align_end       133 
# 
loop_
_pdbx_struct_assembly.id 
_pdbx_struct_assembly.details 
_pdbx_struct_assembly.method_details 
_pdbx_struct_assembly.oligomeric_details 
_pdbx_struct_assembly.oligomeric_count 
1 author_defined_assembly   ?    monomeric 1 
2 software_defined_assembly PISA dimeric   2 
# 
loop_
_pdbx_struct_assembly_prop.biol_id 
_pdbx_struct_assembly_prop.type 
_pdbx_struct_assembly_prop.value 
_pdbx_struct_assembly_prop.details 
2 'ABSA (A^2)' 1050  ? 
2 MORE         -13   ? 
2 'SSA (A^2)'  12950 ? 
# 
loop_
_pdbx_struct_assembly_gen.assembly_id 
_pdbx_struct_assembly_gen.oper_expression 
_pdbx_struct_assembly_gen.asym_id_list 
1 1   A,B 
2 1,2 A,B 
# 
loop_
_pdbx_struct_oper_list.id 
_pdbx_struct_oper_list.type 
_pdbx_struct_oper_list.name 
_pdbx_struct_oper_list.symmetry_operation 
_pdbx_struct_oper_list.matrix[1][1] 
_pdbx_struct_oper_list.matrix[1][2] 
_pdbx_struct_oper_list.matrix[1][3] 
_pdbx_struct_oper_list.vector[1] 
_pdbx_struct_oper_list.matrix[2][1] 
_pdbx_struct_oper_list.matrix[2][2] 
_pdbx_struct_oper_list.matrix[2][3] 
_pdbx_struct_oper_list.vector[2] 
_pdbx_struct_oper_list.matrix[3][1] 
_pdbx_struct_oper_list.matrix[3][2] 
_pdbx_struct_oper_list.matrix[3][3] 
_pdbx_struct_oper_list.vector[3] 
1 'identity operation'         1_555 x,y,z     1.0000000000  0.0000000000  0.0000000000  0.0000000000  0.0000000000  1.0000000000  0.0000000000 0.0000000000   0.0000000000  0.0000000000 1.0000000000  0.0000000000  
2 'crystal symmetry operation' 4_556 x,-y,-z+1 -0.8796924540 -0.3286184724 -0.3437311246 -0.7762467296 -0.3286184724 -0.1023829845 0.9388970253 -17.3582195753 -0.3437311246 0.9388970253 -0.0179245615 16.3233494428 
# 
_struct_biol.id        1 
_struct_biol.details   ? 
# 
loop_
_struct_conf.conf_type_id 
_struct_conf.id 
_struct_conf.pdbx_PDB_helix_id 
_struct_conf.beg_label_comp_id 
_struct_conf.beg_label_asym_id 
_struct_conf.beg_label_seq_id 
_struct_conf.pdbx_beg_PDB_ins_code 
_struct_conf.end_label_comp_id 
_struct_conf.end_label_asym_id 
_struct_conf.end_label_seq_id 
_struct_conf.pdbx_end_PDB_ins_code 
_struct_conf.beg_auth_comp_id 
_struct_conf.beg_auth_asym_id 
_struct_conf.beg_auth_seq_id 
_struct_conf.end_auth_comp_id 
_struct_conf.end_auth_asym_id 
_struct_conf.end_auth_seq_id 
_struct_conf.pdbx_PDB_helix_class 
_struct_conf.details 
_struct_conf.pdbx_PDB_helix_length 
HELX_P HELX_P1 1 SER A 1   ? GLY A 14  ? SER A 1   GLY A 15  1 ? 14 
HELX_P HELX_P2 2 ASN A 16  ? GLY A 22  ? ASN A 17  GLY A 23  1 ? 7  
HELX_P HELX_P3 3 ASP A 38  ? LYS A 52  ? ASP A 39  LYS A 53  1 ? 15 
HELX_P HELX_P4 4 ASN A 79  ? ASN A 99  ? ASN A 88  ASN A 109 1 ? 21 
HELX_P HELX_P5 5 LEU A 100 ? TYR A 103 ? LEU A 110 TYR A 113 5 ? 4  
HELX_P HELX_P6 6 ASN A 104 ? ARG A 108 ? ASN A 114 ARG A 118 5 ? 5  
HELX_P HELX_P7 7 LEU A 111 ? CYS A 115 ? LEU A 121 CYS A 126 5 ? 5  
# 
_struct_conf_type.id          HELX_P 
_struct_conf_type.criteria    ? 
_struct_conf_type.reference   ? 
# 
loop_
_struct_conn.id 
_struct_conn.conn_type_id 
_struct_conn.pdbx_leaving_atom_flag 
_struct_conn.pdbx_PDB_id 
_struct_conn.ptnr1_label_asym_id 
_struct_conn.ptnr1_label_comp_id 
_struct_conn.ptnr1_label_seq_id 
_struct_conn.ptnr1_label_atom_id 
_struct_conn.pdbx_ptnr1_label_alt_id 
_struct_conn.pdbx_ptnr1_PDB_ins_code 
_struct_conn.pdbx_ptnr1_standard_comp_id 
_struct_conn.ptnr1_symmetry 
_struct_conn.ptnr2_label_asym_id 
_struct_conn.ptnr2_label_comp_id 
_struct_conn.ptnr2_label_seq_id 
_struct_conn.ptnr2_label_atom_id 
_struct_conn.pdbx_ptnr2_label_alt_id 
_struct_conn.pdbx_ptnr2_PDB_ins_code 
_struct_conn.ptnr1_auth_asym_id 
_struct_conn.ptnr1_auth_comp_id 
_struct_conn.ptnr1_auth_seq_id 
_struct_conn.ptnr2_auth_asym_id 
_struct_conn.ptnr2_auth_comp_id 
_struct_conn.ptnr2_auth_seq_id 
_struct_conn.ptnr2_symmetry 
_struct_conn.pdbx_ptnr3_label_atom_id 
_struct_conn.pdbx_ptnr3_label_seq_id 
_struct_conn.pdbx_ptnr3_label_comp_id 
_struct_conn.pdbx_ptnr3_label_asym_id 
_struct_conn.pdbx_ptnr3_label_alt_id 
_struct_conn.pdbx_ptnr3_PDB_ins_code 
_struct_conn.details 
_struct_conn.pdbx_dist_value 
_struct_conn.pdbx_value_order 
_struct_conn.pdbx_role 
disulf1 disulf ? ? A CYS 26 SG ? ? ? 1_555 A CYS 115 SG ? ? A CYS 27 A CYS 126 1_555 ? ? ? ? ? ? ? 2.064 ? ? 
disulf2 disulf ? ? A CYS 28 SG ? ? ? 1_555 A CYS 44  SG ? ? A CYS 29 A CYS 45  1_555 ? ? ? ? ? ? ? 2.085 ? ? 
disulf3 disulf ? ? A CYS 43 SG ? ? ? 1_555 A CYS 95  SG ? ? A CYS 44 A CYS 105 1_555 ? ? ? ? ? ? ? 2.106 ? ? 
disulf4 disulf ? ? A CYS 49 SG ? ? ? 1_555 A CYS 121 SG ? ? A CYS 50 A CYS 133 1_555 ? ? ? ? ? ? ? 2.087 ? ? 
disulf5 disulf ? ? A CYS 50 SG ? ? ? 1_555 A CYS 88  SG ? ? A CYS 51 A CYS 98  1_555 ? ? ? ? ? ? ? 2.060 ? ? 
disulf6 disulf ? ? A CYS 57 SG ? ? ? 1_555 A CYS 81  SG ? ? A CYS 61 A CYS 91  1_555 ? ? ? ? ? ? ? 2.048 ? ? 
disulf7 disulf ? ? A CYS 75 SG ? ? ? 1_555 A CYS 86  SG ? ? A CYS 84 A CYS 96  1_555 ? ? ? ? ? ? ? 2.016 ? ? 
# 
_struct_conn_type.id          disulf 
_struct_conn_type.criteria    ? 
_struct_conn_type.reference   ? 
# 
loop_
_pdbx_modification_feature.ordinal 
_pdbx_modification_feature.label_comp_id 
_pdbx_modification_feature.label_asym_id 
_pdbx_modification_feature.label_seq_id 
_pdbx_modification_feature.label_alt_id 
_pdbx_modification_feature.modified_residue_label_comp_id 
_pdbx_modification_feature.modified_residue_label_asym_id 
_pdbx_modification_feature.modified_residue_label_seq_id 
_pdbx_modification_feature.modified_residue_label_alt_id 
_pdbx_modification_feature.auth_comp_id 
_pdbx_modification_feature.auth_asym_id 
_pdbx_modification_feature.auth_seq_id 
_pdbx_modification_feature.PDB_ins_code 
_pdbx_modification_feature.symmetry 
_pdbx_modification_feature.modified_residue_auth_comp_id 
_pdbx_modification_feature.modified_residue_auth_asym_id 
_pdbx_modification_feature.modified_residue_auth_seq_id 
_pdbx_modification_feature.modified_residue_PDB_ins_code 
_pdbx_modification_feature.modified_residue_symmetry 
_pdbx_modification_feature.comp_id_linking_atom 
_pdbx_modification_feature.modified_residue_id_linking_atom 
_pdbx_modification_feature.modified_residue_id 
_pdbx_modification_feature.ref_pcm_id 
_pdbx_modification_feature.ref_comp_id 
_pdbx_modification_feature.type 
_pdbx_modification_feature.category 
1 CYS A 26 ? CYS A 115 ? CYS A 27 ? 1_555 CYS A 126 ? 1_555 SG SG . . . None 'Disulfide bridge' 
2 CYS A 28 ? CYS A 44  ? CYS A 29 ? 1_555 CYS A 45  ? 1_555 SG SG . . . None 'Disulfide bridge' 
3 CYS A 43 ? CYS A 95  ? CYS A 44 ? 1_555 CYS A 105 ? 1_555 SG SG . . . None 'Disulfide bridge' 
4 CYS A 49 ? CYS A 121 ? CYS A 50 ? 1_555 CYS A 133 ? 1_555 SG SG . . . None 'Disulfide bridge' 
5 CYS A 50 ? CYS A 88  ? CYS A 51 ? 1_555 CYS A 98  ? 1_555 SG SG . . . None 'Disulfide bridge' 
6 CYS A 57 ? CYS A 81  ? CYS A 61 ? 1_555 CYS A 91  ? 1_555 SG SG . . . None 'Disulfide bridge' 
7 CYS A 75 ? CYS A 86  ? CYS A 84 ? 1_555 CYS A 96  ? 1_555 SG SG . . . None 'Disulfide bridge' 
# 
_struct_sheet.id               A 
_struct_sheet.type             ? 
_struct_sheet.number_strands   2 
_struct_sheet.details          ? 
# 
_struct_sheet_order.sheet_id     A 
_struct_sheet_order.range_id_1   1 
_struct_sheet_order.range_id_2   2 
_struct_sheet_order.offset       ? 
_struct_sheet_order.sense        anti-parallel 
# 
loop_
_struct_sheet_range.sheet_id 
_struct_sheet_range.id 
_struct_sheet_range.beg_label_comp_id 
_struct_sheet_range.beg_label_asym_id 
_struct_sheet_range.beg_label_seq_id 
_struct_sheet_range.pdbx_beg_PDB_ins_code 
_struct_sheet_range.end_label_comp_id 
_struct_sheet_range.end_label_asym_id 
_struct_sheet_range.end_label_seq_id 
_struct_sheet_range.pdbx_end_PDB_ins_code 
_struct_sheet_range.beg_auth_comp_id 
_struct_sheet_range.beg_auth_asym_id 
_struct_sheet_range.beg_auth_seq_id 
_struct_sheet_range.end_auth_comp_id 
_struct_sheet_range.end_auth_asym_id 
_struct_sheet_range.end_auth_seq_id 
A 1 TYR A 66 ? LYS A 69 ? TYR A 75 LYS A 78 
A 2 THR A 72 ? CYS A 75 ? THR A 81 CYS A 84 
# 
_pdbx_struct_sheet_hbond.sheet_id                A 
_pdbx_struct_sheet_hbond.range_id_1              1 
_pdbx_struct_sheet_hbond.range_id_2              2 
_pdbx_struct_sheet_hbond.range_1_label_atom_id   N 
_pdbx_struct_sheet_hbond.range_1_label_comp_id   SER 
_pdbx_struct_sheet_hbond.range_1_label_asym_id   A 
_pdbx_struct_sheet_hbond.range_1_label_seq_id    67 
_pdbx_struct_sheet_hbond.range_1_PDB_ins_code    ? 
_pdbx_struct_sheet_hbond.range_1_auth_atom_id    N 
_pdbx_struct_sheet_hbond.range_1_auth_comp_id    SER 
_pdbx_struct_sheet_hbond.range_1_auth_asym_id    A 
_pdbx_struct_sheet_hbond.range_1_auth_seq_id     76 
_pdbx_struct_sheet_hbond.range_2_label_atom_id   O 
_pdbx_struct_sheet_hbond.range_2_label_comp_id   VAL 
_pdbx_struct_sheet_hbond.range_2_label_asym_id   A 
_pdbx_struct_sheet_hbond.range_2_label_seq_id    74 
_pdbx_struct_sheet_hbond.range_2_PDB_ins_code    ? 
_pdbx_struct_sheet_hbond.range_2_auth_atom_id    O 
_pdbx_struct_sheet_hbond.range_2_auth_comp_id    VAL 
_pdbx_struct_sheet_hbond.range_2_auth_asym_id    A 
_pdbx_struct_sheet_hbond.range_2_auth_seq_id     83 
# 
_pdbx_entry_details.entry_id                   3I3I 
_pdbx_entry_details.compound_details           ? 
_pdbx_entry_details.source_details             ? 
_pdbx_entry_details.nonpolymer_details         ? 
_pdbx_entry_details.sequence_details           ? 
_pdbx_entry_details.has_ligand_of_interest     ? 
_pdbx_entry_details.has_protein_modification   Y 
# 
loop_
_pdbx_validate_close_contact.id 
_pdbx_validate_close_contact.PDB_model_num 
_pdbx_validate_close_contact.auth_atom_id_1 
_pdbx_validate_close_contact.auth_asym_id_1 
_pdbx_validate_close_contact.auth_comp_id_1 
_pdbx_validate_close_contact.auth_seq_id_1 
_pdbx_validate_close_contact.PDB_ins_code_1 
_pdbx_validate_close_contact.label_alt_id_1 
_pdbx_validate_close_contact.auth_atom_id_2 
_pdbx_validate_close_contact.auth_asym_id_2 
_pdbx_validate_close_contact.auth_comp_id_2 
_pdbx_validate_close_contact.auth_seq_id_2 
_pdbx_validate_close_contact.PDB_ins_code_2 
_pdbx_validate_close_contact.label_alt_id_2 
_pdbx_validate_close_contact.dist 
1 1 O A HOH 172 ? ? O A HOH 346 ? ? 2.09 
2 1 O A ALA 24  ? ? O A ARG 118 ? ? 2.14 
# 
_pdbx_validate_symm_contact.id                1 
_pdbx_validate_symm_contact.PDB_model_num     1 
_pdbx_validate_symm_contact.auth_atom_id_1    O 
_pdbx_validate_symm_contact.auth_asym_id_1    A 
_pdbx_validate_symm_contact.auth_comp_id_1    HOH 
_pdbx_validate_symm_contact.auth_seq_id_1     156 
_pdbx_validate_symm_contact.PDB_ins_code_1    ? 
_pdbx_validate_symm_contact.label_alt_id_1    ? 
_pdbx_validate_symm_contact.site_symmetry_1   1_555 
_pdbx_validate_symm_contact.auth_atom_id_2    O 
_pdbx_validate_symm_contact.auth_asym_id_2    A 
_pdbx_validate_symm_contact.auth_comp_id_2    HOH 
_pdbx_validate_symm_contact.auth_seq_id_2     156 
_pdbx_validate_symm_contact.PDB_ins_code_2    ? 
_pdbx_validate_symm_contact.label_alt_id_2    ? 
_pdbx_validate_symm_contact.site_symmetry_2   3_656 
_pdbx_validate_symm_contact.dist              2.03 
# 
loop_
_pdbx_validate_rmsd_bond.id 
_pdbx_validate_rmsd_bond.PDB_model_num 
_pdbx_validate_rmsd_bond.auth_atom_id_1 
_pdbx_validate_rmsd_bond.auth_asym_id_1 
_pdbx_validate_rmsd_bond.auth_comp_id_1 
_pdbx_validate_rmsd_bond.auth_seq_id_1 
_pdbx_validate_rmsd_bond.PDB_ins_code_1 
_pdbx_validate_rmsd_bond.label_alt_id_1 
_pdbx_validate_rmsd_bond.auth_atom_id_2 
_pdbx_validate_rmsd_bond.auth_asym_id_2 
_pdbx_validate_rmsd_bond.auth_comp_id_2 
_pdbx_validate_rmsd_bond.auth_seq_id_2 
_pdbx_validate_rmsd_bond.PDB_ins_code_2 
_pdbx_validate_rmsd_bond.label_alt_id_2 
_pdbx_validate_rmsd_bond.bond_value 
_pdbx_validate_rmsd_bond.bond_target_value 
_pdbx_validate_rmsd_bond.bond_deviation 
_pdbx_validate_rmsd_bond.bond_standard_deviation 
_pdbx_validate_rmsd_bond.linker_flag 
1 1 CB  A VAL 31 ? ? CG1 A VAL 31 ? ? 1.397 1.524 -0.127 0.021 N 
2 1 C   A VAL 31 ? ? O   A VAL 31 ? ? 1.094 1.229 -0.135 0.019 N 
3 1 CD1 A TYR 52 ? ? CE1 A TYR 52 ? ? 1.482 1.389 0.093  0.015 N 
4 1 CB  A CYS 61 ? ? SG  A CYS 61 ? ? 1.656 1.812 -0.156 0.016 N 
5 1 C   A CYS 61 ? ? O   A CYS 61 ? ? 1.071 1.229 -0.158 0.019 N 
6 1 CD  A GLU 86 ? ? OE1 A GLU 86 ? ? 1.179 1.252 -0.073 0.011 N 
7 1 CG  A ASN 87 ? ? OD1 A ASN 87 ? ? 1.098 1.235 -0.137 0.022 N 
# 
loop_
_pdbx_validate_rmsd_angle.id 
_pdbx_validate_rmsd_angle.PDB_model_num 
_pdbx_validate_rmsd_angle.auth_atom_id_1 
_pdbx_validate_rmsd_angle.auth_asym_id_1 
_pdbx_validate_rmsd_angle.auth_comp_id_1 
_pdbx_validate_rmsd_angle.auth_seq_id_1 
_pdbx_validate_rmsd_angle.PDB_ins_code_1 
_pdbx_validate_rmsd_angle.label_alt_id_1 
_pdbx_validate_rmsd_angle.auth_atom_id_2 
_pdbx_validate_rmsd_angle.auth_asym_id_2 
_pdbx_validate_rmsd_angle.auth_comp_id_2 
_pdbx_validate_rmsd_angle.auth_seq_id_2 
_pdbx_validate_rmsd_angle.PDB_ins_code_2 
_pdbx_validate_rmsd_angle.label_alt_id_2 
_pdbx_validate_rmsd_angle.auth_atom_id_3 
_pdbx_validate_rmsd_angle.auth_asym_id_3 
_pdbx_validate_rmsd_angle.auth_comp_id_3 
_pdbx_validate_rmsd_angle.auth_seq_id_3 
_pdbx_validate_rmsd_angle.PDB_ins_code_3 
_pdbx_validate_rmsd_angle.label_alt_id_3 
_pdbx_validate_rmsd_angle.angle_value 
_pdbx_validate_rmsd_angle.angle_target_value 
_pdbx_validate_rmsd_angle.angle_deviation 
_pdbx_validate_rmsd_angle.angle_standard_deviation 
_pdbx_validate_rmsd_angle.linker_flag 
1 1 CA A CYS 61 ? ? CB A CYS 61 ? ? SG  A CYS 61 ? ? 122.31 114.20 8.11 1.10 N 
2 1 CB A ASP 67 ? ? CG A ASP 67 ? ? OD1 A ASP 67 ? ? 127.45 118.30 9.15 0.90 N 
# 
loop_
_pdbx_validate_torsion.id 
_pdbx_validate_torsion.PDB_model_num 
_pdbx_validate_torsion.auth_comp_id 
_pdbx_validate_torsion.auth_asym_id 
_pdbx_validate_torsion.auth_seq_id 
_pdbx_validate_torsion.PDB_ins_code 
_pdbx_validate_torsion.label_alt_id 
_pdbx_validate_torsion.phi 
_pdbx_validate_torsion.psi 
1 1 ALA A 24 ? ? -143.51 46.93   
2 1 ASP A 39 ? ? -171.03 -173.50 
3 1 ASN A 87 ? ? 53.07   -130.20 
# 
_pdbx_validate_peptide_omega.id               1 
_pdbx_validate_peptide_omega.PDB_model_num    1 
_pdbx_validate_peptide_omega.auth_comp_id_1   VAL 
_pdbx_validate_peptide_omega.auth_asym_id_1   A 
_pdbx_validate_peptide_omega.auth_seq_id_1    31 
_pdbx_validate_peptide_omega.PDB_ins_code_1   ? 
_pdbx_validate_peptide_omega.label_alt_id_1   ? 
_pdbx_validate_peptide_omega.auth_comp_id_2   LEU 
_pdbx_validate_peptide_omega.auth_asym_id_2   A 
_pdbx_validate_peptide_omega.auth_seq_id_2    32 
_pdbx_validate_peptide_omega.PDB_ins_code_2   ? 
_pdbx_validate_peptide_omega.label_alt_id_2   ? 
_pdbx_validate_peptide_omega.omega            -124.73 
# 
_pdbx_validate_planes.id              1 
_pdbx_validate_planes.PDB_model_num   1 
_pdbx_validate_planes.auth_comp_id    TYR 
_pdbx_validate_planes.auth_asym_id    A 
_pdbx_validate_planes.auth_seq_id     46 
_pdbx_validate_planes.PDB_ins_code    ? 
_pdbx_validate_planes.label_alt_id    ? 
_pdbx_validate_planes.rmsd            0.063 
_pdbx_validate_planes.type            'SIDE CHAIN' 
# 
loop_
_chem_comp_atom.comp_id 
_chem_comp_atom.atom_id 
_chem_comp_atom.type_symbol 
_chem_comp_atom.pdbx_aromatic_flag 
_chem_comp_atom.pdbx_stereo_config 
_chem_comp_atom.pdbx_ordinal 
ALA N    N N N 1   
ALA CA   C N S 2   
ALA C    C N N 3   
ALA O    O N N 4   
ALA CB   C N N 5   
ALA OXT  O N N 6   
ALA H    H N N 7   
ALA H2   H N N 8   
ALA HA   H N N 9   
ALA HB1  H N N 10  
ALA HB2  H N N 11  
ALA HB3  H N N 12  
ALA HXT  H N N 13  
ARG N    N N N 14  
ARG CA   C N S 15  
ARG C    C N N 16  
ARG O    O N N 17  
ARG CB   C N N 18  
ARG CG   C N N 19  
ARG CD   C N N 20  
ARG NE   N N N 21  
ARG CZ   C N N 22  
ARG NH1  N N N 23  
ARG NH2  N N N 24  
ARG OXT  O N N 25  
ARG H    H N N 26  
ARG H2   H N N 27  
ARG HA   H N N 28  
ARG HB2  H N N 29  
ARG HB3  H N N 30  
ARG HG2  H N N 31  
ARG HG3  H N N 32  
ARG HD2  H N N 33  
ARG HD3  H N N 34  
ARG HE   H N N 35  
ARG HH11 H N N 36  
ARG HH12 H N N 37  
ARG HH21 H N N 38  
ARG HH22 H N N 39  
ARG HXT  H N N 40  
ASN N    N N N 41  
ASN CA   C N S 42  
ASN C    C N N 43  
ASN O    O N N 44  
ASN CB   C N N 45  
ASN CG   C N N 46  
ASN OD1  O N N 47  
ASN ND2  N N N 48  
ASN OXT  O N N 49  
ASN H    H N N 50  
ASN H2   H N N 51  
ASN HA   H N N 52  
ASN HB2  H N N 53  
ASN HB3  H N N 54  
ASN HD21 H N N 55  
ASN HD22 H N N 56  
ASN HXT  H N N 57  
ASP N    N N N 58  
ASP CA   C N S 59  
ASP C    C N N 60  
ASP O    O N N 61  
ASP CB   C N N 62  
ASP CG   C N N 63  
ASP OD1  O N N 64  
ASP OD2  O N N 65  
ASP OXT  O N N 66  
ASP H    H N N 67  
ASP H2   H N N 68  
ASP HA   H N N 69  
ASP HB2  H N N 70  
ASP HB3  H N N 71  
ASP HD2  H N N 72  
ASP HXT  H N N 73  
CYS N    N N N 74  
CYS CA   C N R 75  
CYS C    C N N 76  
CYS O    O N N 77  
CYS CB   C N N 78  
CYS SG   S N N 79  
CYS OXT  O N N 80  
CYS H    H N N 81  
CYS H2   H N N 82  
CYS HA   H N N 83  
CYS HB2  H N N 84  
CYS HB3  H N N 85  
CYS HG   H N N 86  
CYS HXT  H N N 87  
GLN N    N N N 88  
GLN CA   C N S 89  
GLN C    C N N 90  
GLN O    O N N 91  
GLN CB   C N N 92  
GLN CG   C N N 93  
GLN CD   C N N 94  
GLN OE1  O N N 95  
GLN NE2  N N N 96  
GLN OXT  O N N 97  
GLN H    H N N 98  
GLN H2   H N N 99  
GLN HA   H N N 100 
GLN HB2  H N N 101 
GLN HB3  H N N 102 
GLN HG2  H N N 103 
GLN HG3  H N N 104 
GLN HE21 H N N 105 
GLN HE22 H N N 106 
GLN HXT  H N N 107 
GLU N    N N N 108 
GLU CA   C N S 109 
GLU C    C N N 110 
GLU O    O N N 111 
GLU CB   C N N 112 
GLU CG   C N N 113 
GLU CD   C N N 114 
GLU OE1  O N N 115 
GLU OE2  O N N 116 
GLU OXT  O N N 117 
GLU H    H N N 118 
GLU H2   H N N 119 
GLU HA   H N N 120 
GLU HB2  H N N 121 
GLU HB3  H N N 122 
GLU HG2  H N N 123 
GLU HG3  H N N 124 
GLU HE2  H N N 125 
GLU HXT  H N N 126 
GLY N    N N N 127 
GLY CA   C N N 128 
GLY C    C N N 129 
GLY O    O N N 130 
GLY OXT  O N N 131 
GLY H    H N N 132 
GLY H2   H N N 133 
GLY HA2  H N N 134 
GLY HA3  H N N 135 
GLY HXT  H N N 136 
HIS N    N N N 137 
HIS CA   C N S 138 
HIS C    C N N 139 
HIS O    O N N 140 
HIS CB   C N N 141 
HIS CG   C Y N 142 
HIS ND1  N Y N 143 
HIS CD2  C Y N 144 
HIS CE1  C Y N 145 
HIS NE2  N Y N 146 
HIS OXT  O N N 147 
HIS H    H N N 148 
HIS H2   H N N 149 
HIS HA   H N N 150 
HIS HB2  H N N 151 
HIS HB3  H N N 152 
HIS HD1  H N N 153 
HIS HD2  H N N 154 
HIS HE1  H N N 155 
HIS HE2  H N N 156 
HIS HXT  H N N 157 
HOH O    O N N 158 
HOH H1   H N N 159 
HOH H2   H N N 160 
ILE N    N N N 161 
ILE CA   C N S 162 
ILE C    C N N 163 
ILE O    O N N 164 
ILE CB   C N S 165 
ILE CG1  C N N 166 
ILE CG2  C N N 167 
ILE CD1  C N N 168 
ILE OXT  O N N 169 
ILE H    H N N 170 
ILE H2   H N N 171 
ILE HA   H N N 172 
ILE HB   H N N 173 
ILE HG12 H N N 174 
ILE HG13 H N N 175 
ILE HG21 H N N 176 
ILE HG22 H N N 177 
ILE HG23 H N N 178 
ILE HD11 H N N 179 
ILE HD12 H N N 180 
ILE HD13 H N N 181 
ILE HXT  H N N 182 
LEU N    N N N 183 
LEU CA   C N S 184 
LEU C    C N N 185 
LEU O    O N N 186 
LEU CB   C N N 187 
LEU CG   C N N 188 
LEU CD1  C N N 189 
LEU CD2  C N N 190 
LEU OXT  O N N 191 
LEU H    H N N 192 
LEU H2   H N N 193 
LEU HA   H N N 194 
LEU HB2  H N N 195 
LEU HB3  H N N 196 
LEU HG   H N N 197 
LEU HD11 H N N 198 
LEU HD12 H N N 199 
LEU HD13 H N N 200 
LEU HD21 H N N 201 
LEU HD22 H N N 202 
LEU HD23 H N N 203 
LEU HXT  H N N 204 
LYS N    N N N 205 
LYS CA   C N S 206 
LYS C    C N N 207 
LYS O    O N N 208 
LYS CB   C N N 209 
LYS CG   C N N 210 
LYS CD   C N N 211 
LYS CE   C N N 212 
LYS NZ   N N N 213 
LYS OXT  O N N 214 
LYS H    H N N 215 
LYS H2   H N N 216 
LYS HA   H N N 217 
LYS HB2  H N N 218 
LYS HB3  H N N 219 
LYS HG2  H N N 220 
LYS HG3  H N N 221 
LYS HD2  H N N 222 
LYS HD3  H N N 223 
LYS HE2  H N N 224 
LYS HE3  H N N 225 
LYS HZ1  H N N 226 
LYS HZ2  H N N 227 
LYS HZ3  H N N 228 
LYS HXT  H N N 229 
MET N    N N N 230 
MET CA   C N S 231 
MET C    C N N 232 
MET O    O N N 233 
MET CB   C N N 234 
MET CG   C N N 235 
MET SD   S N N 236 
MET CE   C N N 237 
MET OXT  O N N 238 
MET H    H N N 239 
MET H2   H N N 240 
MET HA   H N N 241 
MET HB2  H N N 242 
MET HB3  H N N 243 
MET HG2  H N N 244 
MET HG3  H N N 245 
MET HE1  H N N 246 
MET HE2  H N N 247 
MET HE3  H N N 248 
MET HXT  H N N 249 
PHE N    N N N 250 
PHE CA   C N S 251 
PHE C    C N N 252 
PHE O    O N N 253 
PHE CB   C N N 254 
PHE CG   C Y N 255 
PHE CD1  C Y N 256 
PHE CD2  C Y N 257 
PHE CE1  C Y N 258 
PHE CE2  C Y N 259 
PHE CZ   C Y N 260 
PHE OXT  O N N 261 
PHE H    H N N 262 
PHE H2   H N N 263 
PHE HA   H N N 264 
PHE HB2  H N N 265 
PHE HB3  H N N 266 
PHE HD1  H N N 267 
PHE HD2  H N N 268 
PHE HE1  H N N 269 
PHE HE2  H N N 270 
PHE HZ   H N N 271 
PHE HXT  H N N 272 
PRO N    N N N 273 
PRO CA   C N S 274 
PRO C    C N N 275 
PRO O    O N N 276 
PRO CB   C N N 277 
PRO CG   C N N 278 
PRO CD   C N N 279 
PRO OXT  O N N 280 
PRO H    H N N 281 
PRO HA   H N N 282 
PRO HB2  H N N 283 
PRO HB3  H N N 284 
PRO HG2  H N N 285 
PRO HG3  H N N 286 
PRO HD2  H N N 287 
PRO HD3  H N N 288 
PRO HXT  H N N 289 
SER N    N N N 290 
SER CA   C N S 291 
SER C    C N N 292 
SER O    O N N 293 
SER CB   C N N 294 
SER OG   O N N 295 
SER OXT  O N N 296 
SER H    H N N 297 
SER H2   H N N 298 
SER HA   H N N 299 
SER HB2  H N N 300 
SER HB3  H N N 301 
SER HG   H N N 302 
SER HXT  H N N 303 
THR N    N N N 304 
THR CA   C N S 305 
THR C    C N N 306 
THR O    O N N 307 
THR CB   C N R 308 
THR OG1  O N N 309 
THR CG2  C N N 310 
THR OXT  O N N 311 
THR H    H N N 312 
THR H2   H N N 313 
THR HA   H N N 314 
THR HB   H N N 315 
THR HG1  H N N 316 
THR HG21 H N N 317 
THR HG22 H N N 318 
THR HG23 H N N 319 
THR HXT  H N N 320 
TRP N    N N N 321 
TRP CA   C N S 322 
TRP C    C N N 323 
TRP O    O N N 324 
TRP CB   C N N 325 
TRP CG   C Y N 326 
TRP CD1  C Y N 327 
TRP CD2  C Y N 328 
TRP NE1  N Y N 329 
TRP CE2  C Y N 330 
TRP CE3  C Y N 331 
TRP CZ2  C Y N 332 
TRP CZ3  C Y N 333 
TRP CH2  C Y N 334 
TRP OXT  O N N 335 
TRP H    H N N 336 
TRP H2   H N N 337 
TRP HA   H N N 338 
TRP HB2  H N N 339 
TRP HB3  H N N 340 
TRP HD1  H N N 341 
TRP HE1  H N N 342 
TRP HE3  H N N 343 
TRP HZ2  H N N 344 
TRP HZ3  H N N 345 
TRP HH2  H N N 346 
TRP HXT  H N N 347 
TYR N    N N N 348 
TYR CA   C N S 349 
TYR C    C N N 350 
TYR O    O N N 351 
TYR CB   C N N 352 
TYR CG   C Y N 353 
TYR CD1  C Y N 354 
TYR CD2  C Y N 355 
TYR CE1  C Y N 356 
TYR CE2  C Y N 357 
TYR CZ   C Y N 358 
TYR OH   O N N 359 
TYR OXT  O N N 360 
TYR H    H N N 361 
TYR H2   H N N 362 
TYR HA   H N N 363 
TYR HB2  H N N 364 
TYR HB3  H N N 365 
TYR HD1  H N N 366 
TYR HD2  H N N 367 
TYR HE1  H N N 368 
TYR HE2  H N N 369 
TYR HH   H N N 370 
TYR HXT  H N N 371 
VAL N    N N N 372 
VAL CA   C N S 373 
VAL C    C N N 374 
VAL O    O N N 375 
VAL CB   C N N 376 
VAL CG1  C N N 377 
VAL CG2  C N N 378 
VAL OXT  O N N 379 
VAL H    H N N 380 
VAL H2   H N N 381 
VAL HA   H N N 382 
VAL HB   H N N 383 
VAL HG11 H N N 384 
VAL HG12 H N N 385 
VAL HG13 H N N 386 
VAL HG21 H N N 387 
VAL HG22 H N N 388 
VAL HG23 H N N 389 
VAL HXT  H N N 390 
# 
loop_
_chem_comp_bond.comp_id 
_chem_comp_bond.atom_id_1 
_chem_comp_bond.atom_id_2 
_chem_comp_bond.value_order 
_chem_comp_bond.pdbx_aromatic_flag 
_chem_comp_bond.pdbx_stereo_config 
_chem_comp_bond.pdbx_ordinal 
ALA N   CA   sing N N 1   
ALA N   H    sing N N 2   
ALA N   H2   sing N N 3   
ALA CA  C    sing N N 4   
ALA CA  CB   sing N N 5   
ALA CA  HA   sing N N 6   
ALA C   O    doub N N 7   
ALA C   OXT  sing N N 8   
ALA CB  HB1  sing N N 9   
ALA CB  HB2  sing N N 10  
ALA CB  HB3  sing N N 11  
ALA OXT HXT  sing N N 12  
ARG N   CA   sing N N 13  
ARG N   H    sing N N 14  
ARG N   H2   sing N N 15  
ARG CA  C    sing N N 16  
ARG CA  CB   sing N N 17  
ARG CA  HA   sing N N 18  
ARG C   O    doub N N 19  
ARG C   OXT  sing N N 20  
ARG CB  CG   sing N N 21  
ARG CB  HB2  sing N N 22  
ARG CB  HB3  sing N N 23  
ARG CG  CD   sing N N 24  
ARG CG  HG2  sing N N 25  
ARG CG  HG3  sing N N 26  
ARG CD  NE   sing N N 27  
ARG CD  HD2  sing N N 28  
ARG CD  HD3  sing N N 29  
ARG NE  CZ   sing N N 30  
ARG NE  HE   sing N N 31  
ARG CZ  NH1  sing N N 32  
ARG CZ  NH2  doub N N 33  
ARG NH1 HH11 sing N N 34  
ARG NH1 HH12 sing N N 35  
ARG NH2 HH21 sing N N 36  
ARG NH2 HH22 sing N N 37  
ARG OXT HXT  sing N N 38  
ASN N   CA   sing N N 39  
ASN N   H    sing N N 40  
ASN N   H2   sing N N 41  
ASN CA  C    sing N N 42  
ASN CA  CB   sing N N 43  
ASN CA  HA   sing N N 44  
ASN C   O    doub N N 45  
ASN C   OXT  sing N N 46  
ASN CB  CG   sing N N 47  
ASN CB  HB2  sing N N 48  
ASN CB  HB3  sing N N 49  
ASN CG  OD1  doub N N 50  
ASN CG  ND2  sing N N 51  
ASN ND2 HD21 sing N N 52  
ASN ND2 HD22 sing N N 53  
ASN OXT HXT  sing N N 54  
ASP N   CA   sing N N 55  
ASP N   H    sing N N 56  
ASP N   H2   sing N N 57  
ASP CA  C    sing N N 58  
ASP CA  CB   sing N N 59  
ASP CA  HA   sing N N 60  
ASP C   O    doub N N 61  
ASP C   OXT  sing N N 62  
ASP CB  CG   sing N N 63  
ASP CB  HB2  sing N N 64  
ASP CB  HB3  sing N N 65  
ASP CG  OD1  doub N N 66  
ASP CG  OD2  sing N N 67  
ASP OD2 HD2  sing N N 68  
ASP OXT HXT  sing N N 69  
CYS N   CA   sing N N 70  
CYS N   H    sing N N 71  
CYS N   H2   sing N N 72  
CYS CA  C    sing N N 73  
CYS CA  CB   sing N N 74  
CYS CA  HA   sing N N 75  
CYS C   O    doub N N 76  
CYS C   OXT  sing N N 77  
CYS CB  SG   sing N N 78  
CYS CB  HB2  sing N N 79  
CYS CB  HB3  sing N N 80  
CYS SG  HG   sing N N 81  
CYS OXT HXT  sing N N 82  
GLN N   CA   sing N N 83  
GLN N   H    sing N N 84  
GLN N   H2   sing N N 85  
GLN CA  C    sing N N 86  
GLN CA  CB   sing N N 87  
GLN CA  HA   sing N N 88  
GLN C   O    doub N N 89  
GLN C   OXT  sing N N 90  
GLN CB  CG   sing N N 91  
GLN CB  HB2  sing N N 92  
GLN CB  HB3  sing N N 93  
GLN CG  CD   sing N N 94  
GLN CG  HG2  sing N N 95  
GLN CG  HG3  sing N N 96  
GLN CD  OE1  doub N N 97  
GLN CD  NE2  sing N N 98  
GLN NE2 HE21 sing N N 99  
GLN NE2 HE22 sing N N 100 
GLN OXT HXT  sing N N 101 
GLU N   CA   sing N N 102 
GLU N   H    sing N N 103 
GLU N   H2   sing N N 104 
GLU CA  C    sing N N 105 
GLU CA  CB   sing N N 106 
GLU CA  HA   sing N N 107 
GLU C   O    doub N N 108 
GLU C   OXT  sing N N 109 
GLU CB  CG   sing N N 110 
GLU CB  HB2  sing N N 111 
GLU CB  HB3  sing N N 112 
GLU CG  CD   sing N N 113 
GLU CG  HG2  sing N N 114 
GLU CG  HG3  sing N N 115 
GLU CD  OE1  doub N N 116 
GLU CD  OE2  sing N N 117 
GLU OE2 HE2  sing N N 118 
GLU OXT HXT  sing N N 119 
GLY N   CA   sing N N 120 
GLY N   H    sing N N 121 
GLY N   H2   sing N N 122 
GLY CA  C    sing N N 123 
GLY CA  HA2  sing N N 124 
GLY CA  HA3  sing N N 125 
GLY C   O    doub N N 126 
GLY C   OXT  sing N N 127 
GLY OXT HXT  sing N N 128 
HIS N   CA   sing N N 129 
HIS N   H    sing N N 130 
HIS N   H2   sing N N 131 
HIS CA  C    sing N N 132 
HIS CA  CB   sing N N 133 
HIS CA  HA   sing N N 134 
HIS C   O    doub N N 135 
HIS C   OXT  sing N N 136 
HIS CB  CG   sing N N 137 
HIS CB  HB2  sing N N 138 
HIS CB  HB3  sing N N 139 
HIS CG  ND1  sing Y N 140 
HIS CG  CD2  doub Y N 141 
HIS ND1 CE1  doub Y N 142 
HIS ND1 HD1  sing N N 143 
HIS CD2 NE2  sing Y N 144 
HIS CD2 HD2  sing N N 145 
HIS CE1 NE2  sing Y N 146 
HIS CE1 HE1  sing N N 147 
HIS NE2 HE2  sing N N 148 
HIS OXT HXT  sing N N 149 
HOH O   H1   sing N N 150 
HOH O   H2   sing N N 151 
ILE N   CA   sing N N 152 
ILE N   H    sing N N 153 
ILE N   H2   sing N N 154 
ILE CA  C    sing N N 155 
ILE CA  CB   sing N N 156 
ILE CA  HA   sing N N 157 
ILE C   O    doub N N 158 
ILE C   OXT  sing N N 159 
ILE CB  CG1  sing N N 160 
ILE CB  CG2  sing N N 161 
ILE CB  HB   sing N N 162 
ILE CG1 CD1  sing N N 163 
ILE CG1 HG12 sing N N 164 
ILE CG1 HG13 sing N N 165 
ILE CG2 HG21 sing N N 166 
ILE CG2 HG22 sing N N 167 
ILE CG2 HG23 sing N N 168 
ILE CD1 HD11 sing N N 169 
ILE CD1 HD12 sing N N 170 
ILE CD1 HD13 sing N N 171 
ILE OXT HXT  sing N N 172 
LEU N   CA   sing N N 173 
LEU N   H    sing N N 174 
LEU N   H2   sing N N 175 
LEU CA  C    sing N N 176 
LEU CA  CB   sing N N 177 
LEU CA  HA   sing N N 178 
LEU C   O    doub N N 179 
LEU C   OXT  sing N N 180 
LEU CB  CG   sing N N 181 
LEU CB  HB2  sing N N 182 
LEU CB  HB3  sing N N 183 
LEU CG  CD1  sing N N 184 
LEU CG  CD2  sing N N 185 
LEU CG  HG   sing N N 186 
LEU CD1 HD11 sing N N 187 
LEU CD1 HD12 sing N N 188 
LEU CD1 HD13 sing N N 189 
LEU CD2 HD21 sing N N 190 
LEU CD2 HD22 sing N N 191 
LEU CD2 HD23 sing N N 192 
LEU OXT HXT  sing N N 193 
LYS N   CA   sing N N 194 
LYS N   H    sing N N 195 
LYS N   H2   sing N N 196 
LYS CA  C    sing N N 197 
LYS CA  CB   sing N N 198 
LYS CA  HA   sing N N 199 
LYS C   O    doub N N 200 
LYS C   OXT  sing N N 201 
LYS CB  CG   sing N N 202 
LYS CB  HB2  sing N N 203 
LYS CB  HB3  sing N N 204 
LYS CG  CD   sing N N 205 
LYS CG  HG2  sing N N 206 
LYS CG  HG3  sing N N 207 
LYS CD  CE   sing N N 208 
LYS CD  HD2  sing N N 209 
LYS CD  HD3  sing N N 210 
LYS CE  NZ   sing N N 211 
LYS CE  HE2  sing N N 212 
LYS CE  HE3  sing N N 213 
LYS NZ  HZ1  sing N N 214 
LYS NZ  HZ2  sing N N 215 
LYS NZ  HZ3  sing N N 216 
LYS OXT HXT  sing N N 217 
MET N   CA   sing N N 218 
MET N   H    sing N N 219 
MET N   H2   sing N N 220 
MET CA  C    sing N N 221 
MET CA  CB   sing N N 222 
MET CA  HA   sing N N 223 
MET C   O    doub N N 224 
MET C   OXT  sing N N 225 
MET CB  CG   sing N N 226 
MET CB  HB2  sing N N 227 
MET CB  HB3  sing N N 228 
MET CG  SD   sing N N 229 
MET CG  HG2  sing N N 230 
MET CG  HG3  sing N N 231 
MET SD  CE   sing N N 232 
MET CE  HE1  sing N N 233 
MET CE  HE2  sing N N 234 
MET CE  HE3  sing N N 235 
MET OXT HXT  sing N N 236 
PHE N   CA   sing N N 237 
PHE N   H    sing N N 238 
PHE N   H2   sing N N 239 
PHE CA  C    sing N N 240 
PHE CA  CB   sing N N 241 
PHE CA  HA   sing N N 242 
PHE C   O    doub N N 243 
PHE C   OXT  sing N N 244 
PHE CB  CG   sing N N 245 
PHE CB  HB2  sing N N 246 
PHE CB  HB3  sing N N 247 
PHE CG  CD1  doub Y N 248 
PHE CG  CD2  sing Y N 249 
PHE CD1 CE1  sing Y N 250 
PHE CD1 HD1  sing N N 251 
PHE CD2 CE2  doub Y N 252 
PHE CD2 HD2  sing N N 253 
PHE CE1 CZ   doub Y N 254 
PHE CE1 HE1  sing N N 255 
PHE CE2 CZ   sing Y N 256 
PHE CE2 HE2  sing N N 257 
PHE CZ  HZ   sing N N 258 
PHE OXT HXT  sing N N 259 
PRO N   CA   sing N N 260 
PRO N   CD   sing N N 261 
PRO N   H    sing N N 262 
PRO CA  C    sing N N 263 
PRO CA  CB   sing N N 264 
PRO CA  HA   sing N N 265 
PRO C   O    doub N N 266 
PRO C   OXT  sing N N 267 
PRO CB  CG   sing N N 268 
PRO CB  HB2  sing N N 269 
PRO CB  HB3  sing N N 270 
PRO CG  CD   sing N N 271 
PRO CG  HG2  sing N N 272 
PRO CG  HG3  sing N N 273 
PRO CD  HD2  sing N N 274 
PRO CD  HD3  sing N N 275 
PRO OXT HXT  sing N N 276 
SER N   CA   sing N N 277 
SER N   H    sing N N 278 
SER N   H2   sing N N 279 
SER CA  C    sing N N 280 
SER CA  CB   sing N N 281 
SER CA  HA   sing N N 282 
SER C   O    doub N N 283 
SER C   OXT  sing N N 284 
SER CB  OG   sing N N 285 
SER CB  HB2  sing N N 286 
SER CB  HB3  sing N N 287 
SER OG  HG   sing N N 288 
SER OXT HXT  sing N N 289 
THR N   CA   sing N N 290 
THR N   H    sing N N 291 
THR N   H2   sing N N 292 
THR CA  C    sing N N 293 
THR CA  CB   sing N N 294 
THR CA  HA   sing N N 295 
THR C   O    doub N N 296 
THR C   OXT  sing N N 297 
THR CB  OG1  sing N N 298 
THR CB  CG2  sing N N 299 
THR CB  HB   sing N N 300 
THR OG1 HG1  sing N N 301 
THR CG2 HG21 sing N N 302 
THR CG2 HG22 sing N N 303 
THR CG2 HG23 sing N N 304 
THR OXT HXT  sing N N 305 
TRP N   CA   sing N N 306 
TRP N   H    sing N N 307 
TRP N   H2   sing N N 308 
TRP CA  C    sing N N 309 
TRP CA  CB   sing N N 310 
TRP CA  HA   sing N N 311 
TRP C   O    doub N N 312 
TRP C   OXT  sing N N 313 
TRP CB  CG   sing N N 314 
TRP CB  HB2  sing N N 315 
TRP CB  HB3  sing N N 316 
TRP CG  CD1  doub Y N 317 
TRP CG  CD2  sing Y N 318 
TRP CD1 NE1  sing Y N 319 
TRP CD1 HD1  sing N N 320 
TRP CD2 CE2  doub Y N 321 
TRP CD2 CE3  sing Y N 322 
TRP NE1 CE2  sing Y N 323 
TRP NE1 HE1  sing N N 324 
TRP CE2 CZ2  sing Y N 325 
TRP CE3 CZ3  doub Y N 326 
TRP CE3 HE3  sing N N 327 
TRP CZ2 CH2  doub Y N 328 
TRP CZ2 HZ2  sing N N 329 
TRP CZ3 CH2  sing Y N 330 
TRP CZ3 HZ3  sing N N 331 
TRP CH2 HH2  sing N N 332 
TRP OXT HXT  sing N N 333 
TYR N   CA   sing N N 334 
TYR N   H    sing N N 335 
TYR N   H2   sing N N 336 
TYR CA  C    sing N N 337 
TYR CA  CB   sing N N 338 
TYR CA  HA   sing N N 339 
TYR C   O    doub N N 340 
TYR C   OXT  sing N N 341 
TYR CB  CG   sing N N 342 
TYR CB  HB2  sing N N 343 
TYR CB  HB3  sing N N 344 
TYR CG  CD1  doub Y N 345 
TYR CG  CD2  sing Y N 346 
TYR CD1 CE1  sing Y N 347 
TYR CD1 HD1  sing N N 348 
TYR CD2 CE2  doub Y N 349 
TYR CD2 HD2  sing N N 350 
TYR CE1 CZ   doub Y N 351 
TYR CE1 HE1  sing N N 352 
TYR CE2 CZ   sing Y N 353 
TYR CE2 HE2  sing N N 354 
TYR CZ  OH   sing N N 355 
TYR OH  HH   sing N N 356 
TYR OXT HXT  sing N N 357 
VAL N   CA   sing N N 358 
VAL N   H    sing N N 359 
VAL N   H2   sing N N 360 
VAL CA  C    sing N N 361 
VAL CA  CB   sing N N 362 
VAL CA  HA   sing N N 363 
VAL C   O    doub N N 364 
VAL C   OXT  sing N N 365 
VAL CB  CG1  sing N N 366 
VAL CB  CG2  sing N N 367 
VAL CB  HB   sing N N 368 
VAL CG1 HG11 sing N N 369 
VAL CG1 HG12 sing N N 370 
VAL CG1 HG13 sing N N 371 
VAL CG2 HG21 sing N N 372 
VAL CG2 HG22 sing N N 373 
VAL CG2 HG23 sing N N 374 
VAL OXT HXT  sing N N 375 
# 
_pdbx_initial_refinement_model.id               1 
_pdbx_initial_refinement_model.entity_id_list   ? 
_pdbx_initial_refinement_model.type             'experimental model' 
_pdbx_initial_refinement_model.source_name      PDB 
_pdbx_initial_refinement_model.accession_code   3HZD 
_pdbx_initial_refinement_model.details          'PDB entry 3HZD' 
# 
_atom_sites.entry_id                    3I3I 
_atom_sites.fract_transf_matrix[1][1]   -0.00424672 
_atom_sites.fract_transf_matrix[1][2]   0.01159987 
_atom_sites.fract_transf_matrix[1][3]   0.01213333 
_atom_sites.fract_transf_matrix[2][1]   -0.00311108 
_atom_sites.fract_transf_matrix[2][2]   0.00818327 
_atom_sites.fract_transf_matrix[2][3]   -0.00891237 
_atom_sites.fract_transf_matrix[3][1]   -0.01385434 
_atom_sites.fract_transf_matrix[3][2]   -0.00516762 
_atom_sites.fract_transf_matrix[3][3]   0.00009133 
_atom_sites.fract_transf_vector[1]      0.337889 
_atom_sites.fract_transf_vector[2]      0.142556 
_atom_sites.fract_transf_vector[3]      0.449027 
# 
loop_
_atom_type.symbol 
C 
N 
O 
S 
# 
loop_
_atom_site.group_PDB 
_atom_site.id 
_atom_site.type_symbol 
_atom_site.label_atom_id 
_atom_site.label_alt_id 
_atom_site.label_comp_id 
_atom_site.label_asym_id 
_atom_site.label_entity_id 
_atom_site.label_seq_id 
_atom_site.pdbx_PDB_ins_code 
_atom_site.Cartn_x 
_atom_site.Cartn_y 
_atom_site.Cartn_z 
_atom_site.occupancy 
_atom_site.B_iso_or_equiv 
_atom_site.pdbx_formal_charge 
_atom_site.auth_seq_id 
_atom_site.auth_comp_id 
_atom_site.auth_asym_id 
_atom_site.auth_atom_id 
_atom_site.pdbx_PDB_model_num 
ATOM   1    N N   . SER A 1 1   ? 9.805   -5.179  -0.300  1.00 21.77 ? 1   SER A N   1 
ATOM   2    C CA  . SER A 1 1   ? 9.208   -5.952  0.848   1.00 23.91 ? 1   SER A CA  1 
ATOM   3    C C   . SER A 1 1   ? 8.426   -5.021  1.768   1.00 23.31 ? 1   SER A C   1 
ATOM   4    O O   . SER A 1 1   ? 8.432   -3.836  1.552   1.00 20.95 ? 1   SER A O   1 
ATOM   5    C CB  . SER A 1 1   ? 10.324  -6.606  1.687   1.00 25.70 ? 1   SER A CB  1 
ATOM   6    O OG  . SER A 1 1   ? 11.054  -5.678  2.477   1.00 23.95 ? 1   SER A OG  1 
ATOM   7    N N   . LEU A 1 2   ? 7.873   -5.565  2.844   1.00 24.48 ? 2   LEU A N   1 
ATOM   8    C CA  . LEU A 1 2   ? 7.099   -4.764  3.788   1.00 28.96 ? 2   LEU A CA  1 
ATOM   9    C C   . LEU A 1 2   ? 7.973   -3.709  4.431   1.00 23.08 ? 2   LEU A C   1 
ATOM   10   O O   . LEU A 1 2   ? 7.503   -2.655  4.864   1.00 22.54 ? 2   LEU A O   1 
ATOM   11   C CB  . LEU A 1 2   ? 6.440   -5.673  4.835   1.00 27.68 ? 2   LEU A CB  1 
ATOM   12   C CG  . LEU A 1 2   ? 5.284   -6.553  4.355   1.00 32.58 ? 2   LEU A CG  1 
ATOM   13   C CD1 . LEU A 1 2   ? 4.801   -7.384  5.508   1.00 46.06 ? 2   LEU A CD1 1 
ATOM   14   C CD2 . LEU A 1 2   ? 4.124   -5.756  3.804   1.00 34.56 ? 2   LEU A CD2 1 
ATOM   15   N N   . PHE A 1 3   ? 9.281   -3.981  4.488   1.00 22.06 ? 3   PHE A N   1 
ATOM   16   C CA  . PHE A 1 3   ? 10.167  -2.966  5.098   1.00 21.67 ? 3   PHE A CA  1 
ATOM   17   C C   . PHE A 1 3   ? 10.205  -1.668  4.213   1.00 25.41 ? 3   PHE A C   1 
ATOM   18   O O   . PHE A 1 3   ? 10.120  -0.570  4.746   1.00 22.20 ? 3   PHE A O   1 
ATOM   19   C CB  . PHE A 1 3   ? 11.592  -3.511  5.200   1.00 26.40 ? 3   PHE A CB  1 
ATOM   20   C CG  . PHE A 1 3   ? 11.688  -4.666  6.134   1.00 42.78 ? 3   PHE A CG  1 
ATOM   21   C CD1 . PHE A 1 3   ? 12.078  -5.932  5.667   1.00 79.67 ? 3   PHE A CD1 1 
ATOM   22   C CD2 . PHE A 1 3   ? 11.311  -4.514  7.482   1.00 82.76 ? 3   PHE A CD2 1 
ATOM   23   C CE1 . PHE A 1 3   ? 12.092  -7.037  6.521   1.00 74.66 ? 3   PHE A CE1 1 
ATOM   24   C CE2 . PHE A 1 3   ? 11.319  -5.617  8.360   1.00 81.17 ? 3   PHE A CE2 1 
ATOM   25   C CZ  . PHE A 1 3   ? 11.712  -6.883  7.877   1.00 84.99 ? 3   PHE A CZ  1 
ATOM   26   N N   . GLU A 1 4   ? 10.464  -1.808  2.907   1.00 21.75 ? 4   GLU A N   1 
ATOM   27   C CA  . GLU A 1 4   ? 10.498  -0.618  2.033   1.00 20.99 ? 4   GLU A CA  1 
ATOM   28   C C   . GLU A 1 4   ? 9.107   0.043   2.043   1.00 17.34 ? 4   GLU A C   1 
ATOM   29   O O   . GLU A 1 4   ? 8.977   1.239   2.087   1.00 17.75 ? 4   GLU A O   1 
ATOM   30   C CB  . GLU A 1 4   ? 10.820  -1.036  0.603   1.00 21.67 ? 4   GLU A CB  1 
ATOM   31   C CG  . GLU A 1 4   ? 12.320  -1.453  0.466   1.00 25.36 ? 4   GLU A CG  1 
ATOM   32   C CD  . GLU A 1 4   ? 12.586  -2.890  0.900   1.00 29.45 ? 4   GLU A CD  1 
ATOM   33   O OE1 . GLU A 1 4   ? 11.699  -3.757  1.041   1.00 27.45 ? 4   GLU A OE1 1 
ATOM   34   O OE2 . GLU A 1 4   ? 13.767  -3.175  1.111   1.00 31.71 ? 4   GLU A OE2 1 
ATOM   35   N N   . LEU A 1 5   ? 8.090   -0.785  1.899   1.00 17.19 ? 5   LEU A N   1 
ATOM   36   C CA  . LEU A 1 5   ? 6.703   -0.242  1.815   1.00 19.32 ? 5   LEU A CA  1 
ATOM   37   C C   . LEU A 1 5   ? 6.367   0.527   3.051   1.00 16.55 ? 5   LEU A C   1 
ATOM   38   O O   . LEU A 1 5   ? 5.857   1.665   2.980   1.00 16.02 ? 5   LEU A O   1 
ATOM   39   C CB  . LEU A 1 5   ? 5.742   -1.411  1.592   1.00 15.70 ? 5   LEU A CB  1 
ATOM   40   C CG  . LEU A 1 5   ? 4.231   -1.018  1.783   1.00 16.60 ? 5   LEU A CG  1 
ATOM   41   C CD1 . LEU A 1 5   ? 3.790   0.065   0.658   1.00 16.35 ? 5   LEU A CD1 1 
ATOM   42   C CD2 . LEU A 1 5   ? 3.318   -2.228  1.620   1.00 17.35 ? 5   LEU A CD2 1 
ATOM   43   N N   . GLY A 1 6   ? 6.772   -0.019  4.201   1.00 18.41 ? 6   GLY A N   1 
ATOM   44   C CA  . GLY A 1 6   ? 6.446   0.620   5.506   1.00 15.15 ? 6   GLY A CA  1 
ATOM   45   C C   . GLY A 1 6   ? 7.206   1.918   5.630   1.00 20.87 ? 6   GLY A C   1 
ATOM   46   O O   . GLY A 1 6   ? 6.684   2.925   6.063   1.00 20.67 ? 6   GLY A O   1 
ATOM   47   N N   . LYS A 1 7   ? 8.460   1.900   5.236   1.00 18.45 ? 7   LYS A N   1 
ATOM   48   C CA  . LYS A 1 7   ? 9.292   3.078   5.279   1.00 18.83 ? 7   LYS A CA  1 
ATOM   49   C C   . LYS A 1 7   ? 8.710   4.174   4.327   1.00 20.62 ? 7   LYS A C   1 
ATOM   50   O O   . LYS A 1 7   ? 8.653   5.319   4.662   1.00 16.05 ? 7   LYS A O   1 
ATOM   51   C CB  . LYS A 1 7   ? 10.730  2.757   4.816   1.00 19.61 ? 7   LYS A CB  1 
ATOM   52   C CG  . LYS A 1 7   ? 11.620  4.001   5.014   1.00 23.10 ? 7   LYS A CG  1 
ATOM   53   C CD  . LYS A 1 7   ? 13.168  3.513   4.881   1.00 29.44 ? 7   LYS A CD  1 
ATOM   54   C CE  . LYS A 1 7   ? 14.059  4.696   5.144   1.00 42.51 ? 7   LYS A CE  1 
ATOM   55   N NZ  . LYS A 1 7   ? 15.434  4.460   4.659   1.00 61.89 ? 7   LYS A NZ  1 
ATOM   56   N N   . MET A 1 8   ? 8.309   3.808   3.115   1.00 16.68 ? 8   MET A N   1 
ATOM   57   C CA  . MET A 1 8   ? 7.695   4.836   2.190   1.00 16.10 ? 8   MET A CA  1 
ATOM   58   C C   . MET A 1 8   ? 6.409   5.472   2.787   1.00 18.11 ? 8   MET A C   1 
ATOM   59   O O   . MET A 1 8   ? 6.200   6.613   2.642   1.00 15.10 ? 8   MET A O   1 
ATOM   60   C CB  . MET A 1 8   ? 7.246   4.188   0.834   1.00 14.74 ? 8   MET A CB  1 
ATOM   61   C CG  . MET A 1 8   ? 8.464   3.716   0.045   1.00 14.32 ? 8   MET A CG  1 
ATOM   62   S SD  . MET A 1 8   ? 7.734   3.046   -1.585  1.00 17.22 ? 8   MET A SD  1 
ATOM   63   C CE  . MET A 1 8   ? 9.260   2.540   -2.432  1.00 18.22 ? 8   MET A CE  1 
ATOM   64   N N   . ILE A 1 9   ? 5.556   4.674   3.398   1.00 14.61 ? 9   ILE A N   1 
ATOM   65   C CA  . ILE A 1 9   ? 4.330   5.216   3.961   1.00 16.94 ? 9   ILE A CA  1 
ATOM   66   C C   . ILE A 1 9   ? 4.708   6.177   5.091   1.00 18.45 ? 9   ILE A C   1 
ATOM   67   O O   . ILE A 1 9   ? 4.111   7.230   5.237   1.00 17.30 ? 9   ILE A O   1 
ATOM   68   C CB  . ILE A 1 9   ? 3.516   4.069   4.502   1.00 15.07 ? 9   ILE A CB  1 
ATOM   69   C CG1 . ILE A 1 9   ? 2.982   3.260   3.284   1.00 16.00 ? 9   ILE A CG1 1 
ATOM   70   C CG2 . ILE A 1 9   ? 2.355   4.539   5.402   1.00 14.95 ? 9   ILE A CG2 1 
ATOM   71   C CD1 . ILE A 1 9   ? 2.142   2.050   3.761   1.00 19.45 ? 9   ILE A CD1 1 
ATOM   72   N N   . LEU A 1 10  ? 5.695   5.807   5.873   1.00 13.02 ? 10  LEU A N   1 
ATOM   73   C CA  . LEU A 1 10  ? 6.103   6.697   6.951   1.00 16.86 ? 10  LEU A CA  1 
ATOM   74   C C   . LEU A 1 10  ? 6.712   8.009   6.338   1.00 19.53 ? 10  LEU A C   1 
ATOM   75   O O   . LEU A 1 10  ? 6.404   9.143   6.799   1.00 17.94 ? 10  LEU A O   1 
ATOM   76   C CB  . LEU A 1 10  ? 7.182   5.972   7.817   1.00 17.23 ? 10  LEU A CB  1 
ATOM   77   C CG  . LEU A 1 10  ? 7.905   6.935   8.763   1.00 23.58 ? 10  LEU A CG  1 
ATOM   78   C CD1 . LEU A 1 10  ? 6.798   7.503   9.887   1.00 26.29 ? 10  LEU A CD1 1 
ATOM   79   C CD2 . LEU A 1 10  ? 9.071   6.150   9.475   1.00 23.17 ? 10  LEU A CD2 1 
ATOM   80   N N   . GLN A 1 11  ? 7.515   7.920   5.278   1.00 15.05 ? 11  GLN A N   1 
ATOM   81   C CA  . GLN A 1 11  ? 8.149   9.103   4.675   1.00 17.33 ? 11  GLN A CA  1 
ATOM   82   C C   . GLN A 1 11  ? 7.106   10.049  4.084   1.00 22.87 ? 11  GLN A C   1 
ATOM   83   O O   . GLN A 1 11  ? 7.250   11.277  4.244   1.00 18.65 ? 11  GLN A O   1 
ATOM   84   C CB  . GLN A 1 11  ? 9.162   8.733   3.532   1.00 17.84 ? 11  GLN A CB  1 
ATOM   85   C CG  . GLN A 1 11  ? 10.487  8.112   4.102   1.00 23.38 ? 11  GLN A CG  1 
ATOM   86   C CD  . GLN A 1 11  ? 11.343  7.414   3.044   1.00 22.68 ? 11  GLN A CD  1 
ATOM   87   O OE1 . GLN A 1 11  ? 12.575  7.572   3.007   1.00 32.76 ? 11  GLN A OE1 1 
ATOM   88   N NE2 . GLN A 1 11  ? 10.708  6.679   2.225   1.00 23.57 ? 11  GLN A NE2 1 
ATOM   89   N N   . GLU A 1 12  ? 6.079   9.492   3.404   1.00 16.61 ? 12  GLU A N   1 
ATOM   90   C CA  . GLU A 1 12  ? 5.065   10.322  2.806   1.00 17.53 ? 12  GLU A CA  1 
ATOM   91   C C   . GLU A 1 12  ? 4.044   10.877  3.827   1.00 18.10 ? 12  GLU A C   1 
ATOM   92   O O   . GLU A 1 12  ? 3.717   12.078  3.791   1.00 21.24 ? 12  GLU A O   1 
ATOM   93   C CB  . GLU A 1 12  ? 4.223   9.530   1.735   1.00 20.01 ? 12  GLU A CB  1 
ATOM   94   C CG  . GLU A 1 12  ? 5.100   9.299   0.489   1.00 16.16 ? 12  GLU A CG  1 
ATOM   95   C CD  . GLU A 1 12  ? 5.229   10.564  -0.387  1.00 18.56 ? 12  GLU A CD  1 
ATOM   96   O OE1 . GLU A 1 12  ? 4.259   11.343  -0.517  1.00 22.54 ? 12  GLU A OE1 1 
ATOM   97   O OE2 . GLU A 1 12  ? 6.306   10.717  -1.063  1.00 20.53 ? 12  GLU A OE2 1 
ATOM   98   N N   . THR A 1 13  ? 3.518   9.949   4.647   1.00 17.15 ? 13  THR A N   1 
ATOM   99   C CA  . THR A 1 13  ? 2.394   10.334  5.530   1.00 19.24 ? 13  THR A CA  1 
ATOM   100  C C   . THR A 1 13  ? 2.810   10.812  6.880   1.00 17.49 ? 13  THR A C   1 
ATOM   101  O O   . THR A 1 13  ? 2.000   11.505  7.587   1.00 22.76 ? 13  THR A O   1 
ATOM   102  C CB  . THR A 1 13  ? 1.387   9.189   5.818   1.00 17.16 ? 13  THR A CB  1 
ATOM   103  O OG1 . THR A 1 13  ? 2.021   8.169   6.604   1.00 19.04 ? 13  THR A OG1 1 
ATOM   104  C CG2 . THR A 1 13  ? 0.822   8.523   4.480   1.00 16.14 ? 13  THR A CG2 1 
ATOM   105  N N   . GLY A 1 14  ? 4.011   10.461  7.340   1.00 16.83 ? 15  GLY A N   1 
ATOM   106  C CA  . GLY A 1 14  ? 4.373   10.808  8.725   1.00 18.64 ? 15  GLY A CA  1 
ATOM   107  C C   . GLY A 1 14  ? 3.698   9.925   9.783   1.00 28.36 ? 15  GLY A C   1 
ATOM   108  O O   . GLY A 1 14  ? 3.908   10.054  10.966  1.00 24.78 ? 15  GLY A O   1 
ATOM   109  N N   . LYS A 1 15  ? 2.906   8.971   9.371   1.00 19.27 ? 16  LYS A N   1 
ATOM   110  C CA  . LYS A 1 15  ? 2.227   8.045   10.304  1.00 21.12 ? 16  LYS A CA  1 
ATOM   111  C C   . LYS A 1 15  ? 2.958   6.698   10.478  1.00 25.05 ? 16  LYS A C   1 
ATOM   112  O O   . LYS A 1 15  ? 3.594   6.223   9.557   1.00 23.96 ? 16  LYS A O   1 
ATOM   113  C CB  . LYS A 1 15  ? 0.845   7.681   9.788   1.00 21.66 ? 16  LYS A CB  1 
ATOM   114  C CG  . LYS A 1 15  ? -0.212  8.847   9.727   1.00 27.55 ? 16  LYS A CG  1 
ATOM   115  C CD  . LYS A 1 15  ? -1.405  8.351   8.895   1.00 44.32 ? 16  LYS A CD  1 
ATOM   116  C CE  . LYS A 1 15  ? -2.822  8.680   9.425   1.00 41.34 ? 16  LYS A CE  1 
ATOM   117  N NZ  . LYS A 1 15  ? -3.169  8.063   10.769  1.00 67.78 ? 16  LYS A NZ  1 
ATOM   118  N N   . ASN A 1 16  ? 2.786   6.056   11.642  1.00 23.35 ? 17  ASN A N   1 
ATOM   119  C CA  . ASN A 1 16  ? 3.348   4.710   11.940  1.00 23.24 ? 17  ASN A CA  1 
ATOM   120  C C   . ASN A 1 16  ? 2.518   3.821   10.995  1.00 19.86 ? 17  ASN A C   1 
ATOM   121  O O   . ASN A 1 16  ? 1.307   3.742   11.131  1.00 22.87 ? 17  ASN A O   1 
ATOM   122  C CB  . ASN A 1 16  ? 2.954   4.361   13.391  1.00 30.82 ? 17  ASN A CB  1 
ATOM   123  C CG  . ASN A 1 16  ? 3.428   3.004   13.767  1.00 43.88 ? 17  ASN A CG  1 
ATOM   124  O OD1 . ASN A 1 16  ? 3.020   2.025   13.174  1.00 29.88 ? 17  ASN A OD1 1 
ATOM   125  N ND2 . ASN A 1 16  ? 4.308   2.934   14.731  1.00 61.36 ? 17  ASN A ND2 1 
ATOM   126  N N   . PRO A 1 17  ? 3.147   3.176   10.036  1.00 21.02 ? 18  PRO A N   1 
ATOM   127  C CA  . PRO A 1 17  ? 2.364   2.387   9.060   1.00 20.73 ? 18  PRO A CA  1 
ATOM   128  C C   . PRO A 1 17  ? 1.567   1.246   9.586   1.00 22.63 ? 18  PRO A C   1 
ATOM   129  O O   . PRO A 1 17  ? 0.439   1.004   9.189   1.00 22.48 ? 18  PRO A O   1 
ATOM   130  C CB  . PRO A 1 17  ? 3.453   1.941   8.003   1.00 21.21 ? 18  PRO A CB  1 
ATOM   131  C CG  . PRO A 1 17  ? 4.621   2.789   8.329   1.00 37.14 ? 18  PRO A CG  1 
ATOM   132  C CD  . PRO A 1 17  ? 4.593   3.066   9.797   1.00 23.11 ? 18  PRO A CD  1 
ATOM   133  N N   . ALA A 1 18  ? 2.143   0.503   10.504  1.00 21.60 ? 19  ALA A N   1 
ATOM   134  C CA  . ALA A 1 18  ? 1.410   -0.660  11.017  1.00 24.45 ? 19  ALA A CA  1 
ATOM   135  C C   . ALA A 1 18  ? 0.214   -0.202  11.847  1.00 21.34 ? 19  ALA A C   1 
ATOM   136  O O   . ALA A 1 18  ? -0.892  -0.779  11.732  1.00 23.13 ? 19  ALA A O   1 
ATOM   137  C CB  . ALA A 1 18  ? 2.350   -1.524  11.854  1.00 21.42 ? 19  ALA A CB  1 
ATOM   138  N N   . LYS A 1 19  ? 0.410   0.867   12.646  1.00 15.94 ? 20  LYS A N   1 
ATOM   139  C CA  . LYS A 1 19  ? -0.704  1.224   13.461  1.00 16.72 ? 20  LYS A CA  1 
ATOM   140  C C   . LYS A 1 19  ? -1.839  1.814   12.605  1.00 29.78 ? 20  LYS A C   1 
ATOM   141  O O   . LYS A 1 19  ? -3.014  1.506   12.787  1.00 23.77 ? 20  LYS A O   1 
ATOM   142  C CB  . LYS A 1 19  ? -0.201  2.289   14.466  1.00 23.39 ? 20  LYS A CB  1 
ATOM   143  C CG  . LYS A 1 19  ? -1.397  2.777   15.314  1.00 30.77 ? 20  LYS A CG  1 
ATOM   144  C CD  . LYS A 1 19  ? -0.886  3.767   16.364  1.00 39.27 ? 20  LYS A CD  1 
ATOM   145  C CE  . LYS A 1 19  ? -2.048  4.380   17.121  1.00 67.27 ? 20  LYS A CE  1 
ATOM   146  N NZ  . LYS A 1 19  ? -3.036  3.323   17.553  1.00 63.50 ? 20  LYS A NZ  1 
ATOM   147  N N   . SER A 1 20  ? -1.476  2.676   11.649  1.00 21.21 ? 21  SER A N   1 
ATOM   148  C CA  . SER A 1 20  ? -2.495  3.349   10.783  1.00 21.78 ? 21  SER A CA  1 
ATOM   149  C C   . SER A 1 20  ? -3.138  2.605   9.666   1.00 17.31 ? 21  SER A C   1 
ATOM   150  O O   . SER A 1 20  ? -4.359  2.781   9.375   1.00 20.89 ? 21  SER A O   1 
ATOM   151  C CB  . SER A 1 20  ? -1.873  4.643   10.231  1.00 20.15 ? 21  SER A CB  1 
ATOM   152  O OG  . SER A 1 20  ? -1.923  5.577   11.260  1.00 32.46 ? 21  SER A OG  1 
ATOM   153  N N   . TYR A 1 21  ? -2.309  1.760   9.049   1.00 19.66 ? 22  TYR A N   1 
ATOM   154  C CA  . TYR A 1 21  ? -2.695  1.030   7.855   1.00 18.93 ? 22  TYR A CA  1 
ATOM   155  C C   . TYR A 1 21  ? -2.522  -0.464  7.910   1.00 24.23 ? 22  TYR A C   1 
ATOM   156  O O   . TYR A 1 21  ? -2.871  -1.132  6.950   1.00 20.96 ? 22  TYR A O   1 
ATOM   157  C CB  . TYR A 1 21  ? -1.844  1.599   6.641   1.00 19.77 ? 22  TYR A CB  1 
ATOM   158  C CG  . TYR A 1 21  ? -1.980  3.096   6.489   1.00 17.22 ? 22  TYR A CG  1 
ATOM   159  C CD1 . TYR A 1 21  ? -3.240  3.661   6.037   1.00 15.36 ? 22  TYR A CD1 1 
ATOM   160  C CD2 . TYR A 1 21  ? -0.951  3.969   6.784   1.00 17.59 ? 22  TYR A CD2 1 
ATOM   161  C CE1 . TYR A 1 21  ? -3.409  5.077   5.899   1.00 15.20 ? 22  TYR A CE1 1 
ATOM   162  C CE2 . TYR A 1 21  ? -1.115  5.348   6.667   1.00 17.08 ? 22  TYR A CE2 1 
ATOM   163  C CZ  . TYR A 1 21  ? -2.373  5.897   6.204   1.00 18.87 ? 22  TYR A CZ  1 
ATOM   164  O OH  . TYR A 1 21  ? -2.556  7.296   6.068   1.00 20.22 ? 22  TYR A OH  1 
ATOM   165  N N   . GLY A 1 22  ? -1.981  -1.023  9.006   1.00 16.54 ? 23  GLY A N   1 
ATOM   166  C CA  . GLY A 1 22  ? -1.887  -2.512  9.047   1.00 20.34 ? 23  GLY A CA  1 
ATOM   167  C C   . GLY A 1 22  ? -3.222  -3.244  9.035   1.00 17.20 ? 23  GLY A C   1 
ATOM   168  O O   . GLY A 1 22  ? -3.295  -4.454  8.664   1.00 21.87 ? 23  GLY A O   1 
ATOM   169  N N   . ALA A 1 23  ? -4.283  -2.592  9.511   1.00 17.37 ? 24  ALA A N   1 
ATOM   170  C CA  . ALA A 1 23  ? -5.515  -3.266  9.393   1.00 18.52 ? 24  ALA A CA  1 
ATOM   171  C C   . ALA A 1 23  ? -6.687  -2.330  9.087   1.00 32.97 ? 24  ALA A C   1 
ATOM   172  O O   . ALA A 1 23  ? -7.713  -2.513  9.672   1.00 43.93 ? 24  ALA A O   1 
ATOM   173  C CB  . ALA A 1 23  ? -5.915  -3.989  10.718  1.00 21.75 ? 24  ALA A CB  1 
ATOM   174  N N   . TYR A 1 24  ? -6.565  -1.432  8.152   1.00 22.17 ? 25  TYR A N   1 
ATOM   175  C CA  . TYR A 1 24  ? -7.604  -0.417  7.861   1.00 18.58 ? 25  TYR A CA  1 
ATOM   176  C C   . TYR A 1 24  ? -8.605  -0.798  6.769   1.00 20.85 ? 25  TYR A C   1 
ATOM   177  O O   . TYR A 1 24  ? -8.205  -1.290  5.709   1.00 20.01 ? 25  TYR A O   1 
ATOM   178  C CB  . TYR A 1 24  ? -6.826  0.867   7.492   1.00 17.53 ? 25  TYR A CB  1 
ATOM   179  C CG  . TYR A 1 24  ? -7.745  2.085   7.300   1.00 20.16 ? 25  TYR A CG  1 
ATOM   180  C CD1 . TYR A 1 24  ? -8.494  2.224   6.150   1.00 13.86 ? 25  TYR A CD1 1 
ATOM   181  C CD2 . TYR A 1 24  ? -7.784  3.110   8.285   1.00 20.78 ? 25  TYR A CD2 1 
ATOM   182  C CE1 . TYR A 1 24  ? -9.312  3.400   5.928   1.00 18.87 ? 25  TYR A CE1 1 
ATOM   183  C CE2 . TYR A 1 24  ? -8.580  4.283   8.091   1.00 14.44 ? 25  TYR A CE2 1 
ATOM   184  C CZ  . TYR A 1 24  ? -9.308  4.401   6.945   1.00 20.82 ? 25  TYR A CZ  1 
ATOM   185  O OH  . TYR A 1 24  ? -9.987  5.610   6.826   1.00 18.45 ? 25  TYR A OH  1 
ATOM   186  N N   . GLY A 1 25  ? -9.889  -0.644  7.057   1.00 18.60 ? 26  GLY A N   1 
ATOM   187  C CA  . GLY A 1 25  ? -10.911 -0.950  6.068   1.00 17.25 ? 26  GLY A CA  1 
ATOM   188  C C   . GLY A 1 25  ? -10.864 -2.343  5.529   1.00 18.99 ? 26  GLY A C   1 
ATOM   189  O O   . GLY A 1 25  ? -10.473 -3.273  6.226   1.00 20.92 ? 26  GLY A O   1 
ATOM   190  N N   . CYS A 1 26  ? -11.269 -2.492  4.283   1.00 17.73 ? 27  CYS A N   1 
ATOM   191  C CA  . CYS A 1 26  ? -11.358 -3.814  3.663   1.00 18.84 ? 27  CYS A CA  1 
ATOM   192  C C   . CYS A 1 26  ? -10.159 -4.222  2.842   1.00 24.58 ? 27  CYS A C   1 
ATOM   193  O O   . CYS A 1 26  ? -10.104 -5.380  2.431   1.00 21.26 ? 27  CYS A O   1 
ATOM   194  C CB  . CYS A 1 26  ? -12.559 -3.846  2.747   1.00 26.37 ? 27  CYS A CB  1 
ATOM   195  S SG  . CYS A 1 26  ? -14.133 -3.797  3.665   1.00 29.52 ? 27  CYS A SG  1 
ATOM   196  N N   . ASN A 1 27  ? -9.196  -3.295  2.638   1.00 16.75 ? 28  ASN A N   1 
ATOM   197  C CA  . ASN A 1 27  ? -8.038  -3.571  1.769   1.00 17.20 ? 28  ASN A CA  1 
ATOM   198  C C   . ASN A 1 27  ? -6.662  -3.238  2.314   1.00 18.11 ? 28  ASN A C   1 
ATOM   199  O O   . ASN A 1 27  ? -5.664  -3.689  1.776   1.00 19.53 ? 28  ASN A O   1 
ATOM   200  C CB  . ASN A 1 27  ? -8.216  -2.714  0.471   1.00 15.36 ? 28  ASN A CB  1 
ATOM   201  C CG  . ASN A 1 27  ? -9.545  -3.085  -0.276  1.00 16.44 ? 28  ASN A CG  1 
ATOM   202  O OD1 . ASN A 1 27  ? -10.576 -2.399  -0.101  1.00 22.66 ? 28  ASN A OD1 1 
ATOM   203  N ND2 . ASN A 1 27  ? -9.499  -4.110  -1.043  1.00 12.67 ? 28  ASN A ND2 1 
ATOM   204  N N   . CYS A 1 28  ? -6.590  -2.418  3.377   1.00 13.79 ? 29  CYS A N   1 
ATOM   205  C CA  . CYS A 1 28  ? -5.252  -2.168  3.843   1.00 15.20 ? 29  CYS A CA  1 
ATOM   206  C C   . CYS A 1 28  ? -4.879  -3.256  4.881   1.00 22.56 ? 29  CYS A C   1 
ATOM   207  O O   . CYS A 1 28  ? -5.465  -3.311  5.935   1.00 23.76 ? 29  CYS A O   1 
ATOM   208  C CB  . CYS A 1 28  ? -5.173  -0.839  4.586   1.00 15.37 ? 29  CYS A CB  1 
ATOM   209  S SG  . CYS A 1 28  ? -5.692  0.578   3.521   1.00 19.20 ? 29  CYS A SG  1 
ATOM   210  N N   . GLY A 1 29  ? -3.810  -3.987  4.609   1.00 19.63 ? 30  GLY A N   1 
ATOM   211  C CA  . GLY A 1 29  ? -3.414  -4.976  5.595   1.00 27.15 ? 30  GLY A CA  1 
ATOM   212  C C   . GLY A 1 29  ? -3.534  -6.405  5.050   1.00 28.36 ? 30  GLY A C   1 
ATOM   213  O O   . GLY A 1 29  ? -3.444  -6.623  3.851   1.00 31.17 ? 30  GLY A O   1 
ATOM   214  N N   . VAL A 1 30  ? -3.835  -7.378  5.864   1.00 28.90 ? 31  VAL A N   1 
ATOM   215  C CA  . VAL A 1 30  ? -3.831  -8.760  5.541   1.00 31.22 ? 31  VAL A CA  1 
ATOM   216  C C   . VAL A 1 30  ? -4.855  -9.286  4.539   1.00 53.94 ? 31  VAL A C   1 
ATOM   217  O O   . VAL A 1 30  ? -5.845  -8.829  4.454   1.00 39.08 ? 31  VAL A O   1 
ATOM   218  C CB  . VAL A 1 30  ? -3.976  -9.632  6.786   1.00 48.58 ? 31  VAL A CB  1 
ATOM   219  C CG1 . VAL A 1 30  ? -2.927  -9.462  7.693   1.00 23.99 ? 31  VAL A CG1 1 
ATOM   220  C CG2 . VAL A 1 30  ? -5.416  -9.527  7.310   1.00 41.90 ? 31  VAL A CG2 1 
ATOM   221  N N   . LEU A 1 31  ? -4.472  -10.271 3.765   1.00 53.81 ? 32  LEU A N   1 
ATOM   222  C CA  . LEU A 1 31  ? -4.499  -10.311 2.315   1.00 59.20 ? 32  LEU A CA  1 
ATOM   223  C C   . LEU A 1 31  ? -5.924  -10.199 1.797   1.00 50.07 ? 32  LEU A C   1 
ATOM   224  O O   . LEU A 1 31  ? -6.858  -10.375 2.421   1.00 65.95 ? 32  LEU A O   1 
ATOM   225  C CB  . LEU A 1 31  ? -4.118  -11.726 1.964   1.00 66.17 ? 32  LEU A CB  1 
ATOM   226  C CG  . LEU A 1 31  ? -2.735  -12.377 2.024   1.00 67.57 ? 32  LEU A CG  1 
ATOM   227  C CD1 . LEU A 1 31  ? -2.925  -13.800 2.349   1.00 51.92 ? 32  LEU A CD1 1 
ATOM   228  C CD2 . LEU A 1 31  ? -1.873  -12.114 0.847   1.00 64.31 ? 32  LEU A CD2 1 
ATOM   229  N N   . GLY A 1 32  ? -6.100  -10.062 0.576   1.00 52.19 ? 33  GLY A N   1 
ATOM   230  C CA  . GLY A 1 32  ? -7.296  -9.729  -0.036  1.00 27.44 ? 33  GLY A CA  1 
ATOM   231  C C   . GLY A 1 32  ? -7.851  -8.394  -0.062  1.00 19.85 ? 33  GLY A C   1 
ATOM   232  O O   . GLY A 1 32  ? -7.555  -7.597  0.712   1.00 21.98 ? 33  GLY A O   1 
ATOM   233  N N   . ARG A 1 33  ? -8.653  -8.262  -1.105  1.00 22.79 ? 34  ARG A N   1 
ATOM   234  C CA  . ARG A 1 33  ? -9.393  -7.055  -1.347  1.00 24.76 ? 34  ARG A CA  1 
ATOM   235  C C   . ARG A 1 33  ? -10.851 -7.242  -0.961  1.00 25.24 ? 34  ARG A C   1 
ATOM   236  O O   . ARG A 1 33  ? -11.327 -8.369  -0.709  1.00 22.82 ? 34  ARG A O   1 
ATOM   237  C CB  . ARG A 1 33  ? -9.312  -6.673  -2.854  1.00 20.87 ? 34  ARG A CB  1 
ATOM   238  C CG  . ARG A 1 33  ? -7.882  -6.316  -3.357  1.00 20.36 ? 34  ARG A CG  1 
ATOM   239  C CD  . ARG A 1 33  ? -7.963  -6.046  -4.885  1.00 21.15 ? 34  ARG A CD  1 
ATOM   240  N NE  . ARG A 1 33  ? -8.392  -7.250  -5.566  1.00 19.70 ? 34  ARG A NE  1 
ATOM   241  C CZ  . ARG A 1 33  ? -9.459  -7.291  -6.384  1.00 27.90 ? 34  ARG A CZ  1 
ATOM   242  N NH1 . ARG A 1 33  ? -10.109 -6.169  -6.602  1.00 20.89 ? 34  ARG A NH1 1 
ATOM   243  N NH2 . ARG A 1 33  ? -9.911  -8.454  -6.869  1.00 21.47 ? 34  ARG A NH2 1 
ATOM   244  N N   . GLY A 1 34  ? -11.531 -6.116  -0.884  1.00 22.11 ? 35  GLY A N   1 
ATOM   245  C CA  . GLY A 1 34  ? -12.972 -6.109  -0.618  1.00 22.96 ? 35  GLY A CA  1 
ATOM   246  C C   . GLY A 1 34  ? -13.482 -4.759  -1.112  1.00 22.32 ? 35  GLY A C   1 
ATOM   247  O O   . GLY A 1 34  ? -12.670 -3.865  -1.446  1.00 21.66 ? 35  GLY A O   1 
ATOM   248  N N   . LYS A 1 35  ? -14.792 -4.534  -1.157  1.00 19.26 ? 36  LYS A N   1 
ATOM   249  C CA  . LYS A 1 35  ? -15.269 -3.237  -1.667  1.00 20.79 ? 36  LYS A CA  1 
ATOM   250  C C   . LYS A 1 35  ? -14.672 -2.180  -0.704  1.00 23.38 ? 36  LYS A C   1 
ATOM   251  O O   . LYS A 1 35  ? -14.867 -2.269  0.539   1.00 25.20 ? 36  LYS A O   1 
ATOM   252  C CB  . LYS A 1 35  ? -16.796 -3.199  -1.579  1.00 27.65 ? 36  LYS A CB  1 
ATOM   253  C CG  . LYS A 1 35  ? -17.400 -1.849  -1.865  1.00 40.49 ? 36  LYS A CG  1 
ATOM   254  C CD  . LYS A 1 35  ? -18.913 -1.908  -1.605  1.00 55.22 ? 36  LYS A CD  1 
ATOM   255  C CE  . LYS A 1 35  ? -19.648 -0.671  -2.136  1.00 51.05 ? 36  LYS A CE  1 
ATOM   256  N NZ  . LYS A 1 35  ? -20.383 -0.972  -3.424  1.00 84.36 ? 36  LYS A NZ  1 
ATOM   257  N N   . PRO A 1 36  ? -14.098 -1.080  -1.233  1.00 22.06 ? 37  PRO A N   1 
ATOM   258  C CA  . PRO A 1 36  ? -13.476 -0.100  -0.293  1.00 18.31 ? 37  PRO A CA  1 
ATOM   259  C C   . PRO A 1 36  ? -14.417 0.693   0.534   1.00 21.48 ? 37  PRO A C   1 
ATOM   260  O O   . PRO A 1 36  ? -15.500 1.044   0.026   1.00 24.04 ? 37  PRO A O   1 
ATOM   261  C CB  . PRO A 1 36  ? -12.667 0.833   -1.217  1.00 21.34 ? 37  PRO A CB  1 
ATOM   262  C CG  . PRO A 1 36  ? -12.395 0.018   -2.486  1.00 19.62 ? 37  PRO A CG  1 
ATOM   263  C CD  . PRO A 1 36  ? -13.667 -0.869  -2.633  1.00 18.78 ? 37  PRO A CD  1 
ATOM   264  N N   . LYS A 1 37  ? -13.984 1.039   1.749   1.00 20.42 ? 38  LYS A N   1 
ATOM   265  C CA  . LYS A 1 37  ? -14.837 1.765   2.676   1.00 21.85 ? 38  LYS A CA  1 
ATOM   266  C C   . LYS A 1 37  ? -14.741 3.258   2.433   1.00 27.75 ? 38  LYS A C   1 
ATOM   267  O O   . LYS A 1 37  ? -15.700 3.980   2.710   1.00 25.34 ? 38  LYS A O   1 
ATOM   268  C CB  . LYS A 1 37  ? -14.499 1.384   4.177   1.00 22.16 ? 38  LYS A CB  1 
ATOM   269  C CG  . LYS A 1 37  ? -14.676 -0.084  4.533   1.00 45.77 ? 38  LYS A CG  1 
ATOM   270  C CD  . LYS A 1 37  ? -16.066 -0.615  4.300   1.00 47.47 ? 38  LYS A CD  1 
ATOM   271  C CE  . LYS A 1 37  ? -17.068 0.055   5.221   1.00 57.86 ? 38  LYS A CE  1 
ATOM   272  N NZ  . LYS A 1 37  ? -18.307 -0.782  5.407   1.00 67.07 ? 38  LYS A NZ  1 
ATOM   273  N N   . ASP A 1 38  ? -13.625 3.737   1.881   1.00 19.06 ? 39  ASP A N   1 
ATOM   274  C CA  . ASP A 1 38  ? -13.369 5.160   1.644   1.00 17.68 ? 39  ASP A CA  1 
ATOM   275  C C   . ASP A 1 38  ? -12.085 5.329   0.790   1.00 17.66 ? 39  ASP A C   1 
ATOM   276  O O   . ASP A 1 38  ? -11.536 4.319   0.316   1.00 18.77 ? 39  ASP A O   1 
ATOM   277  C CB  . ASP A 1 38  ? -13.264 5.910   3.001   1.00 18.77 ? 39  ASP A CB  1 
ATOM   278  C CG  . ASP A 1 38  ? -11.965 5.512   3.835   1.00 24.20 ? 39  ASP A CG  1 
ATOM   279  O OD1 . ASP A 1 38  ? -11.212 4.629   3.395   1.00 17.53 ? 39  ASP A OD1 1 
ATOM   280  O OD2 . ASP A 1 38  ? -11.710 6.100   4.902   1.00 22.16 ? 39  ASP A OD2 1 
ATOM   281  N N   . ALA A 1 39  ? -11.639 6.566   0.597   1.00 18.10 ? 40  ALA A N   1 
ATOM   282  C CA  . ALA A 1 39  ? -10.506 6.836   -0.324  1.00 19.23 ? 40  ALA A CA  1 
ATOM   283  C C   . ALA A 1 39  ? -9.235  6.188   0.130   1.00 16.58 ? 40  ALA A C   1 
ATOM   284  O O   . ALA A 1 39  ? -8.510  5.658   -0.705  1.00 17.80 ? 40  ALA A O   1 
ATOM   285  C CB  . ALA A 1 39  ? -10.254 8.372   -0.503  1.00 22.71 ? 40  ALA A CB  1 
ATOM   286  N N   . THR A 1 40  ? -8.949  6.279   1.443   1.00 16.57 ? 41  THR A N   1 
ATOM   287  C CA  . THR A 1 40  ? -7.731  5.570   1.968   1.00 17.70 ? 41  THR A CA  1 
ATOM   288  C C   . THR A 1 40  ? -7.759  4.090   1.650   1.00 18.05 ? 41  THR A C   1 
ATOM   289  O O   . THR A 1 40  ? -6.765  3.519   1.138   1.00 18.96 ? 41  THR A O   1 
ATOM   290  C CB  . THR A 1 40  ? -7.673  5.769   3.496   1.00 20.00 ? 41  THR A CB  1 
ATOM   291  O OG1 . THR A 1 40  ? -7.308  7.139   3.666   1.00 20.31 ? 41  THR A OG1 1 
ATOM   292  C CG2 . THR A 1 40  ? -6.517  4.837   4.152   1.00 15.27 ? 41  THR A CG2 1 
ATOM   293  N N   . ASP A 1 41  ? -8.920  3.471   1.909   1.00 15.11 ? 42  ASP A N   1 
ATOM   294  C CA  . ASP A 1 41  ? -9.045  2.030   1.637   1.00 17.57 ? 42  ASP A CA  1 
ATOM   295  C C   . ASP A 1 41  ? -8.902  1.760   0.155   1.00 18.49 ? 42  ASP A C   1 
ATOM   296  O O   . ASP A 1 41  ? -8.268  0.748   -0.283  1.00 18.05 ? 42  ASP A O   1 
ATOM   297  C CB  . ASP A 1 41  ? -10.437 1.614   2.225   1.00 18.65 ? 42  ASP A CB  1 
ATOM   298  C CG  . ASP A 1 41  ? -10.592 0.119   2.367   1.00 20.69 ? 42  ASP A CG  1 
ATOM   299  O OD1 . ASP A 1 41  ? -9.534  -0.500  2.442   1.00 20.81 ? 42  ASP A OD1 1 
ATOM   300  O OD2 . ASP A 1 41  ? -11.763 -0.376  2.493   1.00 22.27 ? 42  ASP A OD2 1 
ATOM   301  N N   . ARG A 1 42  ? -9.432  2.667   -0.696  1.00 16.91 ? 43  ARG A N   1 
ATOM   302  C CA  . ARG A 1 42  ? -9.326  2.413   -2.117  1.00 16.73 ? 43  ARG A CA  1 
ATOM   303  C C   . ARG A 1 42  ? -7.838  2.529   -2.572  1.00 16.97 ? 43  ARG A C   1 
ATOM   304  O O   . ARG A 1 42  ? -7.441  1.817   -3.542  1.00 16.67 ? 43  ARG A O   1 
ATOM   305  C CB  . ARG A 1 42  ? -10.252 3.440   -2.844  1.00 19.12 ? 43  ARG A CB  1 
ATOM   306  C CG  . ARG A 1 42  ? -10.384 3.217   -4.371  1.00 27.38 ? 43  ARG A CG  1 
ATOM   307  C CD  . ARG A 1 42  ? -11.547 4.164   -4.870  1.00 30.28 ? 43  ARG A CD  1 
ATOM   308  N NE  . ARG A 1 42  ? -12.793 3.974   -4.078  1.00 39.94 ? 43  ARG A NE  1 
ATOM   309  C CZ  . ARG A 1 42  ? -13.393 4.851   -3.245  1.00 54.38 ? 43  ARG A CZ  1 
ATOM   310  N NH1 . ARG A 1 42  ? -12.927 6.094   -3.023  1.00 41.33 ? 43  ARG A NH1 1 
ATOM   311  N NH2 . ARG A 1 42  ? -14.479 4.446   -2.561  1.00 61.83 ? 43  ARG A NH2 1 
ATOM   312  N N   . CYS A 1 43  ? -7.010  3.325   -1.863  1.00 17.41 ? 44  CYS A N   1 
ATOM   313  C CA  . CYS A 1 43  ? -5.545  3.349   -2.249  1.00 13.55 ? 44  CYS A CA  1 
ATOM   314  C C   . CYS A 1 43  ? -5.022  1.899   -2.133  1.00 16.96 ? 44  CYS A C   1 
ATOM   315  O O   . CYS A 1 43  ? -4.260  1.397   -2.974  1.00 15.88 ? 44  CYS A O   1 
ATOM   316  C CB  . CYS A 1 43  ? -4.757  4.133   -1.224  1.00 14.52 ? 44  CYS A CB  1 
ATOM   317  S SG  . CYS A 1 43  ? -5.153  5.951   -1.312  1.00 18.46 ? 44  CYS A SG  1 
ATOM   318  N N   . CYS A 1 44  ? -5.426  1.247   -1.011  1.00 15.57 ? 45  CYS A N   1 
ATOM   319  C CA  . CYS A 1 44  ? -4.937  -0.120  -0.745  1.00 17.15 ? 45  CYS A CA  1 
ATOM   320  C C   . CYS A 1 44  ? -5.522  -1.129  -1.740  1.00 15.55 ? 45  CYS A C   1 
ATOM   321  O O   . CYS A 1 44  ? -4.824  -2.070  -2.024  1.00 13.64 ? 45  CYS A O   1 
ATOM   322  C CB  . CYS A 1 44  ? -5.320  -0.558  0.685   1.00 17.44 ? 45  CYS A CB  1 
ATOM   323  S SG  . CYS A 1 44  ? -4.378  0.540   1.902   1.00 19.79 ? 45  CYS A SG  1 
ATOM   324  N N   . TYR A 1 45  ? -6.781  -0.912  -2.170  1.00 15.74 ? 46  TYR A N   1 
ATOM   325  C CA  . TYR A 1 45  ? -7.448  -1.773  -3.154  1.00 19.18 ? 46  TYR A CA  1 
ATOM   326  C C   . TYR A 1 45  ? -6.624  -1.674  -4.461  1.00 17.53 ? 46  TYR A C   1 
ATOM   327  O O   . TYR A 1 45  ? -6.168  -2.684  -5.030  1.00 15.46 ? 46  TYR A O   1 
ATOM   328  C CB  . TYR A 1 45  ? -8.843  -1.221  -3.335  1.00 14.85 ? 46  TYR A CB  1 
ATOM   329  C CG  . TYR A 1 45  ? -9.629  -2.060  -4.363  1.00 18.55 ? 46  TYR A CG  1 
ATOM   330  C CD1 . TYR A 1 45  ? -10.643 -2.941  -3.898  1.00 21.57 ? 46  TYR A CD1 1 
ATOM   331  C CD2 . TYR A 1 45  ? -9.485  -1.825  -5.733  1.00 19.39 ? 46  TYR A CD2 1 
ATOM   332  C CE1 . TYR A 1 45  ? -11.533 -3.582  -4.804  1.00 23.70 ? 46  TYR A CE1 1 
ATOM   333  C CE2 . TYR A 1 45  ? -10.389 -2.446  -6.665  1.00 19.99 ? 46  TYR A CE2 1 
ATOM   334  C CZ  . TYR A 1 45  ? -11.393 -3.313  -6.174  1.00 23.25 ? 46  TYR A CZ  1 
ATOM   335  O OH  . TYR A 1 45  ? -12.231 -3.879  -7.087  1.00 21.29 ? 46  TYR A OH  1 
ATOM   336  N N   . VAL A 1 46  ? -6.328  -0.439  -4.881  1.00 15.34 ? 47  VAL A N   1 
ATOM   337  C CA  . VAL A 1 46  ? -5.521  -0.241  -6.096  1.00 15.26 ? 47  VAL A CA  1 
ATOM   338  C C   . VAL A 1 46  ? -4.128  -0.887  -5.974  1.00 15.98 ? 47  VAL A C   1 
ATOM   339  O O   . VAL A 1 46  ? -3.569  -1.500  -6.909  1.00 17.78 ? 47  VAL A O   1 
ATOM   340  C CB  . VAL A 1 46  ? -5.388  1.309   -6.360  1.00 15.22 ? 47  VAL A CB  1 
ATOM   341  C CG1 . VAL A 1 46  ? -4.254  1.537   -7.436  1.00 14.42 ? 47  VAL A CG1 1 
ATOM   342  C CG2 . VAL A 1 46  ? -6.724  1.858   -6.798  1.00 19.20 ? 47  VAL A CG2 1 
ATOM   343  N N   . HIS A 1 47  ? -3.524  -0.737  -4.807  1.00 14.52 ? 48  HIS A N   1 
ATOM   344  C CA  . HIS A 1 47  ? -2.165  -1.336  -4.546  1.00 15.45 ? 48  HIS A CA  1 
ATOM   345  C C   . HIS A 1 47  ? -2.200  -2.851  -4.688  1.00 16.55 ? 48  HIS A C   1 
ATOM   346  O O   . HIS A 1 47  ? -1.336  -3.486  -5.334  1.00 15.34 ? 48  HIS A O   1 
ATOM   347  C CB  . HIS A 1 47  ? -1.762  -0.961  -3.091  1.00 12.95 ? 48  HIS A CB  1 
ATOM   348  C CG  . HIS A 1 47  ? -0.432  -1.460  -2.656  1.00 18.36 ? 48  HIS A CG  1 
ATOM   349  N ND1 . HIS A 1 47  ? -0.258  -2.269  -1.546  1.00 18.46 ? 48  HIS A ND1 1 
ATOM   350  C CD2 . HIS A 1 47  ? 0.824   -1.161  -3.121  1.00 12.92 ? 48  HIS A CD2 1 
ATOM   351  C CE1 . HIS A 1 47  ? 1.049   -2.444  -1.324  1.00 14.20 ? 48  HIS A CE1 1 
ATOM   352  N NE2 . HIS A 1 47  ? 1.726   -1.772  -2.267  1.00 14.35 ? 48  HIS A NE2 1 
ATOM   353  N N   . LYS A 1 48  ? -3.272  -3.496  -4.145  1.00 14.50 ? 49  LYS A N   1 
ATOM   354  C CA  . LYS A 1 48  ? -3.309  -4.980  -4.262  1.00 15.49 ? 49  LYS A CA  1 
ATOM   355  C C   . LYS A 1 48  ? -3.578  -5.341  -5.736  1.00 16.62 ? 49  LYS A C   1 
ATOM   356  O O   . LYS A 1 48  ? -3.131  -6.374  -6.182  1.00 17.85 ? 49  LYS A O   1 
ATOM   357  C CB  . LYS A 1 48  ? -4.408  -5.556  -3.330  1.00 16.91 ? 49  LYS A CB  1 
ATOM   358  C CG  . LYS A 1 48  ? -3.827  -5.629  -1.892  1.00 18.30 ? 49  LYS A CG  1 
ATOM   359  C CD  . LYS A 1 48  ? -4.872  -6.118  -0.831  1.00 19.67 ? 49  LYS A CD  1 
ATOM   360  C CE  . LYS A 1 48  ? -4.108  -6.294  0.508   1.00 20.56 ? 49  LYS A CE  1 
ATOM   361  N NZ  . LYS A 1 48  ? -5.167  -6.598  1.508   1.00 22.04 ? 49  LYS A NZ  1 
ATOM   362  N N   . CYS A 1 49  ? -4.359  -4.559  -6.446  1.00 14.55 ? 50  CYS A N   1 
ATOM   363  C CA  . CYS A 1 49  ? -4.533  -4.903  -7.921  1.00 12.98 ? 50  CYS A CA  1 
ATOM   364  C C   . CYS A 1 49  ? -3.176  -4.719  -8.636  1.00 23.92 ? 50  CYS A C   1 
ATOM   365  O O   . CYS A 1 49  ? -2.834  -5.455  -9.531  1.00 19.29 ? 50  CYS A O   1 
ATOM   366  C CB  . CYS A 1 49  ? -5.573  -3.939  -8.571  1.00 15.95 ? 50  CYS A CB  1 
ATOM   367  S SG  . CYS A 1 49  ? -7.276  -4.506  -8.112  1.00 21.06 ? 50  CYS A SG  1 
ATOM   368  N N   . CYS A 1 50  ? -2.451  -3.647  -8.300  1.00 19.10 ? 51  CYS A N   1 
ATOM   369  C CA  . CYS A 1 50  ? -1.125  -3.399  -8.908  1.00 19.54 ? 51  CYS A CA  1 
ATOM   370  C C   . CYS A 1 50  ? -0.238  -4.622  -8.665  1.00 19.04 ? 51  CYS A C   1 
ATOM   371  O O   . CYS A 1 50  ? 0.487   -4.994  -9.582  1.00 20.39 ? 51  CYS A O   1 
ATOM   372  C CB  . CYS A 1 50  ? -0.481  -2.192  -8.181  1.00 18.72 ? 51  CYS A CB  1 
ATOM   373  S SG  . CYS A 1 50  ? 1.016   -1.466  -8.962  1.00 22.32 ? 51  CYS A SG  1 
ATOM   374  N N   . TYR A 1 51  ? -0.285  -5.261  -7.487  1.00 17.11 ? 52  TYR A N   1 
ATOM   375  C CA  . TYR A 1 51  ? 0.605   -6.410  -7.250  1.00 18.28 ? 52  TYR A CA  1 
ATOM   376  C C   . TYR A 1 51  ? 0.337   -7.588  -8.212  1.00 20.17 ? 52  TYR A C   1 
ATOM   377  O O   . TYR A 1 51  ? 1.199   -8.472  -8.384  1.00 19.10 ? 52  TYR A O   1 
ATOM   378  C CB  . TYR A 1 51  ? 0.439   -6.959  -5.822  1.00 17.52 ? 52  TYR A CB  1 
ATOM   379  C CG  . TYR A 1 51  ? 1.166   -6.161  -4.735  1.00 19.72 ? 52  TYR A CG  1 
ATOM   380  C CD1 . TYR A 1 51  ? 1.976   -5.066  -5.099  1.00 15.94 ? 52  TYR A CD1 1 
ATOM   381  C CD2 . TYR A 1 51  ? 1.134   -6.580  -3.385  1.00 25.57 ? 52  TYR A CD2 1 
ATOM   382  C CE1 . TYR A 1 51  ? 2.788   -4.396  -4.056  1.00 16.78 ? 52  TYR A CE1 1 
ATOM   383  C CE2 . TYR A 1 51  ? 1.888   -5.958  -2.420  1.00 21.15 ? 52  TYR A CE2 1 
ATOM   384  C CZ  . TYR A 1 51  ? 2.713   -4.881  -2.751  1.00 20.33 ? 52  TYR A CZ  1 
ATOM   385  O OH  . TYR A 1 51  ? 3.569   -4.332  -1.789  1.00 19.21 ? 52  TYR A OH  1 
ATOM   386  N N   . LYS A 1 52  ? -0.851  -7.627  -8.782  1.00 24.25 ? 53  LYS A N   1 
ATOM   387  C CA  . LYS A 1 52  ? -1.156  -8.736  -9.690  1.00 26.30 ? 53  LYS A CA  1 
ATOM   388  C C   . LYS A 1 52  ? -0.304  -8.850  -10.920 1.00 34.83 ? 53  LYS A C   1 
ATOM   389  O O   . LYS A 1 52  ? -0.179  -9.930  -11.476 1.00 26.29 ? 53  LYS A O   1 
ATOM   390  C CB  . LYS A 1 52  ? -2.639  -8.718  -10.069 1.00 25.60 ? 53  LYS A CB  1 
ATOM   391  C CG  . LYS A 1 52  ? -3.484  -9.034  -8.803  1.00 27.86 ? 53  LYS A CG  1 
ATOM   392  C CD  . LYS A 1 52  ? -4.887  -9.418  -9.316  1.00 47.73 ? 53  LYS A CD  1 
ATOM   393  C CE  . LYS A 1 52  ? -5.918  -9.505  -8.244  1.00 27.58 ? 53  LYS A CE  1 
ATOM   394  N NZ  . LYS A 1 52  ? -6.029  -10.826 -7.551  1.00 66.80 ? 53  LYS A NZ  1 
ATOM   395  N N   . LYS A 1 53  ? 0.352   -7.777  -11.325 1.00 27.44 ? 57  LYS A N   1 
ATOM   396  C CA  . LYS A 1 53  ? 1.227   -7.835  -12.536 1.00 20.36 ? 57  LYS A CA  1 
ATOM   397  C C   . LYS A 1 53  ? 2.592   -8.433  -12.277 1.00 34.76 ? 57  LYS A C   1 
ATOM   398  O O   . LYS A 1 53  ? 3.343   -8.723  -13.208 1.00 28.55 ? 57  LYS A O   1 
ATOM   399  C CB  . LYS A 1 53  ? 1.432   -6.418  -13.032 1.00 25.79 ? 57  LYS A CB  1 
ATOM   400  C CG  . LYS A 1 53  ? 2.510   -5.721  -12.168 1.00 27.73 ? 57  LYS A CG  1 
ATOM   401  C CD  . LYS A 1 53  ? 2.805   -4.246  -12.602 1.00 31.37 ? 57  LYS A CD  1 
ATOM   402  C CE  . LYS A 1 53  ? 1.522   -3.414  -12.565 1.00 27.94 ? 57  LYS A CE  1 
ATOM   403  N NZ  . LYS A 1 53  ? 1.862   -1.885  -12.575 1.00 26.38 ? 57  LYS A NZ  1 
ATOM   404  N N   . LEU A 1 54  ? 2.932   -8.618  -11.015 1.00 25.32 ? 58  LEU A N   1 
ATOM   405  C CA  . LEU A 1 54  ? 4.286   -9.055  -10.694 1.00 20.69 ? 58  LEU A CA  1 
ATOM   406  C C   . LEU A 1 54  ? 4.497   -10.551 -11.022 1.00 31.58 ? 58  LEU A C   1 
ATOM   407  O O   . LEU A 1 54  ? 3.753   -11.404 -10.579 1.00 27.65 ? 58  LEU A O   1 
ATOM   408  C CB  . LEU A 1 54  ? 4.511   -8.857  -9.222  1.00 23.87 ? 58  LEU A CB  1 
ATOM   409  C CG  . LEU A 1 54  ? 4.278   -7.420  -8.775  1.00 20.50 ? 58  LEU A CG  1 
ATOM   410  C CD1 . LEU A 1 54  ? 4.525   -7.412  -7.250  1.00 25.08 ? 58  LEU A CD1 1 
ATOM   411  C CD2 . LEU A 1 54  ? 5.249   -6.425  -9.490  1.00 21.46 ? 58  LEU A CD2 1 
ATOM   412  N N   . THR A 1 55  ? 5.587   -10.838 -11.692 1.00 28.51 ? 59  THR A N   1 
ATOM   413  C CA  . THR A 1 55  ? 5.985   -12.210 -11.963 1.00 29.53 ? 59  THR A CA  1 
ATOM   414  C C   . THR A 1 55  ? 7.488   -12.408 -11.561 1.00 29.87 ? 59  THR A C   1 
ATOM   415  O O   . THR A 1 55  ? 8.395   -11.640 -11.954 1.00 30.68 ? 59  THR A O   1 
ATOM   416  C CB  . THR A 1 55  ? 5.756   -12.492 -13.446 1.00 40.15 ? 59  THR A CB  1 
ATOM   417  O OG1 . THR A 1 55  ? 4.342   -12.502 -13.690 1.00 43.07 ? 59  THR A OG1 1 
ATOM   418  C CG2 . THR A 1 55  ? 6.383   -13.874 -13.814 1.00 45.34 ? 59  THR A CG2 1 
ATOM   419  N N   . GLY A 1 56  ? 7.767   -13.377 -10.723 1.00 29.17 ? 60  GLY A N   1 
ATOM   420  C CA  . GLY A 1 56  ? 9.166   -13.565 -10.381 1.00 42.27 ? 60  GLY A CA  1 
ATOM   421  C C   . GLY A 1 56  ? 9.631   -12.912 -9.105  1.00 45.33 ? 60  GLY A C   1 
ATOM   422  O O   . GLY A 1 56  ? 10.776  -13.122 -8.737  1.00 45.80 ? 60  GLY A O   1 
ATOM   423  N N   . CYS A 1 57  ? 8.885   -12.098 -8.419  1.00 29.50 ? 61  CYS A N   1 
ATOM   424  C CA  . CYS A 1 57  ? 9.229   -11.534 -7.199  1.00 31.98 ? 61  CYS A CA  1 
ATOM   425  C C   . CYS A 1 57  ? 8.034   -11.571 -6.251  1.00 32.67 ? 61  CYS A C   1 
ATOM   426  O O   . CYS A 1 57  ? 7.040   -11.625 -6.644  1.00 31.80 ? 61  CYS A O   1 
ATOM   427  C CB  . CYS A 1 57  ? 9.731   -10.093 -7.346  1.00 31.81 ? 61  CYS A CB  1 
ATOM   428  S SG  . CYS A 1 57  ? 8.750   -8.862  -7.859  1.00 27.67 ? 61  CYS A SG  1 
ATOM   429  N N   . ASP A 1 58  ? 8.316   -11.518 -4.971  1.00 20.00 ? 67  ASP A N   1 
ATOM   430  C CA  . ASP A 1 58  ? 7.387   -11.563 -3.909  1.00 20.00 ? 67  ASP A CA  1 
ATOM   431  C C   . ASP A 1 58  ? 7.328   -10.288 -3.164  1.00 20.00 ? 67  ASP A C   1 
ATOM   432  O O   . ASP A 1 58  ? 8.239   -9.943  -2.589  1.00 25.07 ? 67  ASP A O   1 
ATOM   433  C CB  . ASP A 1 58  ? 7.886   -12.651 -2.933  1.00 20.00 ? 67  ASP A CB  1 
ATOM   434  C CG  . ASP A 1 58  ? 7.035   -12.845 -1.726  1.00 20.00 ? 67  ASP A CG  1 
ATOM   435  O OD1 . ASP A 1 58  ? 6.319   -12.075 -1.236  1.00 20.00 ? 67  ASP A OD1 1 
ATOM   436  O OD2 . ASP A 1 58  ? 7.169   -13.909 -1.189  1.00 20.00 ? 67  ASP A OD2 1 
ATOM   437  N N   . PRO A 1 59  ? 6.173   -9.682  -3.202  1.00 25.98 ? 68  PRO A N   1 
ATOM   438  C CA  . PRO A 1 59  ? 5.932   -8.373  -2.639  1.00 23.26 ? 68  PRO A CA  1 
ATOM   439  C C   . PRO A 1 59  ? 6.083   -8.287  -1.154  1.00 35.44 ? 68  PRO A C   1 
ATOM   440  O O   . PRO A 1 59  ? 6.304   -7.290  -0.697  1.00 29.14 ? 68  PRO A O   1 
ATOM   441  C CB  . PRO A 1 59  ? 4.552   -8.114  -2.994  1.00 27.03 ? 68  PRO A CB  1 
ATOM   442  C CG  . PRO A 1 59  ? 4.151   -9.017  -3.677  1.00 36.44 ? 68  PRO A CG  1 
ATOM   443  C CD  . PRO A 1 59  ? 4.978   -10.158 -3.756  1.00 30.96 ? 68  PRO A CD  1 
ATOM   444  N N   . LYS A 1 60  ? 5.986   -9.383  -0.440  1.00 25.71 ? 69  LYS A N   1 
ATOM   445  C CA  . LYS A 1 60  ? 6.127   -9.241  1.012   1.00 33.50 ? 69  LYS A CA  1 
ATOM   446  C C   . LYS A 1 60  ? 7.551   -9.343  1.499   1.00 26.96 ? 69  LYS A C   1 
ATOM   447  O O   . LYS A 1 60  ? 7.985   -8.581  2.395   1.00 34.79 ? 69  LYS A O   1 
ATOM   448  C CB  . LYS A 1 60  ? 5.277   -10.303 1.728   1.00 33.81 ? 69  LYS A CB  1 
ATOM   449  C CG  . LYS A 1 60  ? 3.789   -10.286 1.373   1.00 43.52 ? 69  LYS A CG  1 
ATOM   450  C CD  . LYS A 1 60  ? 3.203   -8.834  1.506   1.00 68.14 ? 69  LYS A CD  1 
ATOM   451  C CE  . LYS A 1 60  ? 1.725   -8.721  1.117   1.00 60.82 ? 69  LYS A CE  1 
ATOM   452  N NZ  . LYS A 1 60  ? 0.836   -9.579  2.020   1.00 64.65 ? 69  LYS A NZ  1 
ATOM   453  N N   . LYS A 1 61  ? 8.287   -10.285 0.904   1.00 31.70 ? 70  LYS A N   1 
ATOM   454  C CA  . LYS A 1 61  ? 9.638   -10.593 1.303   1.00 34.42 ? 70  LYS A CA  1 
ATOM   455  C C   . LYS A 1 61  ? 10.797  -9.979  0.563   1.00 31.45 ? 70  LYS A C   1 
ATOM   456  O O   . LYS A 1 61  ? 11.851  -9.815  1.132   1.00 31.06 ? 70  LYS A O   1 
ATOM   457  C CB  . LYS A 1 61  ? 9.900   -12.117 1.163   1.00 41.40 ? 70  LYS A CB  1 
ATOM   458  C CG  . LYS A 1 61  ? 9.317   -12.956 2.243   1.00 54.78 ? 70  LYS A CG  1 
ATOM   459  C CD  . LYS A 1 61  ? 8.954   -14.374 1.730   1.00 57.73 ? 70  LYS A CD  1 
ATOM   460  C CE  . LYS A 1 61  ? 8.800   -15.373 2.895   1.00 57.61 ? 70  LYS A CE  1 
ATOM   461  N NZ  . LYS A 1 61  ? 10.152  -15.832 3.366   1.00 51.82 ? 70  LYS A NZ  1 
ATOM   462  N N   . ASP A 1 62  ? 10.628  -9.726  -0.721  1.00 25.79 ? 71  ASP A N   1 
ATOM   463  C CA  . ASP A 1 62  ? 11.769  -9.296  -1.477  1.00 25.03 ? 71  ASP A CA  1 
ATOM   464  C C   . ASP A 1 62  ? 12.147  -7.874  -1.283  1.00 34.39 ? 71  ASP A C   1 
ATOM   465  O O   . ASP A 1 62  ? 11.322  -6.981  -1.510  1.00 25.77 ? 71  ASP A O   1 
ATOM   466  C CB  . ASP A 1 62  ? 11.496  -9.546  -2.996  1.00 28.33 ? 71  ASP A CB  1 
ATOM   467  C CG  . ASP A 1 62  ? 11.502  -11.032 -3.329  1.00 38.96 ? 71  ASP A CG  1 
ATOM   468  O OD1 . ASP A 1 62  ? 11.898  -11.810 -2.462  1.00 33.31 ? 71  ASP A OD1 1 
ATOM   469  O OD2 . ASP A 1 62  ? 11.089  -11.412 -4.411  1.00 27.43 ? 71  ASP A OD2 1 
ATOM   470  N N   . ARG A 1 63  ? 13.417  -7.641  -0.920  1.00 25.46 ? 72  ARG A N   1 
ATOM   471  C CA  . ARG A 1 63  ? 13.891  -6.269  -0.762  1.00 28.17 ? 72  ARG A CA  1 
ATOM   472  C C   . ARG A 1 63  ? 14.182  -5.644  -2.111  1.00 21.86 ? 72  ARG A C   1 
ATOM   473  O O   . ARG A 1 63  ? 14.376  -6.348  -3.181  1.00 21.66 ? 72  ARG A O   1 
ATOM   474  C CB  . ARG A 1 63  ? 15.213  -6.269  0.067   1.00 31.40 ? 72  ARG A CB  1 
ATOM   475  C CG  . ARG A 1 63  ? 15.152  -7.173  1.289   1.00 45.81 ? 72  ARG A CG  1 
ATOM   476  C CD  . ARG A 1 63  ? 14.096  -6.763  2.254   1.00 52.04 ? 72  ARG A CD  1 
ATOM   477  N NE  . ARG A 1 63  ? 14.324  -5.381  2.672   1.00 48.26 ? 72  ARG A NE  1 
ATOM   478  C CZ  . ARG A 1 63  ? 14.954  -5.007  3.780   1.00 63.43 ? 72  ARG A CZ  1 
ATOM   479  N NH1 . ARG A 1 63  ? 15.444  -5.900  4.635   1.00 57.73 ? 72  ARG A NH1 1 
ATOM   480  N NH2 . ARG A 1 63  ? 15.082  -3.721  4.045   1.00 62.47 ? 72  ARG A NH2 1 
ATOM   481  N N   . TYR A 1 64  ? 14.185  -4.309  -2.138  1.00 24.01 ? 73  TYR A N   1 
ATOM   482  C CA  . TYR A 1 64  ? 14.567  -3.618  -3.355  1.00 20.70 ? 73  TYR A CA  1 
ATOM   483  C C   . TYR A 1 64  ? 15.138  -2.273  -2.965  1.00 21.75 ? 73  TYR A C   1 
ATOM   484  O O   . TYR A 1 64  ? 15.054  -1.824  -1.817  1.00 23.45 ? 73  TYR A O   1 
ATOM   485  C CB  . TYR A 1 64  ? 13.404  -3.405  -4.384  1.00 19.07 ? 73  TYR A CB  1 
ATOM   486  C CG  . TYR A 1 64  ? 12.178  -2.671  -3.751  1.00 19.68 ? 73  TYR A CG  1 
ATOM   487  C CD1 . TYR A 1 64  ? 12.190  -1.298  -3.526  1.00 19.66 ? 73  TYR A CD1 1 
ATOM   488  C CD2 . TYR A 1 64  ? 10.999  -3.401  -3.399  1.00 20.45 ? 73  TYR A CD2 1 
ATOM   489  C CE1 . TYR A 1 64  ? 11.064  -0.607  -2.962  1.00 15.72 ? 73  TYR A CE1 1 
ATOM   490  C CE2 . TYR A 1 64  ? 9.869   -2.720  -2.851  1.00 15.06 ? 73  TYR A CE2 1 
ATOM   491  C CZ  . TYR A 1 64  ? 9.923   -1.330  -2.633  1.00 18.09 ? 73  TYR A CZ  1 
ATOM   492  O OH  . TYR A 1 64  ? 8.802   -0.724  -2.033  1.00 16.56 ? 73  TYR A OH  1 
ATOM   493  N N   . SER A 1 65  ? 15.780  -1.641  -3.933  1.00 22.21 ? 74  SER A N   1 
ATOM   494  C CA  . SER A 1 65  ? 16.410  -0.342  -3.645  1.00 25.19 ? 74  SER A CA  1 
ATOM   495  C C   . SER A 1 65  ? 15.570  0.867   -4.109  1.00 17.92 ? 74  SER A C   1 
ATOM   496  O O   . SER A 1 65  ? 15.121  0.947   -5.223  1.00 19.71 ? 74  SER A O   1 
ATOM   497  C CB  . SER A 1 65  ? 17.751  -0.167  -4.415  1.00 35.26 ? 74  SER A CB  1 
ATOM   498  O OG  . SER A 1 65  ? 18.619  -1.182  -3.978  1.00 37.63 ? 74  SER A OG  1 
ATOM   499  N N   . TYR A 1 66  ? 15.524  1.856   -3.196  1.00 21.77 ? 75  TYR A N   1 
ATOM   500  C CA  . TYR A 1 66  ? 14.936  3.114   -3.577  1.00 19.55 ? 75  TYR A CA  1 
ATOM   501  C C   . TYR A 1 66  ? 15.595  4.143   -2.677  1.00 16.42 ? 75  TYR A C   1 
ATOM   502  O O   . TYR A 1 66  ? 16.247  3.762   -1.699  1.00 21.31 ? 75  TYR A O   1 
ATOM   503  C CB  . TYR A 1 66  ? 13.392  3.124   -3.342  1.00 19.31 ? 75  TYR A CB  1 
ATOM   504  C CG  . TYR A 1 66  ? 12.948  3.422   -1.927  1.00 18.63 ? 75  TYR A CG  1 
ATOM   505  C CD1 . TYR A 1 66  ? 12.709  2.391   -0.979  1.00 21.22 ? 75  TYR A CD1 1 
ATOM   506  C CD2 . TYR A 1 66  ? 12.683  4.782   -1.544  1.00 18.53 ? 75  TYR A CD2 1 
ATOM   507  C CE1 . TYR A 1 66  ? 12.191  2.699   0.321   1.00 19.56 ? 75  TYR A CE1 1 
ATOM   508  C CE2 . TYR A 1 66  ? 12.170  5.068   -0.265  1.00 18.27 ? 75  TYR A CE2 1 
ATOM   509  C CZ  . TYR A 1 66  ? 11.934  4.004   0.626   1.00 20.19 ? 75  TYR A CZ  1 
ATOM   510  O OH  . TYR A 1 66  ? 11.435  4.293   1.857   1.00 20.81 ? 75  TYR A OH  1 
ATOM   511  N N   . SER A 1 67  ? 15.451  5.409   -3.054  1.00 16.42 ? 76  SER A N   1 
ATOM   512  C CA  . SER A 1 67  ? 16.037  6.487   -2.238  1.00 19.80 ? 76  SER A CA  1 
ATOM   513  C C   . SER A 1 67  ? 15.059  7.638   -2.114  1.00 21.66 ? 76  SER A C   1 
ATOM   514  O O   . SER A 1 67  ? 14.105  7.718   -2.849  1.00 17.08 ? 76  SER A O   1 
ATOM   515  C CB  . SER A 1 67  ? 17.386  6.983   -2.886  1.00 17.81 ? 76  SER A CB  1 
ATOM   516  O OG  . SER A 1 67  ? 17.196  7.611   -4.088  1.00 23.66 ? 76  SER A OG  1 
ATOM   517  N N   . TRP A 1 68  ? 15.317  8.545   -1.170  1.00 18.49 ? 77  TRP A N   1 
ATOM   518  C CA  . TRP A 1 68  ? 14.470  9.709   -0.938  1.00 14.51 ? 77  TRP A CA  1 
ATOM   519  C C   . TRP A 1 68  ? 15.333  10.882  -1.458  1.00 17.98 ? 77  TRP A C   1 
ATOM   520  O O   . TRP A 1 68  ? 16.419  11.114  -0.921  1.00 22.67 ? 77  TRP A O   1 
ATOM   521  C CB  . TRP A 1 68  ? 14.316  9.787   0.590   1.00 17.30 ? 77  TRP A CB  1 
ATOM   522  C CG  . TRP A 1 68  ? 13.528  10.895  1.111   1.00 20.06 ? 77  TRP A CG  1 
ATOM   523  C CD1 . TRP A 1 68  ? 13.976  11.878  1.980   1.00 17.10 ? 77  TRP A CD1 1 
ATOM   524  C CD2 . TRP A 1 68  ? 12.117  11.005  1.073   1.00 21.28 ? 77  TRP A CD2 1 
ATOM   525  N NE1 . TRP A 1 68  ? 12.888  12.606  2.479   1.00 21.44 ? 77  TRP A NE1 1 
ATOM   526  C CE2 . TRP A 1 68  ? 11.741  12.091  1.937   1.00 20.76 ? 77  TRP A CE2 1 
ATOM   527  C CE3 . TRP A 1 68  ? 11.109  10.308  0.389   1.00 17.54 ? 77  TRP A CE3 1 
ATOM   528  C CZ2 . TRP A 1 68  ? 10.435  12.471  2.121   1.00 18.33 ? 77  TRP A CZ2 1 
ATOM   529  C CZ3 . TRP A 1 68  ? 9.776   10.708  0.579   1.00 18.29 ? 77  TRP A CZ3 1 
ATOM   530  C CH2 . TRP A 1 68  ? 9.458   11.775  1.441   1.00 18.40 ? 77  TRP A CH2 1 
ATOM   531  N N   . LYS A 1 69  ? 14.862  11.555  -2.493  1.00 18.98 ? 78  LYS A N   1 
ATOM   532  C CA  . LYS A 1 69  ? 15.593  12.644  -3.138  1.00 18.33 ? 78  LYS A CA  1 
ATOM   533  C C   . LYS A 1 69  ? 14.588  13.809  -3.300  1.00 20.29 ? 78  LYS A C   1 
ATOM   534  O O   . LYS A 1 69  ? 13.517  13.602  -3.847  1.00 19.24 ? 78  LYS A O   1 
ATOM   535  C CB  . LYS A 1 69  ? 16.061  12.248  -4.568  1.00 19.34 ? 78  LYS A CB  1 
ATOM   536  C CG  . LYS A 1 69  ? 17.196  11.268  -4.527  1.00 23.10 ? 78  LYS A CG  1 
ATOM   537  C CD  . LYS A 1 69  ? 17.717  11.040  -5.954  1.00 24.86 ? 78  LYS A CD  1 
ATOM   538  C CE  . LYS A 1 69  ? 18.245  9.663   -6.070  1.00 44.21 ? 78  LYS A CE  1 
ATOM   539  N NZ  . LYS A 1 69  ? 19.333  9.492   -5.118  1.00 32.96 ? 78  LYS A NZ  1 
ATOM   540  N N   . ASP A 1 70  ? 14.966  15.017  -2.842  1.00 20.26 ? 79  ASP A N   1 
ATOM   541  C CA  . ASP A 1 70  ? 14.066  16.141  -2.910  1.00 17.80 ? 79  ASP A CA  1 
ATOM   542  C C   . ASP A 1 70  ? 12.660  15.744  -2.381  1.00 17.93 ? 79  ASP A C   1 
ATOM   543  O O   . ASP A 1 70  ? 11.637  16.062  -3.019  1.00 18.93 ? 79  ASP A O   1 
ATOM   544  C CB  . ASP A 1 70  ? 13.940  16.685  -4.346  1.00 19.25 ? 79  ASP A CB  1 
ATOM   545  C CG  . ASP A 1 70  ? 13.238  18.031  -4.408  1.00 41.31 ? 79  ASP A CG  1 
ATOM   546  O OD1 . ASP A 1 70  ? 13.503  18.902  -3.516  1.00 35.06 ? 79  ASP A OD1 1 
ATOM   547  O OD2 . ASP A 1 70  ? 12.402  18.203  -5.343  1.00 35.21 ? 79  ASP A OD2 1 
ATOM   548  N N   . LYS A 1 71  ? 12.642  15.101  -1.208  1.00 18.88 ? 80  LYS A N   1 
ATOM   549  C CA  . LYS A 1 71  ? 11.410  14.602  -0.577  1.00 15.58 ? 80  LYS A CA  1 
ATOM   550  C C   . LYS A 1 71  ? 10.465  13.884  -1.516  1.00 17.20 ? 80  LYS A C   1 
ATOM   551  O O   . LYS A 1 71  ? 9.251   14.134  -1.520  1.00 20.14 ? 80  LYS A O   1 
ATOM   552  C CB  . LYS A 1 71  ? 10.646  15.730  0.161   1.00 18.30 ? 80  LYS A CB  1 
ATOM   553  C CG  . LYS A 1 71  ? 11.563  16.214  1.319   1.00 17.01 ? 80  LYS A CG  1 
ATOM   554  C CD  . LYS A 1 71  ? 10.740  17.228  2.268   1.00 17.80 ? 80  LYS A CD  1 
ATOM   555  C CE  . LYS A 1 71  ? 10.655  18.625  1.741   1.00 20.23 ? 80  LYS A CE  1 
ATOM   556  N NZ  . LYS A 1 71  ? 9.885   19.495  2.804   1.00 16.00 ? 80  LYS A NZ  1 
ATOM   557  N N   . THR A 1 72  ? 11.049  13.032  -2.319  1.00 16.29 ? 81  THR A N   1 
ATOM   558  C CA  . THR A 1 72  ? 10.312  12.225  -3.285  1.00 17.60 ? 81  THR A CA  1 
ATOM   559  C C   . THR A 1 72  ? 10.928  10.820  -3.209  1.00 16.27 ? 81  THR A C   1 
ATOM   560  O O   . THR A 1 72  ? 12.115  10.628  -3.111  1.00 17.17 ? 81  THR A O   1 
ATOM   561  C CB  . THR A 1 72  ? 10.658  12.718  -4.746  1.00 25.06 ? 81  THR A CB  1 
ATOM   562  O OG1 . THR A 1 72  ? 10.346  14.094  -4.766  1.00 25.68 ? 81  THR A OG1 1 
ATOM   563  C CG2 . THR A 1 72  ? 9.810   12.043  -5.748  1.00 26.65 ? 81  THR A CG2 1 
ATOM   564  N N   . ILE A 1 73  ? 10.061  9.827   -3.318  1.00 16.18 ? 82  ILE A N   1 
ATOM   565  C CA  . ILE A 1 73  ? 10.531  8.437   -3.396  1.00 16.64 ? 82  ILE A CA  1 
ATOM   566  C C   . ILE A 1 73  ? 10.984  8.170   -4.879  1.00 12.92 ? 82  ILE A C   1 
ATOM   567  O O   . ILE A 1 73  ? 10.223  8.412   -5.823  1.00 18.36 ? 82  ILE A O   1 
ATOM   568  C CB  . ILE A 1 73  ? 9.328   7.532   -3.161  1.00 15.42 ? 82  ILE A CB  1 
ATOM   569  C CG1 . ILE A 1 73  ? 8.905   7.762   -1.662  1.00 16.51 ? 82  ILE A CG1 1 
ATOM   570  C CG2 . ILE A 1 73  ? 9.645   6.029   -3.456  1.00 15.35 ? 82  ILE A CG2 1 
ATOM   571  C CD1 . ILE A 1 73  ? 7.463   7.052   -1.366  1.00 13.93 ? 82  ILE A CD1 1 
ATOM   572  N N   . VAL A 1 74  ? 12.213  7.662   -4.996  1.00 17.99 ? 83  VAL A N   1 
ATOM   573  C CA  . VAL A 1 74  ? 12.804  7.406   -6.294  1.00 15.04 ? 83  VAL A CA  1 
ATOM   574  C C   . VAL A 1 74  ? 13.190  5.908   -6.335  1.00 16.42 ? 83  VAL A C   1 
ATOM   575  O O   . VAL A 1 74  ? 14.130  5.476   -5.664  1.00 17.05 ? 83  VAL A O   1 
ATOM   576  C CB  . VAL A 1 74  ? 14.103  8.248   -6.436  1.00 17.30 ? 83  VAL A CB  1 
ATOM   577  C CG1 . VAL A 1 74  ? 14.750  7.919   -7.883  1.00 19.93 ? 83  VAL A CG1 1 
ATOM   578  C CG2 . VAL A 1 74  ? 13.775  9.759   -6.416  1.00 19.79 ? 83  VAL A CG2 1 
ATOM   579  N N   . CYS A 1 75  ? 12.471  5.112   -7.146  1.00 18.10 ? 84  CYS A N   1 
ATOM   580  C CA  . CYS A 1 75  ? 12.775  3.679   -7.192  1.00 18.04 ? 84  CYS A CA  1 
ATOM   581  C C   . CYS A 1 75  ? 14.174  3.504   -7.943  1.00 18.95 ? 84  CYS A C   1 
ATOM   582  O O   . CYS A 1 75  ? 14.400  4.185   -8.943  1.00 23.46 ? 84  CYS A O   1 
ATOM   583  C CB  . CYS A 1 75  ? 11.706  2.984   -8.058  1.00 17.08 ? 84  CYS A CB  1 
ATOM   584  S SG  . CYS A 1 75  ? 10.169  2.856   -6.990  1.00 21.78 ? 84  CYS A SG  1 
ATOM   585  N N   . GLY A 1 76  ? 14.993  2.557   -7.532  1.00 21.67 ? 85  GLY A N   1 
ATOM   586  C CA  . GLY A 1 76  ? 16.270  2.416   -8.205  1.00 29.47 ? 85  GLY A CA  1 
ATOM   587  C C   . GLY A 1 76  ? 15.958  1.405   -9.325  1.00 29.17 ? 85  GLY A C   1 
ATOM   588  O O   . GLY A 1 76  ? 14.867  0.746   -9.368  1.00 27.34 ? 85  GLY A O   1 
ATOM   589  N N   . GLU A 1 77  ? 16.940  1.142   -10.074 1.00 32.57 ? 86  GLU A N   1 
ATOM   590  C CA  . GLU A 1 77  ? 16.756  0.170   -11.143 1.00 49.66 ? 86  GLU A CA  1 
ATOM   591  C C   . GLU A 1 77  ? 16.270  -1.248  -10.822 1.00 30.66 ? 86  GLU A C   1 
ATOM   592  O O   . GLU A 1 77  ? 15.519  -1.770  -11.482 1.00 44.11 ? 86  GLU A O   1 
ATOM   593  C CB  . GLU A 1 77  ? 17.841  0.156   -12.213 1.00 53.65 ? 86  GLU A CB  1 
ATOM   594  C CG  . GLU A 1 77  ? 17.235  -0.063  -13.548 1.00 76.72 ? 86  GLU A CG  1 
ATOM   595  C CD  . GLU A 1 77  ? 16.397  1.183   -13.964 1.00 86.32 ? 86  GLU A CD  1 
ATOM   596  O OE1 . GLU A 1 77  ? 16.650  2.205   -13.434 1.00 90.74 ? 86  GLU A OE1 1 
ATOM   597  O OE2 . GLU A 1 77  ? 15.507  1.182   -14.757 1.00 87.07 ? 86  GLU A OE2 1 
ATOM   598  N N   . ASN A 1 78  ? 16.844  -1.824  -9.867  1.00 39.81 ? 87  ASN A N   1 
ATOM   599  C CA  . ASN A 1 78  ? 16.457  -3.107  -9.442  1.00 34.74 ? 87  ASN A CA  1 
ATOM   600  C C   . ASN A 1 78  ? 16.453  -4.091  -10.652 1.00 41.09 ? 87  ASN A C   1 
ATOM   601  O O   . ASN A 1 78  ? 17.397  -4.109  -11.282 1.00 37.52 ? 87  ASN A O   1 
ATOM   602  C CB  . ASN A 1 78  ? 15.164  -3.009  -8.674  1.00 28.47 ? 87  ASN A CB  1 
ATOM   603  C CG  . ASN A 1 78  ? 15.296  -2.247  -7.371  1.00 18.43 ? 87  ASN A CG  1 
ATOM   604  O OD1 . ASN A 1 78  ? 15.880  -2.671  -6.543  1.00 28.95 ? 87  ASN A OD1 1 
ATOM   605  N ND2 . ASN A 1 78  ? 14.794  -1.083  -7.330  1.00 29.38 ? 87  ASN A ND2 1 
ATOM   606  N N   . ASN A 1 79  ? 15.427  -4.842  -10.880 1.00 30.16 ? 88  ASN A N   1 
ATOM   607  C CA  . ASN A 1 79  ? 15.113  -5.652  -11.975 1.00 26.56 ? 88  ASN A CA  1 
ATOM   608  C C   . ASN A 1 79  ? 13.661  -5.440  -12.382 1.00 28.20 ? 88  ASN A C   1 
ATOM   609  O O   . ASN A 1 79  ? 13.007  -4.805  -11.725 1.00 22.29 ? 88  ASN A O   1 
ATOM   610  C CB  . ASN A 1 79  ? 15.457  -7.079  -11.707 1.00 29.71 ? 88  ASN A CB  1 
ATOM   611  C CG  . ASN A 1 79  ? 14.562  -7.789  -10.701 1.00 38.26 ? 88  ASN A CG  1 
ATOM   612  O OD1 . ASN A 1 79  ? 13.420  -7.635  -10.617 1.00 30.71 ? 88  ASN A OD1 1 
ATOM   613  N ND2 . ASN A 1 79  ? 15.141  -8.615  -10.022 1.00 35.73 ? 88  ASN A ND2 1 
ATOM   614  N N   . PRO A 1 80  ? 13.243  -5.915  -13.525 1.00 24.19 ? 90  PRO A N   1 
ATOM   615  C CA  . PRO A 1 80  ? 11.850  -5.543  -13.909 1.00 25.98 ? 90  PRO A CA  1 
ATOM   616  C C   . PRO A 1 80  ? 10.686  -5.728  -12.878 1.00 21.93 ? 90  PRO A C   1 
ATOM   617  O O   . PRO A 1 80  ? 9.788   -4.811  -12.699 1.00 22.00 ? 90  PRO A O   1 
ATOM   618  C CB  . PRO A 1 80  ? 11.632  -6.304  -15.210 1.00 30.18 ? 90  PRO A CB  1 
ATOM   619  C CG  . PRO A 1 80  ? 13.048  -6.388  -15.821 1.00 26.34 ? 90  PRO A CG  1 
ATOM   620  C CD  . PRO A 1 80  ? 13.919  -6.736  -14.578 1.00 25.18 ? 90  PRO A CD  1 
ATOM   621  N N   . CYS A 1 81  ? 10.661  -6.907  -12.268 1.00 24.68 ? 91  CYS A N   1 
ATOM   622  C CA  . CYS A 1 81  ? 9.635   -7.154  -11.245 1.00 22.19 ? 91  CYS A CA  1 
ATOM   623  C C   . CYS A 1 81  ? 9.832   -6.289  -10.050 1.00 27.40 ? 91  CYS A C   1 
ATOM   624  O O   . CYS A 1 81  ? 8.882   -5.709  -9.540  1.00 19.28 ? 91  CYS A O   1 
ATOM   625  C CB  . CYS A 1 81  ? 9.696   -8.565  -10.803 1.00 20.13 ? 91  CYS A CB  1 
ATOM   626  S SG  . CYS A 1 81  ? 8.252   -9.128  -9.828  1.00 25.63 ? 91  CYS A SG  1 
ATOM   627  N N   . LEU A 1 82  ? 11.069  -6.177  -9.581  1.00 21.51 ? 92  LEU A N   1 
ATOM   628  C CA  . LEU A 1 82  ? 11.285  -5.354  -8.383  1.00 18.37 ? 92  LEU A CA  1 
ATOM   629  C C   . LEU A 1 82  ? 11.034  -3.906  -8.669  1.00 22.42 ? 92  LEU A C   1 
ATOM   630  O O   . LEU A 1 82  ? 10.603  -3.162  -7.765  1.00 20.87 ? 92  LEU A O   1 
ATOM   631  C CB  . LEU A 1 82  ? 12.686  -5.575  -7.815  1.00 17.32 ? 92  LEU A CB  1 
ATOM   632  C CG  . LEU A 1 82  ? 12.953  -6.990  -7.273  1.00 24.06 ? 92  LEU A CG  1 
ATOM   633  C CD1 . LEU A 1 82  ? 14.480  -7.047  -6.944  1.00 24.45 ? 92  LEU A CD1 1 
ATOM   634  C CD2 . LEU A 1 82  ? 12.193  -7.233  -6.007  1.00 23.12 ? 92  LEU A CD2 1 
ATOM   635  N N   . LYS A 1 83  ? 11.314  -3.449  -9.892  1.00 16.88 ? 93  LYS A N   1 
ATOM   636  C CA  . LYS A 1 83  ? 11.026  -2.042  -10.217 1.00 21.45 ? 93  LYS A CA  1 
ATOM   637  C C   . LYS A 1 83  ? 9.462   -1.821  -10.229 1.00 23.85 ? 93  LYS A C   1 
ATOM   638  O O   . LYS A 1 83  ? 8.960   -0.813  -9.665  1.00 20.42 ? 93  LYS A O   1 
ATOM   639  C CB  . LYS A 1 83  ? 11.644  -1.645  -11.561 1.00 23.35 ? 93  LYS A CB  1 
ATOM   640  C CG  . LYS A 1 83  ? 11.382  -0.257  -11.993 1.00 30.27 ? 93  LYS A CG  1 
ATOM   641  C CD  . LYS A 1 83  ? 12.098  0.784   -10.999 1.00 35.63 ? 93  LYS A CD  1 
ATOM   642  C CE  . LYS A 1 83  ? 12.241  2.232   -11.652 1.00 31.61 ? 93  LYS A CE  1 
ATOM   643  N NZ  . LYS A 1 83  ? 10.936  2.961   -12.071 1.00 24.78 ? 93  LYS A NZ  1 
ATOM   644  N N   . GLU A 1 84  ? 8.683   -2.722  -10.850 1.00 18.78 ? 94  GLU A N   1 
ATOM   645  C CA  . GLU A 1 84  ? 7.198   -2.604  -10.797 1.00 18.93 ? 94  GLU A CA  1 
ATOM   646  C C   . GLU A 1 84  ? 6.691   -2.626  -9.313  1.00 17.47 ? 94  GLU A C   1 
ATOM   647  O O   . GLU A 1 84  ? 5.781   -1.831  -8.974  1.00 18.46 ? 94  GLU A O   1 
ATOM   648  C CB  . GLU A 1 84  ? 6.534   -3.861  -11.433 1.00 20.63 ? 94  GLU A CB  1 
ATOM   649  C CG  . GLU A 1 84  ? 6.710   -3.845  -12.921 1.00 25.15 ? 94  GLU A CG  1 
ATOM   650  C CD  . GLU A 1 84  ? 6.240   -5.204  -13.599 1.00 45.07 ? 94  GLU A CD  1 
ATOM   651  O OE1 . GLU A 1 84  ? 6.156   -6.253  -12.900 1.00 27.41 ? 94  GLU A OE1 1 
ATOM   652  O OE2 . GLU A 1 84  ? 6.006   -5.218  -14.843 1.00 34.81 ? 94  GLU A OE2 1 
ATOM   653  N N   . LEU A 1 85  ? 7.259   -3.543  -8.526  1.00 17.64 ? 95  LEU A N   1 
ATOM   654  C CA  . LEU A 1 85  ? 6.912   -3.680  -7.072  1.00 15.65 ? 95  LEU A CA  1 
ATOM   655  C C   . LEU A 1 85  ? 7.186   -2.343  -6.382  1.00 17.28 ? 95  LEU A C   1 
ATOM   656  O O   . LEU A 1 85  ? 6.305   -1.785  -5.689  1.00 15.47 ? 95  LEU A O   1 
ATOM   657  C CB  . LEU A 1 85  ? 7.784   -4.757  -6.432  1.00 16.01 ? 95  LEU A CB  1 
ATOM   658  C CG  . LEU A 1 85  ? 7.527   -4.861  -4.938  1.00 16.63 ? 95  LEU A CG  1 
ATOM   659  C CD1 . LEU A 1 85  ? 6.043   -5.125  -4.608  1.00 16.64 ? 95  LEU A CD1 1 
ATOM   660  C CD2 . LEU A 1 85  ? 8.498   -6.018  -4.403  1.00 18.72 ? 95  LEU A CD2 1 
ATOM   661  N N   . CYS A 1 86  ? 8.406   -1.834  -6.581  1.00 16.01 ? 96  CYS A N   1 
ATOM   662  C CA  . CYS A 1 86  ? 8.728   -0.511  -5.974  1.00 17.58 ? 96  CYS A CA  1 
ATOM   663  C C   . CYS A 1 86  ? 7.759   0.573   -6.452  1.00 15.95 ? 96  CYS A C   1 
ATOM   664  O O   . CYS A 1 86  ? 7.358   1.424   -5.622  1.00 16.63 ? 96  CYS A O   1 
ATOM   665  C CB  . CYS A 1 86  ? 10.179  -0.137  -6.355  1.00 19.72 ? 96  CYS A CB  1 
ATOM   666  S SG  . CYS A 1 86  ? 10.739  1.462   -5.650  1.00 19.31 ? 96  CYS A SG  1 
ATOM   667  N N   . GLU A 1 87  ? 7.372   0.597   -7.725  1.00 15.05 ? 97  GLU A N   1 
ATOM   668  C CA  . GLU A 1 87  ? 6.447   1.676   -8.162  1.00 15.74 ? 97  GLU A CA  1 
ATOM   669  C C   . GLU A 1 87  ? 5.034   1.431   -7.607  1.00 15.64 ? 97  GLU A C   1 
ATOM   670  O O   . GLU A 1 87  ? 4.337   2.397   -7.326  1.00 16.44 ? 97  GLU A O   1 
ATOM   671  C CB  . GLU A 1 87  ? 6.344   1.770   -9.728  1.00 16.19 ? 97  GLU A CB  1 
ATOM   672  C CG  . GLU A 1 87  ? 7.785   2.196   -10.302 1.00 14.97 ? 97  GLU A CG  1 
ATOM   673  C CD  . GLU A 1 87  ? 8.055   3.670   -10.062 1.00 20.06 ? 97  GLU A CD  1 
ATOM   674  O OE1 . GLU A 1 87  ? 7.123   4.506   -9.712  1.00 20.01 ? 97  GLU A OE1 1 
ATOM   675  O OE2 . GLU A 1 87  ? 9.247   4.049   -10.242 1.00 22.50 ? 97  GLU A OE2 1 
ATOM   676  N N   . CYS A 1 88  ? 4.626   0.161   -7.403  1.00 15.56 ? 98  CYS A N   1 
ATOM   677  C CA  . CYS A 1 88  ? 3.271   -0.056  -6.813  1.00 16.66 ? 98  CYS A CA  1 
ATOM   678  C C   . CYS A 1 88  ? 3.318   0.498   -5.341  1.00 18.70 ? 98  CYS A C   1 
ATOM   679  O O   . CYS A 1 88  ? 2.387   1.168   -4.866  1.00 17.37 ? 98  CYS A O   1 
ATOM   680  C CB  . CYS A 1 88  ? 2.924   -1.583  -6.583  1.00 15.58 ? 98  CYS A CB  1 
ATOM   681  S SG  . CYS A 1 88  ? 2.629   -2.472  -8.169  1.00 18.54 ? 98  CYS A SG  1 
ATOM   682  N N   . ASP A 1 89  ? 4.412   0.204   -4.650  1.00 10.94 ? 99  ASP A N   1 
ATOM   683  C CA  . ASP A 1 89  ? 4.506   0.672   -3.257  1.00 14.33 ? 99  ASP A CA  1 
ATOM   684  C C   . ASP A 1 89  ? 4.601   2.205   -3.193  1.00 19.80 ? 99  ASP A C   1 
ATOM   685  O O   . ASP A 1 89  ? 4.034   2.847   -2.303  1.00 17.20 ? 99  ASP A O   1 
ATOM   686  C CB  . ASP A 1 89  ? 5.753   0.076   -2.567  1.00 15.64 ? 99  ASP A CB  1 
ATOM   687  C CG  . ASP A 1 89  ? 5.599   -1.447  -2.314  1.00 18.38 ? 99  ASP A CG  1 
ATOM   688  O OD1 . ASP A 1 89  ? 4.460   -1.964  -2.449  1.00 14.65 ? 99  ASP A OD1 1 
ATOM   689  O OD2 . ASP A 1 89  ? 6.607   -2.110  -1.970  1.00 18.35 ? 99  ASP A OD2 1 
ATOM   690  N N   . LYS A 1 90  ? 5.398   2.781   -4.078  1.00 14.52 ? 100 LYS A N   1 
ATOM   691  C CA  . LYS A 1 90  ? 5.486   4.267   -4.036  1.00 14.27 ? 100 LYS A CA  1 
ATOM   692  C C   . LYS A 1 90  ? 4.113   4.863   -4.290  1.00 17.50 ? 100 LYS A C   1 
ATOM   693  O O   . LYS A 1 90  ? 3.669   5.786   -3.634  1.00 16.89 ? 100 LYS A O   1 
ATOM   694  C CB  . LYS A 1 90  ? 6.516   4.717   -5.156  1.00 14.12 ? 100 LYS A CB  1 
ATOM   695  C CG  . LYS A 1 90  ? 6.283   6.278   -5.473  1.00 14.81 ? 100 LYS A CG  1 
ATOM   696  C CD  . LYS A 1 90  ? 7.522   6.644   -6.506  1.00 15.05 ? 100 LYS A CD  1 
ATOM   697  C CE  . LYS A 1 90  ? 7.312   8.149   -6.903  1.00 18.60 ? 100 LYS A CE  1 
ATOM   698  N NZ  . LYS A 1 90  ? 8.437   8.564   -7.874  1.00 15.47 ? 100 LYS A NZ  1 
ATOM   699  N N   . ALA A 1 91  ? 3.388   4.319   -5.259  1.00 13.67 ? 101 ALA A N   1 
ATOM   700  C CA  . ALA A 1 91  ? 2.047   4.961   -5.538  1.00 11.42 ? 101 ALA A CA  1 
ATOM   701  C C   . ALA A 1 91  ? 1.092   4.841   -4.332  1.00 14.01 ? 101 ALA A C   1 
ATOM   702  O O   . ALA A 1 91  ? 0.309   5.759   -4.035  1.00 16.45 ? 101 ALA A O   1 
ATOM   703  C CB  . ALA A 1 91  ? 1.423   4.231   -6.764  1.00 14.44 ? 101 ALA A CB  1 
ATOM   704  N N   . VAL A 1 92  ? 1.129   3.702   -3.604  1.00 15.35 ? 102 VAL A N   1 
ATOM   705  C CA  . VAL A 1 92  ? 0.163   3.657   -2.501  1.00 12.53 ? 102 VAL A CA  1 
ATOM   706  C C   . VAL A 1 92  ? 0.589   4.568   -1.413  1.00 13.10 ? 102 VAL A C   1 
ATOM   707  O O   . VAL A 1 92  ? -0.254  5.199   -0.730  1.00 16.00 ? 102 VAL A O   1 
ATOM   708  C CB  . VAL A 1 92  ? -0.039  2.152   -2.000  1.00 14.11 ? 102 VAL A CB  1 
ATOM   709  C CG1 . VAL A 1 92  ? 1.226   1.678   -1.142  1.00 11.78 ? 102 VAL A CG1 1 
ATOM   710  C CG2 . VAL A 1 92  ? -1.354  2.148   -1.144  1.00 18.04 ? 102 VAL A CG2 1 
ATOM   711  N N   . ALA A 1 93  ? 1.892   4.732   -1.208  1.00 14.02 ? 103 ALA A N   1 
ATOM   712  C CA  . ALA A 1 93  ? 2.298   5.681   -0.131  1.00 16.60 ? 103 ALA A CA  1 
ATOM   713  C C   . ALA A 1 93  ? 1.847   7.120   -0.461  1.00 17.23 ? 103 ALA A C   1 
ATOM   714  O O   . ALA A 1 93  ? 1.388   7.840   0.416   1.00 14.95 ? 103 ALA A O   1 
ATOM   715  C CB  . ALA A 1 93  ? 3.870   5.623   0.065   1.00 13.83 ? 103 ALA A CB  1 
ATOM   716  N N   . ILE A 1 94  ? 2.039   7.550   -1.706  1.00 16.35 ? 104 ILE A N   1 
ATOM   717  C CA  . ILE A 1 94  ? 1.592   8.854   -2.127  1.00 16.43 ? 104 ILE A CA  1 
ATOM   718  C C   . ILE A 1 94  ? 0.043   8.962   -1.982  1.00 17.21 ? 104 ILE A C   1 
ATOM   719  O O   . ILE A 1 94  ? -0.510  9.916   -1.451  1.00 15.86 ? 104 ILE A O   1 
ATOM   720  C CB  . ILE A 1 94  ? 1.936   9.001   -3.618  1.00 16.41 ? 104 ILE A CB  1 
ATOM   721  C CG1 . ILE A 1 94  ? 3.478   9.209   -3.695  1.00 16.54 ? 104 ILE A CG1 1 
ATOM   722  C CG2 . ILE A 1 94  ? 1.205   10.266  -4.262  1.00 17.39 ? 104 ILE A CG2 1 
ATOM   723  C CD1 . ILE A 1 94  ? 3.981   9.283   -5.186  1.00 19.86 ? 104 ILE A CD1 1 
ATOM   724  N N   . CYS A 1 95  ? -0.653  7.930   -2.435  1.00 14.81 ? 105 CYS A N   1 
ATOM   725  C CA  . CYS A 1 95  ? -2.158  7.994   -2.371  1.00 15.67 ? 105 CYS A CA  1 
ATOM   726  C C   . CYS A 1 95  ? -2.623  8.071   -0.903  1.00 16.66 ? 105 CYS A C   1 
ATOM   727  O O   . CYS A 1 95  ? -3.547  8.799   -0.569  1.00 17.51 ? 105 CYS A O   1 
ATOM   728  C CB  . CYS A 1 95  ? -2.708  6.719   -3.012  1.00 22.10 ? 105 CYS A CB  1 
ATOM   729  S SG  . CYS A 1 95  ? -4.515  6.574   -3.219  1.00 22.44 ? 105 CYS A SG  1 
ATOM   730  N N   . LEU A 1 96  ? -1.976  7.324   0.012   1.00 15.15 ? 106 LEU A N   1 
ATOM   731  C CA  . LEU A 1 96  ? -2.430  7.399   1.390   1.00 12.02 ? 106 LEU A CA  1 
ATOM   732  C C   . LEU A 1 96  ? -2.181  8.804   1.873   1.00 18.10 ? 106 LEU A C   1 
ATOM   733  O O   . LEU A 1 96  ? -3.015  9.342   2.617   1.00 16.95 ? 106 LEU A O   1 
ATOM   734  C CB  . LEU A 1 96  ? -1.649  6.416   2.275   1.00 17.89 ? 106 LEU A CB  1 
ATOM   735  C CG  . LEU A 1 96  ? -1.909  4.915   1.870   1.00 12.03 ? 106 LEU A CG  1 
ATOM   736  C CD1 . LEU A 1 96  ? -1.017  3.976   2.626   1.00 13.05 ? 106 LEU A CD1 1 
ATOM   737  C CD2 . LEU A 1 96  ? -3.458  4.599   2.235   1.00 13.80 ? 106 LEU A CD2 1 
ATOM   738  N N   . ARG A 1 97  ? -1.023  9.372   1.532   1.00 17.21 ? 107 ARG A N   1 
ATOM   739  C CA  . ARG A 1 97  ? -0.829  10.765  2.003   1.00 16.48 ? 107 ARG A CA  1 
ATOM   740  C C   . ARG A 1 97  ? -1.862  11.715  1.407   1.00 14.83 ? 107 ARG A C   1 
ATOM   741  O O   . ARG A 1 97  ? -2.400  12.595  2.126   1.00 19.49 ? 107 ARG A O   1 
ATOM   742  C CB  . ARG A 1 97  ? 0.610   11.323  1.678   1.00 21.88 ? 107 ARG A CB  1 
ATOM   743  C CG  . ARG A 1 97  ? 0.522   12.926  1.633   1.00 24.27 ? 107 ARG A CG  1 
ATOM   744  C CD  . ARG A 1 97  ? 1.781   13.582  1.272   1.00 26.80 ? 107 ARG A CD  1 
ATOM   745  N NE  . ARG A 1 97  ? 2.362   13.136  -0.001  1.00 21.49 ? 107 ARG A NE  1 
ATOM   746  C CZ  . ARG A 1 97  ? 1.988   13.512  -1.225  1.00 20.73 ? 107 ARG A CZ  1 
ATOM   747  N NH1 . ARG A 1 97  ? 0.963   14.371  -1.380  1.00 23.41 ? 107 ARG A NH1 1 
ATOM   748  N NH2 . ARG A 1 97  ? 2.680   13.029  -2.287  1.00 26.81 ? 107 ARG A NH2 1 
ATOM   749  N N   . GLU A 1 98  ? -2.213  11.544  0.132   1.00 16.39 ? 108 GLU A N   1 
ATOM   750  C CA  . GLU A 1 98  ? -3.209  12.455  -0.510  1.00 17.78 ? 108 GLU A CA  1 
ATOM   751  C C   . GLU A 1 98  ? -4.576  12.362  0.109   1.00 25.51 ? 108 GLU A C   1 
ATOM   752  O O   . GLU A 1 98  ? -5.340  13.307  0.036   1.00 25.38 ? 108 GLU A O   1 
ATOM   753  C CB  . GLU A 1 98  ? -3.323  12.187  -2.032  1.00 23.49 ? 108 GLU A CB  1 
ATOM   754  C CG  . GLU A 1 98  ? -2.022  12.432  -2.748  1.00 24.72 ? 108 GLU A CG  1 
ATOM   755  C CD  . GLU A 1 98  ? -2.060  12.094  -4.248  1.00 42.12 ? 108 GLU A CD  1 
ATOM   756  O OE1 . GLU A 1 98  ? -2.799  11.189  -4.616  1.00 38.77 ? 108 GLU A OE1 1 
ATOM   757  O OE2 . GLU A 1 98  ? -1.337  12.706  -5.051  1.00 33.34 ? 108 GLU A OE2 1 
ATOM   758  N N   . ASN A 1 99  ? -4.879  11.256  0.782   1.00 20.39 ? 109 ASN A N   1 
ATOM   759  C CA  . ASN A 1 99  ? -6.204  11.061  1.331   1.00 17.45 ? 109 ASN A CA  1 
ATOM   760  C C   . ASN A 1 99  ? -6.239  11.119  2.842   1.00 19.03 ? 109 ASN A C   1 
ATOM   761  O O   . ASN A 1 99  ? -7.219  10.684  3.485   1.00 18.59 ? 109 ASN A O   1 
ATOM   762  C CB  . ASN A 1 99  ? -6.747  9.693   0.763   1.00 17.51 ? 109 ASN A CB  1 
ATOM   763  C CG  . ASN A 1 99  ? -7.118  9.861   -0.642  1.00 28.31 ? 109 ASN A CG  1 
ATOM   764  O OD1 . ASN A 1 99  ? -8.106  10.539  -0.897  1.00 20.52 ? 109 ASN A OD1 1 
ATOM   765  N ND2 . ASN A 1 99  ? -6.302  9.350   -1.608  1.00 19.87 ? 109 ASN A ND2 1 
ATOM   766  N N   . LEU A 1 100 ? -5.154  11.598  3.442   1.00 18.13 ? 110 LEU A N   1 
ATOM   767  C CA  . LEU A 1 100 ? -5.153  11.663  4.890   1.00 16.59 ? 110 LEU A CA  1 
ATOM   768  C C   . LEU A 1 100 ? -6.351  12.540  5.426   1.00 29.85 ? 110 LEU A C   1 
ATOM   769  O O   . LEU A 1 100 ? -6.795  12.327  6.545   1.00 21.93 ? 110 LEU A O   1 
ATOM   770  C CB  . LEU A 1 100 ? -3.904  12.330  5.450   1.00 19.06 ? 110 LEU A CB  1 
ATOM   771  C CG  . LEU A 1 100 ? -2.705  11.378  5.440   1.00 21.59 ? 110 LEU A CG  1 
ATOM   772  C CD1 . LEU A 1 100 ? -1.385  12.272  5.540   1.00 22.82 ? 110 LEU A CD1 1 
ATOM   773  C CD2 . LEU A 1 100 ? -2.800  10.490  6.634   1.00 20.76 ? 110 LEU A CD2 1 
ATOM   774  N N   . GLY A 1 101 ? -6.803  13.494  4.622   1.00 26.32 ? 111 GLY A N   1 
ATOM   775  C CA  . GLY A 1 101 ? -7.906  14.441  4.982   1.00 25.98 ? 111 GLY A CA  1 
ATOM   776  C C   . GLY A 1 101 ? -9.205  13.706  5.252   1.00 32.52 ? 111 GLY A C   1 
ATOM   777  O O   . GLY A 1 101 ? -10.118 14.232  5.912   1.00 30.17 ? 111 GLY A O   1 
ATOM   778  N N   . THR A 1 102 ? -9.376  12.507  4.703   1.00 22.16 ? 112 THR A N   1 
ATOM   779  C CA  . THR A 1 102 ? -10.572 11.738  5.088   1.00 18.09 ? 112 THR A CA  1 
ATOM   780  C C   . THR A 1 102 ? -10.283 10.480  5.925   1.00 22.64 ? 112 THR A C   1 
ATOM   781  O O   . THR A 1 102 ? -11.166 9.651   6.120   1.00 20.70 ? 112 THR A O   1 
ATOM   782  C CB  . THR A 1 102 ? -11.434 11.326  3.913   1.00 22.41 ? 112 THR A CB  1 
ATOM   783  O OG1 . THR A 1 102 ? -10.649 10.541  2.980   1.00 21.14 ? 112 THR A OG1 1 
ATOM   784  C CG2 . THR A 1 102 ? -11.958 12.613  3.198   1.00 22.09 ? 112 THR A CG2 1 
ATOM   785  N N   . TYR A 1 103 ? -9.028  10.295  6.300   1.00 18.11 ? 113 TYR A N   1 
ATOM   786  C CA  . TYR A 1 103 ? -8.718  9.081   7.111   1.00 19.31 ? 113 TYR A CA  1 
ATOM   787  C C   . TYR A 1 103 ? -9.653  8.972   8.329   1.00 26.74 ? 113 TYR A C   1 
ATOM   788  O O   . TYR A 1 103 ? -9.854  9.939   9.030   1.00 25.92 ? 113 TYR A O   1 
ATOM   789  C CB  . TYR A 1 103 ? -7.256  9.203   7.593   1.00 24.32 ? 113 TYR A CB  1 
ATOM   790  C CG  . TYR A 1 103 ? -6.800  8.016   8.382   1.00 23.01 ? 113 TYR A CG  1 
ATOM   791  C CD1 . TYR A 1 103 ? -7.005  7.940   9.751   1.00 26.91 ? 113 TYR A CD1 1 
ATOM   792  C CD2 . TYR A 1 103 ? -6.122  6.930   7.736   1.00 19.35 ? 113 TYR A CD2 1 
ATOM   793  C CE1 . TYR A 1 103 ? -6.590  6.874   10.498  1.00 28.78 ? 113 TYR A CE1 1 
ATOM   794  C CE2 . TYR A 1 103 ? -5.659  5.821   8.517   1.00 17.95 ? 113 TYR A CE2 1 
ATOM   795  C CZ  . TYR A 1 103 ? -5.892  5.794   9.890   1.00 25.78 ? 113 TYR A CZ  1 
ATOM   796  O OH  . TYR A 1 103 ? -5.485  4.721   10.633  1.00 23.09 ? 113 TYR A OH  1 
ATOM   797  N N   . ASN A 1 104 ? -10.206 7.822   8.600   1.00 21.58 ? 114 ASN A N   1 
ATOM   798  C CA  . ASN A 1 104 ? -11.154 7.657   9.732   1.00 23.57 ? 114 ASN A CA  1 
ATOM   799  C C   . ASN A 1 104 ? -10.764 6.556   10.678  1.00 23.26 ? 114 ASN A C   1 
ATOM   800  O O   . ASN A 1 104 ? -10.805 5.368   10.322  1.00 24.33 ? 114 ASN A O   1 
ATOM   801  C CB  . ASN A 1 104 ? -12.558 7.414   9.157   1.00 20.44 ? 114 ASN A CB  1 
ATOM   802  C CG  . ASN A 1 104 ? -13.629 7.445   10.244  1.00 39.65 ? 114 ASN A CG  1 
ATOM   803  O OD1 . ASN A 1 104 ? -13.321 7.339   11.433  1.00 34.08 ? 114 ASN A OD1 1 
ATOM   804  N ND2 . ASN A 1 104 ? -14.859 7.562   9.848   1.00 37.08 ? 114 ASN A ND2 1 
ATOM   805  N N   . LYS A 1 105 ? -10.295 6.930   11.884  1.00 27.59 ? 115 LYS A N   1 
ATOM   806  C CA  . LYS A 1 105 ? -9.841  5.882   12.849  1.00 29.13 ? 115 LYS A CA  1 
ATOM   807  C C   . LYS A 1 105 ? -10.849 4.795   13.072  1.00 21.40 ? 115 LYS A C   1 
ATOM   808  O O   . LYS A 1 105 ? -10.466 3.660   13.403  1.00 30.27 ? 115 LYS A O   1 
ATOM   809  C CB  . LYS A 1 105 ? -9.461  6.466   14.231  1.00 25.22 ? 115 LYS A CB  1 
ATOM   810  C CG  . LYS A 1 105 ? -8.157  7.244   14.203  1.00 41.82 ? 115 LYS A CG  1 
ATOM   811  C CD  . LYS A 1 105 ? -7.767  7.927   15.571  1.00 41.49 ? 115 LYS A CD  1 
ATOM   812  C CE  . LYS A 1 105 ? -6.571  8.958   15.392  1.00 60.70 ? 115 LYS A CE  1 
ATOM   813  N NZ  . LYS A 1 105 ? -5.252  8.699   16.100  1.00 74.38 ? 115 LYS A NZ  1 
ATOM   814  N N   . LYS A 1 106 ? -12.139 5.061   12.851  1.00 29.13 ? 116 LYS A N   1 
ATOM   815  C CA  . LYS A 1 106 ? -13.136 4.031   13.069  1.00 32.71 ? 116 LYS A CA  1 
ATOM   816  C C   . LYS A 1 106 ? -12.976 2.884   12.112  1.00 35.15 ? 116 LYS A C   1 
ATOM   817  O O   . LYS A 1 106 ? -13.535 1.805   12.356  1.00 28.84 ? 116 LYS A O   1 
ATOM   818  C CB  . LYS A 1 106 ? -14.562 4.567   12.969  1.00 34.22 ? 116 LYS A CB  1 
ATOM   819  C CG  . LYS A 1 106 ? -15.084 4.688   11.562  1.00 57.74 ? 116 LYS A CG  1 
ATOM   820  C CD  . LYS A 1 106 ? -16.499 5.308   11.511  1.00 65.89 ? 116 LYS A CD  1 
ATOM   821  C CE  . LYS A 1 106 ? -17.020 5.357   10.051  1.00 65.50 ? 116 LYS A CE  1 
ATOM   822  N NZ  . LYS A 1 106 ? -18.170 6.268   9.784   1.00 64.81 ? 116 LYS A NZ  1 
ATOM   823  N N   . TYR A 1 107 ? -12.167 3.068   11.050  1.00 23.26 ? 117 TYR A N   1 
ATOM   824  C CA  . TYR A 1 107 ? -11.994 1.923   10.110  1.00 21.74 ? 117 TYR A CA  1 
ATOM   825  C C   . TYR A 1 107 ? -10.754 1.125   10.417  1.00 25.42 ? 117 TYR A C   1 
ATOM   826  O O   . TYR A 1 107 ? -10.486 0.114   9.785   1.00 28.31 ? 117 TYR A O   1 
ATOM   827  C CB  . TYR A 1 107 ? -11.867 2.430   8.627   1.00 19.26 ? 117 TYR A CB  1 
ATOM   828  C CG  . TYR A 1 107 ? -13.173 2.911   8.090   1.00 24.51 ? 117 TYR A CG  1 
ATOM   829  C CD1 . TYR A 1 107 ? -13.247 4.136   7.485   1.00 25.21 ? 117 TYR A CD1 1 
ATOM   830  C CD2 . TYR A 1 107 ? -14.336 2.133   8.181   1.00 34.06 ? 117 TYR A CD2 1 
ATOM   831  C CE1 . TYR A 1 107 ? -14.424 4.608   6.930   1.00 33.78 ? 117 TYR A CE1 1 
ATOM   832  C CE2 . TYR A 1 107 ? -15.552 2.606   7.657   1.00 40.41 ? 117 TYR A CE2 1 
ATOM   833  C CZ  . TYR A 1 107 ? -15.583 3.836   7.024   1.00 39.77 ? 117 TYR A CZ  1 
ATOM   834  O OH  . TYR A 1 107 ? -16.712 4.374   6.423   1.00 43.16 ? 117 TYR A OH  1 
ATOM   835  N N   . ARG A 1 108 ? -10.013 1.567   11.420  1.00 23.61 ? 118 ARG A N   1 
ATOM   836  C CA  . ARG A 1 108 ? -8.684  0.999   11.731  1.00 28.81 ? 118 ARG A CA  1 
ATOM   837  C C   . ARG A 1 108 ? -8.551  -0.488  11.868  1.00 48.31 ? 118 ARG A C   1 
ATOM   838  O O   . ARG A 1 108 ? -7.588  -1.088  11.264  1.00 44.78 ? 118 ARG A O   1 
ATOM   839  C CB  . ARG A 1 108 ? -8.105  1.683   12.946  1.00 34.18 ? 118 ARG A CB  1 
ATOM   840  C CG  . ARG A 1 108 ? -6.710  2.066   12.793  1.00 31.68 ? 118 ARG A CG  1 
ATOM   841  C CD  . ARG A 1 108 ? -6.274  2.863   13.950  1.00 36.52 ? 118 ARG A CD  1 
ATOM   842  N NE  . ARG A 1 108 ? -5.723  4.128   13.426  1.00 31.84 ? 118 ARG A NE  1 
ATOM   843  C CZ  . ARG A 1 108 ? -5.114  5.046   14.172  1.00 47.02 ? 118 ARG A CZ  1 
ATOM   844  N NH1 . ARG A 1 108 ? -4.987  4.895   15.534  1.00 33.46 ? 118 ARG A NH1 1 
ATOM   845  N NH2 . ARG A 1 108 ? -4.513  6.046   13.538  1.00 34.47 ? 118 ARG A NH2 1 
ATOM   846  N N   . TYR A 1 109 ? -9.467  -1.104  12.605  1.00 34.52 ? 119 TYR A N   1 
ATOM   847  C CA  . TYR A 1 109 ? -9.438  -2.593  12.725  1.00 36.55 ? 119 TYR A CA  1 
ATOM   848  C C   . TYR A 1 109 ? -10.835 -2.996  12.210  1.00 52.43 ? 119 TYR A C   1 
ATOM   849  O O   . TYR A 1 109 ? -11.577 -3.792  12.832  1.00 35.48 ? 119 TYR A O   1 
ATOM   850  C CB  . TYR A 1 109 ? -9.254  -3.025  14.232  1.00 30.71 ? 119 TYR A CB  1 
ATOM   851  C CG  . TYR A 1 109 ? -8.026  -2.433  14.801  1.00 27.10 ? 119 TYR A CG  1 
ATOM   852  C CD1 . TYR A 1 109 ? -8.047  -1.284  15.593  1.00 26.66 ? 119 TYR A CD1 1 
ATOM   853  C CD2 . TYR A 1 109 ? -6.825  -2.933  14.433  1.00 24.92 ? 119 TYR A CD2 1 
ATOM   854  C CE1 . TYR A 1 109 ? -6.895  -0.687  15.970  1.00 33.33 ? 119 TYR A CE1 1 
ATOM   855  C CE2 . TYR A 1 109 ? -5.689  -2.341  14.786  1.00 29.34 ? 119 TYR A CE2 1 
ATOM   856  C CZ  . TYR A 1 109 ? -5.714  -1.253  15.533  1.00 25.71 ? 119 TYR A CZ  1 
ATOM   857  O OH  . TYR A 1 109 ? -4.533  -0.689  15.810  1.00 41.09 ? 119 TYR A OH  1 
ATOM   858  N N   . HIS A 1 110 ? -11.222 -2.420  11.056  1.00 53.51 ? 120 HIS A N   1 
ATOM   859  C CA  . HIS A 1 110 ? -12.531 -2.709  10.503  1.00 40.00 ? 120 HIS A CA  1 
ATOM   860  C C   . HIS A 1 110 ? -12.660 -4.262  10.450  1.00 53.00 ? 120 HIS A C   1 
ATOM   861  O O   . HIS A 1 110 ? -11.655 -4.981  10.343  1.00 40.22 ? 120 HIS A O   1 
ATOM   862  C CB  . HIS A 1 110 ? -12.675 -2.111  9.121   1.00 51.40 ? 120 HIS A CB  1 
ATOM   863  C CG  . HIS A 1 110 ? -14.015 -2.352  8.505   1.00 35.49 ? 120 HIS A CG  1 
ATOM   864  N ND1 . HIS A 1 110 ? -14.258 -3.396  7.629   1.00 37.83 ? 120 HIS A ND1 1 
ATOM   865  C CD2 . HIS A 1 110 ? -15.176 -1.655  8.591   1.00 41.93 ? 120 HIS A CD2 1 
ATOM   866  C CE1 . HIS A 1 110 ? -15.512 -3.321  7.198   1.00 50.15 ? 120 HIS A CE1 1 
ATOM   867  N NE2 . HIS A 1 110 ? -16.095 -2.275  7.767   1.00 40.69 ? 120 HIS A NE2 1 
ATOM   868  N N   . LEU A 1 111 ? -13.876 -4.778  10.571  1.00 33.07 ? 121 LEU A N   1 
ATOM   869  C CA  . LEU A 1 111 ? -14.081 -6.248  10.563  1.00 44.82 ? 121 LEU A CA  1 
ATOM   870  C C   . LEU A 1 111 ? -14.074 -6.757  9.128   1.00 47.39 ? 121 LEU A C   1 
ATOM   871  O O   . LEU A 1 111 ? -15.077 -6.610  8.383   1.00 41.01 ? 121 LEU A O   1 
ATOM   872  C CB  . LEU A 1 111 ? -15.392 -6.599  11.213  1.00 45.47 ? 121 LEU A CB  1 
ATOM   873  C CG  . LEU A 1 111 ? -15.228 -6.615  12.711  1.00 56.47 ? 121 LEU A CG  1 
ATOM   874  C CD1 . LEU A 1 111 ? -16.620 -6.674  13.345  1.00 62.08 ? 121 LEU A CD1 1 
ATOM   875  C CD2 . LEU A 1 111 ? -14.344 -7.833  13.081  1.00 44.57 ? 121 LEU A CD2 1 
ATOM   876  N N   . LYS A 1 112 ? -12.951 -7.380  8.753   1.00 41.53 ? 122 LYS A N   1 
ATOM   877  C CA  . LYS A 1 112 ? -12.792 -7.795  7.359   1.00 47.20 ? 122 LYS A CA  1 
ATOM   878  C C   . LYS A 1 112 ? -13.773 -8.842  7.014   1.00 57.66 ? 122 LYS A C   1 
ATOM   879  O O   . LYS A 1 112 ? -14.148 -8.948  5.833   1.00 45.64 ? 122 LYS A O   1 
ATOM   880  C CB  . LYS A 1 112 ? -11.369 -8.289  7.018   1.00 55.80 ? 122 LYS A CB  1 
ATOM   881  C CG  . LYS A 1 112 ? -10.526 -7.231  6.305   1.00 63.74 ? 122 LYS A CG  1 
ATOM   882  C CD  . LYS A 1 112 ? -9.316  -7.823  5.610   1.00 63.19 ? 122 LYS A CD  1 
ATOM   883  C CE  . LYS A 1 112 ? -9.653  -8.693  4.385   1.00 65.19 ? 122 LYS A CE  1 
ATOM   884  N NZ  . LYS A 1 112 ? -10.143 -7.939  3.186   1.00 52.17 ? 122 LYS A NZ  1 
ATOM   885  N N   . PRO A 1 113 ? -14.206 -9.641  8.022   1.00 66.78 ? 123 PRO A N   1 
ATOM   886  C CA  . PRO A 1 113 ? -15.191 -10.686 7.706   1.00 66.40 ? 123 PRO A CA  1 
ATOM   887  C C   . PRO A 1 113 ? -16.461 -10.092 7.078   1.00 50.35 ? 123 PRO A C   1 
ATOM   888  O O   . PRO A 1 113 ? -17.087 -10.718 6.261   1.00 50.59 ? 123 PRO A O   1 
ATOM   889  C CB  . PRO A 1 113 ? -15.417 -11.358 9.060   1.00 65.15 ? 123 PRO A CB  1 
ATOM   890  C CG  . PRO A 1 113 ? -14.009 -11.270 9.685   1.00 71.73 ? 123 PRO A CG  1 
ATOM   891  C CD  . PRO A 1 113 ? -13.631 -9.840  9.378   1.00 57.97 ? 123 PRO A CD  1 
ATOM   892  N N   . PHE A 1 114 ? -16.795 -8.857  7.409   1.00 45.38 ? 125 PHE A N   1 
ATOM   893  C CA  . PHE A 1 114 ? -18.006 -8.240  6.847   1.00 53.95 ? 125 PHE A CA  1 
ATOM   894  C C   . PHE A 1 114 ? -17.867 -7.477  5.511   1.00 50.40 ? 125 PHE A C   1 
ATOM   895  O O   . PHE A 1 114 ? -18.862 -6.979  4.981   1.00 45.07 ? 125 PHE A O   1 
ATOM   896  C CB  . PHE A 1 114 ? -18.613 -7.319  7.901   1.00 59.26 ? 125 PHE A CB  1 
ATOM   897  C CG  . PHE A 1 114 ? -18.775 -7.992  9.224   1.00 80.47 ? 125 PHE A CG  1 
ATOM   898  C CD1 . PHE A 1 114 ? -18.501 -7.314  10.411  1.00 90.73 ? 125 PHE A CD1 1 
ATOM   899  C CD2 . PHE A 1 114 ? -19.081 -9.350  9.278   1.00 84.06 ? 125 PHE A CD2 1 
ATOM   900  C CE1 . PHE A 1 114 ? -18.511 -7.990  11.629  1.00 86.66 ? 125 PHE A CE1 1 
ATOM   901  C CE2 . PHE A 1 114 ? -19.093 -10.035 10.487  1.00 85.78 ? 125 PHE A CE2 1 
ATOM   902  C CZ  . PHE A 1 114 ? -18.803 -9.354  11.666  1.00 88.93 ? 125 PHE A CZ  1 
ATOM   903  N N   . CYS A 1 115 ? -16.652 -7.381  4.960   1.00 42.84 ? 126 CYS A N   1 
ATOM   904  C CA  . CYS A 1 115 ? -16.407 -6.643  3.684   1.00 33.52 ? 126 CYS A CA  1 
ATOM   905  C C   . CYS A 1 115 ? -17.147 -7.282  2.492   1.00 37.13 ? 126 CYS A C   1 
ATOM   906  O O   . CYS A 1 115 ? -17.218 -8.484  2.423   1.00 37.10 ? 126 CYS A O   1 
ATOM   907  C CB  . CYS A 1 115 ? -14.882 -6.683  3.395   1.00 28.96 ? 126 CYS A CB  1 
ATOM   908  S SG  . CYS A 1 115 ? -14.026 -5.636  4.595   1.00 27.45 ? 126 CYS A SG  1 
ATOM   909  N N   . LYS A 1 116 ? -17.657 -6.479  1.563   1.00 34.72 ? 127 LYS A N   1 
ATOM   910  C CA  . LYS A 1 116 ? -18.327 -7.039  0.353   1.00 33.09 ? 127 LYS A CA  1 
ATOM   911  C C   . LYS A 1 116 ? -17.212 -7.607  -0.528  1.00 40.21 ? 127 LYS A C   1 
ATOM   912  O O   . LYS A 1 116 ? -16.123 -7.046  -0.590  1.00 33.55 ? 127 LYS A O   1 
ATOM   913  C CB  . LYS A 1 116 ? -19.030 -5.932  -0.410  1.00 41.48 ? 127 LYS A CB  1 
ATOM   914  C CG  . LYS A 1 116 ? -20.361 -5.453  0.150   1.00 60.97 ? 127 LYS A CG  1 
ATOM   915  C CD  . LYS A 1 116 ? -21.259 -5.063  -1.056  1.00 79.41 ? 127 LYS A CD  1 
ATOM   916  C CE  . LYS A 1 116 ? -21.177 -6.111  -2.218  1.00 88.87 ? 127 LYS A CE  1 
ATOM   917  N NZ  . LYS A 1 116 ? -21.835 -5.698  -3.487  1.00 82.31 ? 127 LYS A NZ  1 
ATOM   918  N N   . LYS A 1 117 ? -17.483 -8.693  -1.221  1.00 27.95 ? 129 LYS A N   1 
ATOM   919  C CA  . LYS A 1 117 ? -16.496 -9.313  -2.045  1.00 35.22 ? 129 LYS A CA  1 
ATOM   920  C C   . LYS A 1 117 ? -16.010 -8.312  -3.136  1.00 32.72 ? 129 LYS A C   1 
ATOM   921  O O   . LYS A 1 117 ? -16.767 -7.548  -3.680  1.00 27.19 ? 129 LYS A O   1 
ATOM   922  C CB  . LYS A 1 117 ? -17.073 -10.593 -2.659  1.00 44.65 ? 129 LYS A CB  1 
ATOM   923  C CG  . LYS A 1 117 ? -16.032 -11.456 -3.395  1.00 42.10 ? 129 LYS A CG  1 
ATOM   924  C CD  . LYS A 1 117 ? -16.465 -11.718 -4.804  1.00 64.56 ? 129 LYS A CD  1 
ATOM   925  C CE  . LYS A 1 117 ? -17.854 -12.318 -4.853  1.00 80.72 ? 129 LYS A CE  1 
ATOM   926  N NZ  . LYS A 1 117 ? -18.564 -11.956 -6.123  1.00 86.77 ? 129 LYS A NZ  1 
ATOM   927  N N   . ALA A 1 118 ? -14.699 -8.276  -3.371  1.00 26.19 ? 130 ALA A N   1 
ATOM   928  C CA  . ALA A 1 118 ? -14.183 -7.337  -4.383  1.00 27.02 ? 130 ALA A CA  1 
ATOM   929  C C   . ALA A 1 118 ? -14.465 -7.780  -5.818  1.00 20.71 ? 130 ALA A C   1 
ATOM   930  O O   . ALA A 1 118 ? -14.481 -8.981  -6.180  1.00 24.51 ? 130 ALA A O   1 
ATOM   931  C CB  . ALA A 1 118 ? -12.689 -7.210  -4.233  1.00 23.98 ? 130 ALA A CB  1 
ATOM   932  N N   . ASP A 1 119 ? -14.739 -6.787  -6.614  1.00 25.80 ? 131 ASP A N   1 
ATOM   933  C CA  . ASP A 1 119 ? -14.925 -7.001  -8.057  1.00 27.86 ? 131 ASP A CA  1 
ATOM   934  C C   . ASP A 1 119 ? -13.533 -7.356  -8.600  1.00 30.77 ? 131 ASP A C   1 
ATOM   935  O O   . ASP A 1 119 ? -12.500 -7.135  -7.921  1.00 23.06 ? 131 ASP A O   1 
ATOM   936  C CB  . ASP A 1 119 ? -15.269 -5.671  -8.721  1.00 28.02 ? 131 ASP A CB  1 
ATOM   937  C CG  . ASP A 1 119 ? -16.650 -5.179  -8.314  1.00 39.47 ? 131 ASP A CG  1 
ATOM   938  O OD1 . ASP A 1 119 ? -17.555 -6.027  -8.233  1.00 30.92 ? 131 ASP A OD1 1 
ATOM   939  O OD2 . ASP A 1 119 ? -16.798 -3.987  -8.116  1.00 32.06 ? 131 ASP A OD2 1 
ATOM   940  N N   . PRO A 1 120 ? -13.500 -7.871  -9.828  1.00 25.93 ? 132 PRO A N   1 
ATOM   941  C CA  . PRO A 1 120 ? -12.213 -8.203  -10.457 1.00 22.69 ? 132 PRO A CA  1 
ATOM   942  C C   . PRO A 1 120 ? -11.451 -6.854  -10.710 1.00 20.10 ? 132 PRO A C   1 
ATOM   943  O O   . PRO A 1 120 ? -12.038 -5.771  -10.901 1.00 20.44 ? 132 PRO A O   1 
ATOM   944  C CB  . PRO A 1 120 ? -12.587 -8.838  -11.832 1.00 24.54 ? 132 PRO A CB  1 
ATOM   945  C CG  . PRO A 1 120 ? -14.049 -8.911  -11.948 1.00 26.85 ? 132 PRO A CG  1 
ATOM   946  C CD  . PRO A 1 120 ? -14.678 -8.247  -10.680 1.00 28.95 ? 132 PRO A CD  1 
ATOM   947  N N   . CYS A 1 121 ? -10.121 -6.921  -10.684 1.00 25.70 ? 133 CYS A N   1 
ATOM   948  C CA  . CYS A 1 121 ? -9.322  -5.694  -10.912 1.00 22.81 ? 133 CYS A CA  1 
ATOM   949  C C   . CYS A 1 121 ? -9.498  -5.173  -12.308 1.00 32.72 ? 133 CYS A C   1 
ATOM   950  O O   . CYS A 1 121 ? -9.708  -6.035  -13.188 1.00 24.54 ? 133 CYS A O   1 
ATOM   951  C CB  . CYS A 1 121 ? -7.848  -6.016  -10.687 1.00 26.73 ? 133 CYS A CB  1 
ATOM   952  S SG  . CYS A 1 121 ? -7.385  -6.402  -8.979  1.00 24.27 ? 133 CYS A SG  1 
ATOM   953  O OXT . CYS A 1 121 ? -9.358  -3.944  -12.549 1.00 27.20 ? 133 CYS A OXT 1 
HETATM 954  O O   . HOH B 2 .   ? 16.888  5.526   -6.101  1.00 22.55 ? 14  HOH A O   1 
HETATM 955  O O   . HOH B 2 .   ? 1.401   7.545   13.810  1.00 39.96 ? 54  HOH A O   1 
HETATM 956  O O   . HOH B 2 .   ? -0.374  -4.122  11.832  1.00 37.56 ? 55  HOH A O   1 
HETATM 957  O O   . HOH B 2 .   ? 15.964  0.506   -0.530  1.00 38.96 ? 56  HOH A O   1 
HETATM 958  O O   . HOH B 2 .   ? -13.110 -10.022 -1.989  1.00 35.09 ? 62  HOH A O   1 
HETATM 959  O O   . HOH B 2 .   ? 4.215   -5.717  0.410   1.00 38.29 ? 63  HOH A O   1 
HETATM 960  O O   . HOH B 2 .   ? -5.563  12.251  8.902   1.00 41.01 ? 64  HOH A O   1 
HETATM 961  O O   . HOH B 2 .   ? 14.528  -2.980  -14.130 1.00 35.97 ? 65  HOH A O   1 
HETATM 962  O O   . HOH B 2 .   ? -14.813 8.430   13.620  1.00 66.70 ? 66  HOH A O   1 
HETATM 963  O O   . HOH B 2 .   ? -0.539  11.707  -7.458  1.00 49.89 ? 89  HOH A O   1 
HETATM 964  O O   . HOH B 2 .   ? 7.415   11.132  -8.118  1.00 36.72 ? 124 HOH A O   1 
HETATM 965  O O   . HOH B 2 .   ? 15.098  1.174   2.135   1.00 38.82 ? 128 HOH A O   1 
HETATM 966  O O   . HOH B 2 .   ? -6.688  -4.991  -15.834 1.00 39.16 ? 134 HOH A O   1 
HETATM 967  O O   . HOH B 2 .   ? 14.807  -9.809  -13.487 1.00 48.53 ? 135 HOH A O   1 
HETATM 968  O O   . HOH B 2 .   ? 22.263  9.303   -7.400  1.00 41.77 ? 136 HOH A O   1 
HETATM 969  O O   . HOH B 2 .   ? -17.747 -8.062  -6.369  1.00 55.35 ? 137 HOH A O   1 
HETATM 970  O O   . HOH B 2 .   ? 16.673  -4.007  -15.406 1.00 40.71 ? 138 HOH A O   1 
HETATM 971  O O   . HOH B 2 .   ? -10.234 1.048   -8.118  1.00 38.74 ? 139 HOH A O   1 
HETATM 972  O O   . HOH B 2 .   ? 8.117   -0.212  -13.624 1.00 35.46 ? 140 HOH A O   1 
HETATM 973  O O   . HOH B 2 .   ? 12.360  -2.263  -15.245 1.00 44.62 ? 141 HOH A O   1 
HETATM 974  O O   . HOH B 2 .   ? -2.537  16.576  -1.399  1.00 48.71 ? 142 HOH A O   1 
HETATM 975  O O   . HOH B 2 .   ? 5.372   8.264   -10.613 1.00 46.43 ? 143 HOH A O   1 
HETATM 976  O O   . HOH B 2 .   ? -5.729  -4.170  -12.938 1.00 51.29 ? 144 HOH A O   1 
HETATM 977  O O   . HOH B 2 .   ? -2.312  -7.280  -13.964 1.00 39.42 ? 145 HOH A O   1 
HETATM 978  O O   . HOH B 2 .   ? -3.682  -9.312  -1.500  1.00 44.77 ? 146 HOH A O   1 
HETATM 979  O O   . HOH B 2 .   ? 12.561  4.785   -13.335 1.00 43.68 ? 147 HOH A O   1 
HETATM 980  O O   . HOH B 2 .   ? -6.255  -0.249  -10.347 1.00 42.40 ? 148 HOH A O   1 
HETATM 981  O O   . HOH B 2 .   ? -14.863 7.798   -0.862  1.00 49.77 ? 149 HOH A O   1 
HETATM 982  O O   . HOH B 2 .   ? 20.581  8.229   -2.096  1.00 57.86 ? 150 HOH A O   1 
HETATM 983  O O   . HOH B 2 .   ? -6.972  13.584  -3.186  1.00 67.88 ? 151 HOH A O   1 
HETATM 984  O O   . HOH B 2 .   ? -9.212  14.232  0.707   1.00 40.64 ? 152 HOH A O   1 
HETATM 985  O O   . HOH B 2 .   ? 18.533  6.309   -7.905  1.00 39.32 ? 153 HOH A O   1 
HETATM 986  O O   . HOH B 2 .   ? 7.462   4.394   -13.928 1.00 67.61 ? 154 HOH A O   1 
HETATM 987  O O   . HOH B 2 .   ? -6.672  -12.689 4.655   1.00 58.00 ? 155 HOH A O   1 
HETATM 988  O O   . HOH B 2 .   ? -20.503 -1.911  6.703   1.00 67.81 ? 156 HOH A O   1 
HETATM 989  O O   . HOH B 2 .   ? 8.970   -3.800  -16.231 1.00 46.70 ? 157 HOH A O   1 
HETATM 990  O O   . HOH B 2 .   ? -1.933  14.870  -3.933  1.00 75.96 ? 158 HOH A O   1 
HETATM 991  O O   . HOH B 2 .   ? -12.407 11.058  11.400  1.00 47.32 ? 159 HOH A O   1 
HETATM 992  O O   . HOH B 2 .   ? 18.928  4.684   -10.769 1.00 49.01 ? 160 HOH A O   1 
HETATM 993  O O   . HOH B 2 .   ? 6.978   -2.276  7.723   1.00 49.74 ? 161 HOH A O   1 
HETATM 994  O O   . HOH B 2 .   ? 13.186  -11.297 -5.798  1.00 54.39 ? 162 HOH A O   1 
HETATM 995  O O   . HOH B 2 .   ? 7.003   -1.264  -15.920 1.00 63.13 ? 163 HOH A O   1 
HETATM 996  O O   . HOH B 2 .   ? 10.873  -9.780  -15.351 1.00 54.05 ? 164 HOH A O   1 
HETATM 997  O O   . HOH B 2 .   ? 2.415   -10.454 -15.069 1.00 47.15 ? 165 HOH A O   1 
HETATM 998  O O   . HOH B 2 .   ? 17.669  -9.594  -0.033  1.00 55.83 ? 166 HOH A O   1 
HETATM 999  O O   . HOH B 2 .   ? 16.409  -2.316  0.594   1.00 52.17 ? 167 HOH A O   1 
HETATM 1000 O O   . HOH B 2 .   ? 13.318  7.768   -14.788 1.00 55.80 ? 168 HOH A O   1 
HETATM 1001 O O   . HOH B 2 .   ? -10.524 9.638   12.662  1.00 38.63 ? 169 HOH A O   1 
HETATM 1002 O O   . HOH B 2 .   ? 8.641   -15.290 -5.657  1.00 61.90 ? 170 HOH A O   1 
HETATM 1003 O O   . HOH B 2 .   ? 19.230  2.193   -10.459 1.00 56.37 ? 171 HOH A O   1 
HETATM 1004 O O   . HOH B 2 .   ? 8.506   -8.471  -15.108 1.00 46.16 ? 172 HOH A O   1 
HETATM 1005 O O   . HOH B 2 .   ? 11.648  -11.411 -11.141 1.00 49.15 ? 173 HOH A O   1 
HETATM 1006 O O   . HOH B 2 .   ? -3.414  13.431  9.765   1.00 38.12 ? 174 HOH A O   1 
HETATM 1007 O O   . HOH B 2 .   ? 9.774   8.420   -11.585 1.00 55.00 ? 175 HOH A O   1 
HETATM 1008 O O   . HOH B 2 .   ? 20.967  1.556   -13.235 1.00 72.33 ? 176 HOH A O   1 
HETATM 1009 O O   . HOH B 2 .   ? 4.048   -12.344 -7.222  1.00 48.29 ? 177 HOH A O   1 
HETATM 1010 O O   . HOH B 2 .   ? -8.459  11.492  -3.273  1.00 56.42 ? 178 HOH A O   1 
HETATM 1011 O O   . HOH B 2 .   ? -10.003 -10.705 1.075   1.00 57.73 ? 179 HOH A O   1 
HETATM 1012 O O   . HOH B 2 .   ? -16.917 -10.038 -7.233  1.00 62.83 ? 180 HOH A O   1 
HETATM 1013 O O   . HOH B 2 .   ? -4.798  16.548  3.365   1.00 46.62 ? 181 HOH A O   1 
HETATM 1014 O O   . HOH B 2 .   ? -1.095  -10.294 -5.572  1.00 53.39 ? 182 HOH A O   1 
HETATM 1015 O O   . HOH B 2 .   ? 1.134   -11.882 -12.653 1.00 62.46 ? 183 HOH A O   1 
HETATM 1016 O O   . HOH B 2 .   ? 1.528   -5.188  1.532   1.00 44.50 ? 184 HOH A O   1 
HETATM 1017 O O   . HOH B 2 .   ? 17.968  6.566   6.901   1.00 60.44 ? 185 HOH A O   1 
HETATM 1018 O O   . HOH B 2 .   ? 20.479  12.203  -2.370  1.00 37.84 ? 186 HOH A O   1 
HETATM 1019 O O   . HOH B 2 .   ? -0.932  -2.921  5.797   1.00 51.52 ? 187 HOH A O   1 
HETATM 1020 O O   . HOH B 2 .   ? -17.955 -3.762  5.460   1.00 61.38 ? 188 HOH A O   1 
HETATM 1021 O O   . HOH B 2 .   ? -1.596  3.905   -8.952  1.00 24.22 ? 189 HOH A O   1 
HETATM 1022 O O   . HOH B 2 .   ? -5.032  5.628   -6.847  1.00 23.56 ? 190 HOH A O   1 
HETATM 1023 O O   . HOH B 2 .   ? 0.213   5.760   -10.025 1.00 30.82 ? 191 HOH A O   1 
HETATM 1024 O O   . HOH B 2 .   ? 10.402  9.775   9.712   1.00 42.11 ? 192 HOH A O   1 
HETATM 1025 O O   . HOH B 2 .   ? -9.210  4.594   -7.071  1.00 38.72 ? 193 HOH A O   1 
HETATM 1026 O O   . HOH B 2 .   ? -0.961  -8.124  -0.804  1.00 36.98 ? 194 HOH A O   1 
HETATM 1027 O O   . HOH B 2 .   ? -1.892  -8.722  2.066   1.00 44.96 ? 195 HOH A O   1 
HETATM 1028 O O   . HOH B 2 .   ? 0.776   10.207  -8.422  1.00 39.76 ? 196 HOH A O   1 
HETATM 1029 O O   . HOH B 2 .   ? 4.373   9.846   -8.908  1.00 45.36 ? 197 HOH A O   1 
HETATM 1030 O O   . HOH B 2 .   ? -0.993  -12.070 -7.535  1.00 47.01 ? 198 HOH A O   1 
HETATM 1031 O O   . HOH B 2 .   ? -0.072  -10.891 -14.945 1.00 56.96 ? 199 HOH A O   1 
HETATM 1032 O O   . HOH B 2 .   ? 3.511   13.035  -5.700  1.00 58.18 ? 200 HOH A O   1 
HETATM 1033 O O   . HOH B 2 .   ? 15.897  7.122   4.465   1.00 51.65 ? 201 HOH A O   1 
HETATM 1034 O O   . HOH B 2 .   ? 5.201   2.566   -13.275 1.00 43.21 ? 202 HOH A O   1 
HETATM 1035 O O   . HOH B 2 .   ? 19.323  3.125   -2.592  1.00 50.90 ? 203 HOH A O   1 
HETATM 1036 O O   . HOH B 2 .   ? 7.530   10.456  -11.638 1.00 44.68 ? 204 HOH A O   1 
HETATM 1037 O O   . HOH B 2 .   ? 17.593  -4.772  -6.563  1.00 43.86 ? 205 HOH A O   1 
HETATM 1038 O O   . HOH B 2 .   ? 5.899   14.183  -4.222  1.00 51.75 ? 206 HOH A O   1 
HETATM 1039 O O   . HOH B 2 .   ? -5.516  -8.497  -12.469 1.00 51.80 ? 207 HOH A O   1 
HETATM 1040 O O   . HOH B 2 .   ? -11.003 1.430   15.689  1.00 52.13 ? 208 HOH A O   1 
HETATM 1041 O O   . HOH B 2 .   ? 12.480  -9.644  -17.275 1.00 46.93 ? 209 HOH A O   1 
HETATM 1042 O O   . HOH B 2 .   ? 19.508  -2.680  -6.501  1.00 54.89 ? 210 HOH A O   1 
HETATM 1043 O O   . HOH B 2 .   ? 0.769   -10.332 -2.648  1.00 61.23 ? 211 HOH A O   1 
HETATM 1044 O O   . HOH B 2 .   ? 0.908   -5.258  6.273   1.00 47.33 ? 212 HOH A O   1 
HETATM 1045 O O   . HOH B 2 .   ? -4.712  -12.011 -2.287  1.00 57.15 ? 213 HOH A O   1 
HETATM 1046 O O   . HOH B 2 .   ? -12.303 -10.997 -5.198  1.00 51.18 ? 214 HOH A O   1 
HETATM 1047 O O   . HOH B 2 .   ? -8.033  -6.234  7.841   1.00 48.52 ? 215 HOH A O   1 
HETATM 1048 O O   . HOH B 2 .   ? -2.563  19.185  -0.746  1.00 48.43 ? 216 HOH A O   1 
HETATM 1049 O O   . HOH B 2 .   ? 18.786  5.217   0.105   1.00 54.86 ? 217 HOH A O   1 
HETATM 1050 O O   . HOH B 2 .   ? -5.611  9.990   -8.129  1.00 55.94 ? 218 HOH A O   1 
HETATM 1051 O O   . HOH B 2 .   ? 4.382   -10.313 -18.551 1.00 54.45 ? 219 HOH A O   1 
HETATM 1052 O O   . HOH B 2 .   ? -7.546  -7.761  10.294  1.00 48.15 ? 220 HOH A O   1 
HETATM 1053 O O   . HOH B 2 .   ? -1.196  -12.393 -10.323 1.00 56.33 ? 221 HOH A O   1 
HETATM 1054 O O   . HOH B 2 .   ? 10.244  15.552  -7.423  1.00 58.44 ? 222 HOH A O   1 
HETATM 1055 O O   . HOH B 2 .   ? -18.419 0.698   1.305   1.00 47.42 ? 223 HOH A O   1 
HETATM 1056 O O   . HOH B 2 .   ? -3.981  9.279   13.436  1.00 68.62 ? 224 HOH A O   1 
HETATM 1057 O O   . HOH B 2 .   ? -4.550  10.402  10.563  1.00 55.83 ? 225 HOH A O   1 
HETATM 1058 O O   . HOH B 2 .   ? 8.969   -7.980  -17.472 1.00 49.79 ? 226 HOH A O   1 
HETATM 1059 O O   . HOH B 2 .   ? 23.467  3.276   -12.011 1.00 52.11 ? 227 HOH A O   1 
HETATM 1060 O O   . HOH B 2 .   ? 3.580   16.018  -6.501  1.00 75.63 ? 228 HOH A O   1 
HETATM 1061 O O   . HOH B 2 .   ? 3.209   7.150   16.205  1.00 67.71 ? 229 HOH A O   1 
HETATM 1062 O O   . HOH B 2 .   ? 20.965  -5.370  -13.487 1.00 56.65 ? 230 HOH A O   1 
HETATM 1063 O O   . HOH B 2 .   ? -5.698  12.020  -4.910  1.00 61.42 ? 231 HOH A O   1 
HETATM 1064 O O   . HOH B 2 .   ? -3.797  3.593   -10.579 1.00 39.20 ? 232 HOH A O   1 
HETATM 1065 O O   . HOH B 2 .   ? -5.935  4.984   -9.383  1.00 43.55 ? 233 HOH A O   1 
HETATM 1066 O O   . HOH B 2 .   ? 7.842   -5.947  -16.275 1.00 43.94 ? 234 HOH A O   1 
HETATM 1067 O O   . HOH B 2 .   ? 2.238   -2.442  7.220   1.00 61.77 ? 235 HOH A O   1 
HETATM 1068 O O   . HOH B 2 .   ? 10.765  8.435   12.230  1.00 40.66 ? 236 HOH A O   1 
HETATM 1069 O O   . HOH B 2 .   ? 2.775   2.111   -14.654 1.00 55.44 ? 237 HOH A O   1 
HETATM 1070 O O   . HOH B 2 .   ? -14.579 1.898   -5.372  1.00 52.82 ? 238 HOH A O   1 
HETATM 1071 O O   . HOH B 2 .   ? -2.289  -11.910 -12.849 1.00 58.15 ? 239 HOH A O   1 
HETATM 1072 O O   . HOH B 2 .   ? 8.850   6.133   -12.519 1.00 58.80 ? 240 HOH A O   1 
HETATM 1073 O O   . HOH B 2 .   ? 12.842  -2.826  -17.906 1.00 60.83 ? 241 HOH A O   1 
HETATM 1074 O O   . HOH B 2 .   ? -12.346 -8.253  1.930   1.00 53.33 ? 242 HOH A O   1 
HETATM 1075 O O   . HOH B 2 .   ? 21.560  1.672   -3.397  1.00 59.65 ? 243 HOH A O   1 
HETATM 1076 O O   . HOH B 2 .   ? 10.498  21.614  -0.376  1.00 61.27 ? 244 HOH A O   1 
HETATM 1077 O O   . HOH B 2 .   ? -2.604  9.740   -8.892  1.00 69.65 ? 245 HOH A O   1 
HETATM 1078 O O   . HOH B 2 .   ? -10.611 6.907   -6.602  1.00 60.23 ? 246 HOH A O   1 
HETATM 1079 O O   . HOH B 2 .   ? 12.411  -14.000 -11.800 1.00 62.64 ? 247 HOH A O   1 
HETATM 1080 O O   . HOH B 2 .   ? 10.194  13.210  -9.202  1.00 54.60 ? 248 HOH A O   1 
HETATM 1081 O O   . HOH B 2 .   ? -0.364  10.226  -11.356 1.00 60.29 ? 249 HOH A O   1 
HETATM 1082 O O   . HOH B 2 .   ? 1.026   1.311   -12.871 1.00 56.80 ? 250 HOH A O   1 
HETATM 1083 O O   . HOH B 2 .   ? 10.884  -14.977 -1.877  1.00 60.95 ? 251 HOH A O   1 
HETATM 1084 O O   . HOH B 2 .   ? 2.414   11.060  12.950  1.00 55.13 ? 252 HOH A O   1 
HETATM 1085 O O   . HOH B 2 .   ? -2.894  7.888   15.866  1.00 65.72 ? 253 HOH A O   1 
HETATM 1086 O O   . HOH B 2 .   ? -6.889  -9.427  -4.934  1.00 56.73 ? 254 HOH A O   1 
HETATM 1087 O O   . HOH B 2 .   ? -15.013 -0.575  11.225  1.00 53.29 ? 255 HOH A O   1 
HETATM 1088 O O   . HOH B 2 .   ? 11.686  -4.955  -18.670 1.00 53.31 ? 256 HOH A O   1 
HETATM 1089 O O   . HOH B 2 .   ? 12.378  -9.648  3.829   1.00 56.61 ? 257 HOH A O   1 
HETATM 1090 O O   . HOH B 2 .   ? -19.122 2.298   7.031   1.00 54.77 ? 258 HOH A O   1 
HETATM 1091 O O   . HOH B 2 .   ? 8.368   -17.304 1.066   1.00 55.19 ? 259 HOH A O   1 
HETATM 1092 O O   . HOH B 2 .   ? 13.011  -13.609 2.726   1.00 64.02 ? 260 HOH A O   1 
HETATM 1093 O O   . HOH B 2 .   ? 3.882   -0.721  -10.926 1.00 19.17 ? 261 HOH A O   1 
HETATM 1094 O O   . HOH B 2 .   ? -2.186  2.761   -4.675  1.00 16.14 ? 262 HOH A O   1 
HETATM 1095 O O   . HOH B 2 .   ? 2.834   14.584  4.293   1.00 17.78 ? 263 HOH A O   1 
HETATM 1096 O O   . HOH B 2 .   ? -13.312 8.176   5.531   1.00 20.17 ? 264 HOH A O   1 
HETATM 1097 O O   . HOH B 2 .   ? 17.270  13.359  0.282   1.00 18.75 ? 265 HOH A O   1 
HETATM 1098 O O   . HOH B 2 .   ? -0.351  1.096   -5.880  1.00 16.24 ? 266 HOH A O   1 
HETATM 1099 O O   . HOH B 2 .   ? 4.645   4.724   -8.701  1.00 17.57 ? 267 HOH A O   1 
HETATM 1100 O O   . HOH B 2 .   ? 17.599  15.164  -1.838  1.00 20.90 ? 268 HOH A O   1 
HETATM 1101 O O   . HOH B 2 .   ? -4.784  8.069   4.595   1.00 17.91 ? 269 HOH A O   1 
HETATM 1102 O O   . HOH B 2 .   ? -8.297  6.682   -3.385  1.00 20.09 ? 270 HOH A O   1 
HETATM 1103 O O   . HOH B 2 .   ? -9.953  8.007   3.481   1.00 19.14 ? 271 HOH A O   1 
HETATM 1104 O O   . HOH B 2 .   ? -13.266 8.870   1.131   1.00 24.92 ? 272 HOH A O   1 
HETATM 1105 O O   . HOH B 2 .   ? 7.247   10.385  -3.502  1.00 17.33 ? 273 HOH A O   1 
HETATM 1106 O O   . HOH B 2 .   ? -12.082 -3.469  -9.670  1.00 23.25 ? 274 HOH A O   1 
HETATM 1107 O O   . HOH B 2 .   ? 7.320   -4.571  -1.241  1.00 20.16 ? 275 HOH A O   1 
HETATM 1108 O O   . HOH B 2 .   ? -2.619  -2.826  -0.076  1.00 20.58 ? 276 HOH A O   1 
HETATM 1109 O O   . HOH B 2 .   ? -9.679  11.821  0.660   1.00 23.67 ? 277 HOH A O   1 
HETATM 1110 O O   . HOH B 2 .   ? -8.844  -9.398  -10.301 1.00 33.68 ? 278 HOH A O   1 
HETATM 1111 O O   . HOH B 2 .   ? -19.578 -3.439  -8.654  1.00 29.55 ? 279 HOH A O   1 
HETATM 1112 O O   . HOH B 2 .   ? 7.563   7.076   -10.182 1.00 23.07 ? 280 HOH A O   1 
HETATM 1113 O O   . HOH B 2 .   ? -0.814  7.074   -6.151  1.00 18.84 ? 281 HOH A O   1 
HETATM 1114 O O   . HOH B 2 .   ? 6.908   -8.641  -13.104 1.00 28.67 ? 282 HOH A O   1 
HETATM 1115 O O   . HOH B 2 .   ? -10.791 7.511   -4.023  1.00 31.12 ? 283 HOH A O   1 
HETATM 1116 O O   . HOH B 2 .   ? 15.465  3.746   1.065   1.00 33.55 ? 284 HOH A O   1 
HETATM 1117 O O   . HOH B 2 .   ? -8.044  -4.575  5.998   1.00 25.44 ? 285 HOH A O   1 
HETATM 1118 O O   . HOH B 2 .   ? -4.860  -6.671  8.554   1.00 31.13 ? 286 HOH A O   1 
HETATM 1119 O O   . HOH B 2 .   ? -3.936  -1.209  -9.783  1.00 30.69 ? 287 HOH A O   1 
HETATM 1120 O O   . HOH B 2 .   ? -7.053  -6.125  3.850   1.00 21.11 ? 288 HOH A O   1 
HETATM 1121 O O   . HOH B 2 .   ? -8.009  -0.961  -8.904  1.00 24.00 ? 289 HOH A O   1 
HETATM 1122 O O   . HOH B 2 .   ? -14.720 -4.166  -5.519  1.00 30.14 ? 290 HOH A O   1 
HETATM 1123 O O   . HOH B 2 .   ? 17.319  7.826   0.774   1.00 25.89 ? 291 HOH A O   1 
HETATM 1124 O O   . HOH B 2 .   ? -9.289  -5.322  -15.873 1.00 22.33 ? 292 HOH A O   1 
HETATM 1125 O O   . HOH B 2 .   ? -6.692  14.548  1.931   1.00 28.81 ? 293 HOH A O   1 
HETATM 1126 O O   . HOH B 2 .   ? -2.478  9.152   -5.952  1.00 30.15 ? 294 HOH A O   1 
HETATM 1127 O O   . HOH B 2 .   ? 10.519  -0.152  7.373   1.00 32.74 ? 295 HOH A O   1 
HETATM 1128 O O   . HOH B 2 .   ? 10.417  6.133   -8.828  1.00 21.08 ? 296 HOH A O   1 
HETATM 1129 O O   . HOH B 2 .   ? 12.392  -9.427  -12.954 1.00 28.55 ? 297 HOH A O   1 
HETATM 1130 O O   . HOH B 2 .   ? 4.518   -7.448  -15.263 1.00 27.13 ? 298 HOH A O   1 
HETATM 1131 O O   . HOH B 2 .   ? -2.807  -8.736  -4.736  1.00 30.01 ? 299 HOH A O   1 
HETATM 1132 O O   . HOH B 2 .   ? 9.335   1.887   -14.009 1.00 31.38 ? 300 HOH A O   1 
HETATM 1133 O O   . HOH B 2 .   ? -15.443 8.295   7.069   1.00 33.03 ? 301 HOH A O   1 
HETATM 1134 O O   . HOH B 2 .   ? 14.868  6.247   2.185   1.00 31.96 ? 302 HOH A O   1 
HETATM 1135 O O   . HOH B 2 .   ? -9.087  -8.639  -13.773 1.00 29.30 ? 303 HOH A O   1 
HETATM 1136 O O   . HOH B 2 .   ? 8.184   11.050  7.756   1.00 25.51 ? 304 HOH A O   1 
HETATM 1137 O O   . HOH B 2 .   ? -7.007  8.956   -4.352  1.00 30.38 ? 305 HOH A O   1 
HETATM 1138 O O   . HOH B 2 .   ? -4.544  -6.039  -11.679 1.00 37.38 ? 306 HOH A O   1 
HETATM 1139 O O   . HOH B 2 .   ? 1.390   12.691  10.023  1.00 34.05 ? 307 HOH A O   1 
HETATM 1140 O O   . HOH B 2 .   ? -4.590  -0.327  11.101  1.00 27.76 ? 308 HOH A O   1 
HETATM 1141 O O   . HOH B 2 .   ? -2.230  -3.112  2.337   1.00 32.24 ? 309 HOH A O   1 
HETATM 1142 O O   . HOH B 2 .   ? -12.578 1.144   -6.286  1.00 46.86 ? 310 HOH A O   1 
HETATM 1143 O O   . HOH B 2 .   ? 18.996  10.314  -1.250  1.00 35.65 ? 311 HOH A O   1 
HETATM 1144 O O   . HOH B 2 .   ? 3.399   -1.462  -15.205 1.00 41.73 ? 312 HOH A O   1 
HETATM 1145 O O   . HOH B 2 .   ? 9.836   -2.807  -14.350 1.00 31.40 ? 313 HOH A O   1 
HETATM 1146 O O   . HOH B 2 .   ? -0.946  -5.930  8.788   1.00 26.23 ? 314 HOH A O   1 
HETATM 1147 O O   . HOH B 2 .   ? 15.259  -9.775  -0.791  1.00 37.03 ? 315 HOH A O   1 
HETATM 1148 O O   . HOH B 2 .   ? -18.838 -11.066 2.439   1.00 63.16 ? 316 HOH A O   1 
HETATM 1149 O O   . HOH B 2 .   ? -0.432  15.981  0.352   1.00 34.22 ? 317 HOH A O   1 
HETATM 1150 O O   . HOH B 2 .   ? 20.966  11.392  -5.115  1.00 36.18 ? 318 HOH A O   1 
HETATM 1151 O O   . HOH B 2 .   ? 9.629   18.187  -2.903  1.00 46.78 ? 319 HOH A O   1 
HETATM 1152 O O   . HOH B 2 .   ? 16.275  4.668   -10.801 1.00 40.72 ? 320 HOH A O   1 
HETATM 1153 O O   . HOH B 2 .   ? -17.096 -3.512  1.876   1.00 44.41 ? 321 HOH A O   1 
HETATM 1154 O O   . HOH B 2 .   ? -5.185  15.683  -1.412  1.00 47.28 ? 322 HOH A O   1 
HETATM 1155 O O   . HOH B 2 .   ? 13.958  -12.253 -0.917  1.00 41.30 ? 323 HOH A O   1 
HETATM 1156 O O   . HOH B 2 .   ? -12.181 11.611  8.837   1.00 52.26 ? 324 HOH A O   1 
HETATM 1157 O O   . HOH B 2 .   ? -1.768  -5.408  -12.224 1.00 45.57 ? 325 HOH A O   1 
HETATM 1158 O O   . HOH B 2 .   ? 4.944   0.322   11.532  1.00 39.45 ? 326 HOH A O   1 
HETATM 1159 O O   . HOH B 2 .   ? -8.601  -10.553 -3.773  1.00 50.06 ? 327 HOH A O   1 
HETATM 1160 O O   . HOH B 2 .   ? 11.695  19.409  -1.599  1.00 40.50 ? 328 HOH A O   1 
HETATM 1161 O O   . HOH B 2 .   ? -16.604 -0.039  -4.747  1.00 47.28 ? 329 HOH A O   1 
HETATM 1162 O O   . HOH B 2 .   ? 5.212   -3.181  -16.170 1.00 32.63 ? 330 HOH A O   1 
HETATM 1163 O O   . HOH B 2 .   ? 6.069   4.452   -16.764 1.00 70.87 ? 331 HOH A O   1 
HETATM 1164 O O   . HOH B 2 .   ? -1.971  15.424  2.771   1.00 38.50 ? 332 HOH A O   1 
HETATM 1165 O O   . HOH B 2 .   ? -10.372 16.766  6.532   1.00 46.84 ? 333 HOH A O   1 
HETATM 1166 O O   . HOH B 2 .   ? -10.839 -8.387  10.807  1.00 54.37 ? 334 HOH A O   1 
HETATM 1167 O O   . HOH B 2 .   ? 8.051   16.655  -2.347  1.00 31.28 ? 335 HOH A O   1 
HETATM 1168 O O   . HOH B 2 .   ? 21.167  11.409  -8.914  1.00 25.66 ? 336 HOH A O   1 
HETATM 1169 O O   . HOH B 2 .   ? -16.567 1.487   -2.505  1.00 34.85 ? 337 HOH A O   1 
HETATM 1170 O O   . HOH B 2 .   ? 0.313   14.358  -4.477  1.00 47.50 ? 338 HOH A O   1 
HETATM 1171 O O   . HOH B 2 .   ? -1.133  -6.392  2.753   1.00 50.61 ? 339 HOH A O   1 
HETATM 1172 O O   . HOH B 2 .   ? 6.027   12.207  -5.280  1.00 28.58 ? 340 HOH A O   1 
HETATM 1173 O O   . HOH B 2 .   ? -16.764 6.952   2.394   1.00 55.40 ? 341 HOH A O   1 
HETATM 1174 O O   . HOH B 2 .   ? 18.142  -5.358  -13.683 1.00 44.13 ? 342 HOH A O   1 
HETATM 1175 O O   . HOH B 2 .   ? 3.730   -12.787 -1.144  1.00 57.29 ? 343 HOH A O   1 
HETATM 1176 O O   . HOH B 2 .   ? -9.132  -5.280  10.632  1.00 44.74 ? 344 HOH A O   1 
HETATM 1177 O O   . HOH B 2 .   ? 9.026   -2.800  9.016   1.00 55.91 ? 345 HOH A O   1 
HETATM 1178 O O   . HOH B 2 .   ? 8.728   -10.228 -14.005 1.00 57.59 ? 346 HOH A O   1 
HETATM 1179 O O   . HOH B 2 .   ? 15.439  -8.636  -3.698  1.00 33.29 ? 347 HOH A O   1 
HETATM 1180 O O   . HOH B 2 .   ? -0.284  5.866   12.994  1.00 46.93 ? 348 HOH A O   1 
HETATM 1181 O O   . HOH B 2 .   ? 1.847   -10.291 -6.409  1.00 38.31 ? 349 HOH A O   1 
HETATM 1182 O O   . HOH B 2 .   ? -5.183  -9.173  -3.175  1.00 32.21 ? 350 HOH A O   1 
HETATM 1183 O O   . HOH B 2 .   ? -18.170 3.379   3.265   1.00 47.22 ? 351 HOH A O   1 
HETATM 1184 O O   . HOH B 2 .   ? 20.835  7.203   -5.965  1.00 38.75 ? 352 HOH A O   1 
HETATM 1185 O O   . HOH B 2 .   ? -0.527  -0.774  -12.491 1.00 40.00 ? 353 HOH A O   1 
HETATM 1186 O O   . HOH B 2 .   ? -15.500 -10.038 2.451   1.00 50.65 ? 354 HOH A O   1 
HETATM 1187 O O   . HOH B 2 .   ? -2.322  -11.915 4.595   1.00 36.70 ? 355 HOH A O   1 
HETATM 1188 O O   . HOH B 2 .   ? 13.488  -0.962  6.888   1.00 59.88 ? 356 HOH A O   1 
HETATM 1189 O O   . HOH B 2 .   ? -19.880 -10.123 -0.431  1.00 49.05 ? 357 HOH A O   1 
HETATM 1190 O O   . HOH B 2 .   ? 10.809  -14.508 -5.652  1.00 47.04 ? 358 HOH A O   1 
HETATM 1191 O O   . HOH B 2 .   ? -2.889  -2.088  13.031  1.00 47.70 ? 359 HOH A O   1 
HETATM 1192 O O   . HOH B 2 .   ? 18.166  -3.736  -2.166  1.00 49.33 ? 360 HOH A O   1 
HETATM 1193 O O   . HOH B 2 .   ? 18.838  -0.796  -8.023  1.00 45.94 ? 361 HOH A O   1 
HETATM 1194 O O   . HOH B 2 .   ? 18.429  0.673   -0.688  1.00 58.04 ? 362 HOH A O   1 
HETATM 1195 O O   . HOH B 2 .   ? -2.580  4.884   -6.519  1.00 20.14 ? 363 HOH A O   1 
HETATM 1196 O O   . HOH B 2 .   ? -0.314  1.612   -8.627  1.00 19.86 ? 364 HOH A O   1 
HETATM 1197 O O   . HOH B 2 .   ? 0.958   7.643   -7.995  1.00 24.85 ? 365 HOH A O   1 
HETATM 1198 O O   . HOH B 2 .   ? -14.680 9.144   3.412   1.00 24.91 ? 366 HOH A O   1 
HETATM 1199 O O   . HOH B 2 .   ? 2.994   3.999   -10.643 1.00 28.27 ? 367 HOH A O   1 
HETATM 1200 O O   . HOH B 2 .   ? 3.630   7.180   -8.076  1.00 23.39 ? 368 HOH A O   1 
HETATM 1201 O O   . HOH B 2 .   ? 19.517  1.819   -7.088  1.00 28.45 ? 369 HOH A O   1 
HETATM 1202 O O   . HOH B 2 .   ? 3.746   -7.862  -17.847 1.00 26.47 ? 370 HOH A O   1 
HETATM 1203 O O   . HOH B 2 .   ? 2.217   1.558   -10.204 1.00 29.12 ? 371 HOH A O   1 
HETATM 1204 O O   . HOH B 2 .   ? 18.138  3.371   -4.958  1.00 27.21 ? 372 HOH A O   1 
HETATM 1205 O O   . HOH B 2 .   ? -7.275  4.812   -5.296  1.00 27.70 ? 373 HOH A O   1 
HETATM 1206 O O   . HOH B 2 .   ? 5.359   0.026   -12.914 1.00 25.80 ? 374 HOH A O   1 
HETATM 1207 O O   . HOH B 2 .   ? -0.870  -1.222  2.550   1.00 50.96 ? 375 HOH A O   1 
HETATM 1208 O O   . HOH B 2 .   ? -1.867  0.136   -10.365 1.00 31.14 ? 376 HOH A O   1 
HETATM 1209 O O   . HOH B 2 .   ? -14.653 -1.374  -6.150  1.00 36.41 ? 377 HOH A O   1 
HETATM 1210 O O   . HOH B 2 .   ? 13.020  -10.718 -9.152  1.00 39.49 ? 378 HOH A O   1 
HETATM 1211 O O   . HOH B 2 .   ? -14.176 -1.901  -9.594  1.00 36.28 ? 379 HOH A O   1 
HETATM 1212 O O   . HOH B 2 .   ? -5.086  8.343   -6.333  1.00 34.13 ? 380 HOH A O   1 
HETATM 1213 O O   . HOH B 2 .   ? -0.788  -5.504  -0.036  1.00 35.45 ? 381 HOH A O   1 
# 
